data_2V4X
# 
_entry.id   2V4X 
# 
_audit_conform.dict_name       mmcif_pdbx.dic 
_audit_conform.dict_version    5.398 
_audit_conform.dict_location   http://mmcif.pdb.org/dictionaries/ascii/mmcif_pdbx.dic 
# 
loop_
_database_2.database_id 
_database_2.database_code 
_database_2.pdbx_database_accession 
_database_2.pdbx_DOI 
PDB   2V4X         pdb_00002v4x 10.2210/pdb2v4x/pdb 
PDBE  EBI-37687    ?            ?                   
WWPDB D_1290037687 ?            ?                   
# 
loop_
_pdbx_audit_revision_history.ordinal 
_pdbx_audit_revision_history.data_content_type 
_pdbx_audit_revision_history.major_revision 
_pdbx_audit_revision_history.minor_revision 
_pdbx_audit_revision_history.revision_date 
1 'Structure model' 1 0 2008-11-25 
2 'Structure model' 1 1 2011-07-13 
3 'Structure model' 1 2 2024-11-13 
# 
_pdbx_audit_revision_details.ordinal             1 
_pdbx_audit_revision_details.revision_ordinal    1 
_pdbx_audit_revision_details.data_content_type   'Structure model' 
_pdbx_audit_revision_details.provider            repository 
_pdbx_audit_revision_details.type                'Initial release' 
_pdbx_audit_revision_details.description         ? 
_pdbx_audit_revision_details.details             ? 
# 
loop_
_pdbx_audit_revision_group.ordinal 
_pdbx_audit_revision_group.revision_ordinal 
_pdbx_audit_revision_group.data_content_type 
_pdbx_audit_revision_group.group 
1 2 'Structure model' Advisory                    
2 2 'Structure model' 'Version format compliance' 
3 3 'Structure model' 'Data collection'           
4 3 'Structure model' 'Database references'       
5 3 'Structure model' 'Derived calculations'      
6 3 'Structure model' Other                       
7 3 'Structure model' 'Structure summary'         
# 
loop_
_pdbx_audit_revision_category.ordinal 
_pdbx_audit_revision_category.revision_ordinal 
_pdbx_audit_revision_category.data_content_type 
_pdbx_audit_revision_category.category 
1 3 'Structure model' chem_comp_atom            
2 3 'Structure model' chem_comp_bond            
3 3 'Structure model' database_2                
4 3 'Structure model' pdbx_database_status      
5 3 'Structure model' pdbx_entry_details        
6 3 'Structure model' pdbx_modification_feature 
7 3 'Structure model' struct_conn               
# 
loop_
_pdbx_audit_revision_item.ordinal 
_pdbx_audit_revision_item.revision_ordinal 
_pdbx_audit_revision_item.data_content_type 
_pdbx_audit_revision_item.item 
1 3 'Structure model' '_database_2.pdbx_DOI'                 
2 3 'Structure model' '_database_2.pdbx_database_accession'  
3 3 'Structure model' '_pdbx_database_status.status_code_sf' 
4 3 'Structure model' '_struct_conn.pdbx_leaving_atom_flag'  
# 
_pdbx_database_status.status_code                     REL 
_pdbx_database_status.entry_id                        2V4X 
_pdbx_database_status.deposit_site                    PDBE 
_pdbx_database_status.process_site                    PDBE 
_pdbx_database_status.SG_entry                        . 
_pdbx_database_status.recvd_initial_deposition_date   2008-09-30 
_pdbx_database_status.pdb_format_compatible           Y 
_pdbx_database_status.status_code_sf                  REL 
_pdbx_database_status.status_code_mr                  ? 
_pdbx_database_status.status_code_cs                  ? 
_pdbx_database_status.methods_development_category    ? 
_pdbx_database_status.status_code_nmr_data            ? 
# 
loop_
_audit_author.name 
_audit_author.pdbx_ordinal 
'Mortuza, G.B.'   1 
'Goldstone, D.C.' 2 
'Pashley, C.'     3 
'Haire, L.F.'     4 
'Palmarini, M.'   5 
'Taylor, W.R.'    6 
'Stoye, J.P.'     7 
'Taylor, I.A.'    8 
# 
_citation.id                        primary 
_citation.title                     
'Structure of the Capsid Amino-Terminal Domain from the Betaretrovirus, Jaagsiekte Sheep Retrovirus.' 
_citation.journal_abbrev            J.Mol.Biol. 
_citation.journal_volume            386 
_citation.page_first                1179 
_citation.page_last                 ? 
_citation.year                      2009 
_citation.journal_id_ASTM           JMOBAK 
_citation.country                   UK 
_citation.journal_id_ISSN           0022-2836 
_citation.journal_id_CSD            0070 
_citation.book_publisher            ? 
_citation.pdbx_database_id_PubMed   19007792 
_citation.pdbx_database_id_DOI      10.1016/J.JMB.2008.10.066 
# 
loop_
_citation_author.citation_id 
_citation_author.name 
_citation_author.ordinal 
_citation_author.identifier_ORCID 
primary 'Mortuza, G.B.'   1 ? 
primary 'Goldstone, D.C.' 2 ? 
primary 'Pashley, C.'     3 ? 
primary 'Haire, L.F.'     4 ? 
primary 'Palmarini, M.'   5 ? 
primary 'Taylor, W.R.'    6 ? 
primary 'Stoye, J.P.'     7 ? 
primary 'Taylor, I.A.'    8 ? 
# 
loop_
_entity.id 
_entity.type 
_entity.src_method 
_entity.pdbx_description 
_entity.formula_weight 
_entity.pdbx_number_of_molecules 
_entity.pdbx_ec 
_entity.pdbx_mutation 
_entity.pdbx_fragment 
_entity.details 
1 polymer man 'CAPSID PROTEIN P27' 16119.737 1   ? ? 'N-TERMINAL DOMAIN, RESIDUES 257-388' ? 
2 water   nat water                18.015    201 ? ? ?                                     ? 
# 
_entity_name_com.entity_id   1 
_entity_name_com.name        'JSRV CAPSID' 
# 
_entity_poly.entity_id                      1 
_entity_poly.type                           'polypeptide(L)' 
_entity_poly.nstd_linkage                   no 
_entity_poly.nstd_monomer                   yes 
_entity_poly.pdbx_seq_one_letter_code       
;PVFENNNQRYYESLPFKQLKELKIACSQYGPTAPFTIA(MSE)IENLGTQALPPNDWKQTARACLSGGDYLLWKSEFFEQ
CARIADVNRQQGIQTSYE(MSE)LIGEGPYQATDTQLNFLPGAYAQISNAARQAWKRLPSLEHHHHHH
;
_entity_poly.pdbx_seq_one_letter_code_can   
;PVFENNNQRYYESLPFKQLKELKIACSQYGPTAPFTIAMIENLGTQALPPNDWKQTARACLSGGDYLLWKSEFFEQCARI
ADVNRQQGIQTSYEMLIGEGPYQATDTQLNFLPGAYAQISNAARQAWKRLPSLEHHHHHH
;
_entity_poly.pdbx_strand_id                 A 
_entity_poly.pdbx_target_identifier         ? 
# 
_pdbx_entity_nonpoly.entity_id   2 
_pdbx_entity_nonpoly.name        water 
_pdbx_entity_nonpoly.comp_id     HOH 
# 
loop_
_entity_poly_seq.entity_id 
_entity_poly_seq.num 
_entity_poly_seq.mon_id 
_entity_poly_seq.hetero 
1 1   PRO n 
1 2   VAL n 
1 3   PHE n 
1 4   GLU n 
1 5   ASN n 
1 6   ASN n 
1 7   ASN n 
1 8   GLN n 
1 9   ARG n 
1 10  TYR n 
1 11  TYR n 
1 12  GLU n 
1 13  SER n 
1 14  LEU n 
1 15  PRO n 
1 16  PHE n 
1 17  LYS n 
1 18  GLN n 
1 19  LEU n 
1 20  LYS n 
1 21  GLU n 
1 22  LEU n 
1 23  LYS n 
1 24  ILE n 
1 25  ALA n 
1 26  CYS n 
1 27  SER n 
1 28  GLN n 
1 29  TYR n 
1 30  GLY n 
1 31  PRO n 
1 32  THR n 
1 33  ALA n 
1 34  PRO n 
1 35  PHE n 
1 36  THR n 
1 37  ILE n 
1 38  ALA n 
1 39  MSE n 
1 40  ILE n 
1 41  GLU n 
1 42  ASN n 
1 43  LEU n 
1 44  GLY n 
1 45  THR n 
1 46  GLN n 
1 47  ALA n 
1 48  LEU n 
1 49  PRO n 
1 50  PRO n 
1 51  ASN n 
1 52  ASP n 
1 53  TRP n 
1 54  LYS n 
1 55  GLN n 
1 56  THR n 
1 57  ALA n 
1 58  ARG n 
1 59  ALA n 
1 60  CYS n 
1 61  LEU n 
1 62  SER n 
1 63  GLY n 
1 64  GLY n 
1 65  ASP n 
1 66  TYR n 
1 67  LEU n 
1 68  LEU n 
1 69  TRP n 
1 70  LYS n 
1 71  SER n 
1 72  GLU n 
1 73  PHE n 
1 74  PHE n 
1 75  GLU n 
1 76  GLN n 
1 77  CYS n 
1 78  ALA n 
1 79  ARG n 
1 80  ILE n 
1 81  ALA n 
1 82  ASP n 
1 83  VAL n 
1 84  ASN n 
1 85  ARG n 
1 86  GLN n 
1 87  GLN n 
1 88  GLY n 
1 89  ILE n 
1 90  GLN n 
1 91  THR n 
1 92  SER n 
1 93  TYR n 
1 94  GLU n 
1 95  MSE n 
1 96  LEU n 
1 97  ILE n 
1 98  GLY n 
1 99  GLU n 
1 100 GLY n 
1 101 PRO n 
1 102 TYR n 
1 103 GLN n 
1 104 ALA n 
1 105 THR n 
1 106 ASP n 
1 107 THR n 
1 108 GLN n 
1 109 LEU n 
1 110 ASN n 
1 111 PHE n 
1 112 LEU n 
1 113 PRO n 
1 114 GLY n 
1 115 ALA n 
1 116 TYR n 
1 117 ALA n 
1 118 GLN n 
1 119 ILE n 
1 120 SER n 
1 121 ASN n 
1 122 ALA n 
1 123 ALA n 
1 124 ARG n 
1 125 GLN n 
1 126 ALA n 
1 127 TRP n 
1 128 LYS n 
1 129 ARG n 
1 130 LEU n 
1 131 PRO n 
1 132 SER n 
1 133 LEU n 
1 134 GLU n 
1 135 HIS n 
1 136 HIS n 
1 137 HIS n 
1 138 HIS n 
1 139 HIS n 
1 140 HIS n 
# 
_entity_src_gen.entity_id                          1 
_entity_src_gen.pdbx_src_id                        1 
_entity_src_gen.pdbx_alt_source_flag               sample 
_entity_src_gen.pdbx_seq_type                      ? 
_entity_src_gen.pdbx_beg_seq_num                   ? 
_entity_src_gen.pdbx_end_seq_num                   ? 
_entity_src_gen.gene_src_common_name               ? 
_entity_src_gen.gene_src_genus                     ? 
_entity_src_gen.pdbx_gene_src_gene                 ? 
_entity_src_gen.gene_src_species                   ? 
_entity_src_gen.gene_src_strain                    ? 
_entity_src_gen.gene_src_tissue                    ? 
_entity_src_gen.gene_src_tissue_fraction           ? 
_entity_src_gen.gene_src_details                   ? 
_entity_src_gen.pdbx_gene_src_fragment             ? 
_entity_src_gen.pdbx_gene_src_scientific_name      'JAAGSIEKTE SHEEP RETROVIRUS' 
_entity_src_gen.pdbx_gene_src_ncbi_taxonomy_id     11746 
_entity_src_gen.pdbx_gene_src_variant              ? 
_entity_src_gen.pdbx_gene_src_cell_line            ? 
_entity_src_gen.pdbx_gene_src_atcc                 ? 
_entity_src_gen.pdbx_gene_src_organ                ? 
_entity_src_gen.pdbx_gene_src_organelle            ? 
_entity_src_gen.pdbx_gene_src_cell                 ? 
_entity_src_gen.pdbx_gene_src_cellular_location    ? 
_entity_src_gen.host_org_common_name               ? 
_entity_src_gen.pdbx_host_org_scientific_name      'ESCHERICHIA COLI' 
_entity_src_gen.pdbx_host_org_ncbi_taxonomy_id     469008 
_entity_src_gen.host_org_genus                     ? 
_entity_src_gen.pdbx_host_org_gene                 ? 
_entity_src_gen.pdbx_host_org_organ                ? 
_entity_src_gen.host_org_species                   ? 
_entity_src_gen.pdbx_host_org_tissue               ? 
_entity_src_gen.pdbx_host_org_tissue_fraction      ? 
_entity_src_gen.pdbx_host_org_strain               'BL21(DE3)' 
_entity_src_gen.pdbx_host_org_variant              ? 
_entity_src_gen.pdbx_host_org_cell_line            ? 
_entity_src_gen.pdbx_host_org_atcc                 ? 
_entity_src_gen.pdbx_host_org_culture_collection   ? 
_entity_src_gen.pdbx_host_org_cell                 ? 
_entity_src_gen.pdbx_host_org_organelle            ? 
_entity_src_gen.pdbx_host_org_cellular_location    ? 
_entity_src_gen.pdbx_host_org_vector_type          ? 
_entity_src_gen.pdbx_host_org_vector               ? 
_entity_src_gen.host_org_details                   ? 
_entity_src_gen.expression_system_id               ? 
_entity_src_gen.plasmid_name                       PET22B 
_entity_src_gen.plasmid_details                    ? 
_entity_src_gen.pdbx_description                   ? 
# 
loop_
_chem_comp.id 
_chem_comp.type 
_chem_comp.mon_nstd_flag 
_chem_comp.name 
_chem_comp.pdbx_synonyms 
_chem_comp.formula 
_chem_comp.formula_weight 
ALA 'L-peptide linking' y ALANINE          ? 'C3 H7 N O2'     89.093  
ARG 'L-peptide linking' y ARGININE         ? 'C6 H15 N4 O2 1' 175.209 
ASN 'L-peptide linking' y ASPARAGINE       ? 'C4 H8 N2 O3'    132.118 
ASP 'L-peptide linking' y 'ASPARTIC ACID'  ? 'C4 H7 N O4'     133.103 
CYS 'L-peptide linking' y CYSTEINE         ? 'C3 H7 N O2 S'   121.158 
GLN 'L-peptide linking' y GLUTAMINE        ? 'C5 H10 N2 O3'   146.144 
GLU 'L-peptide linking' y 'GLUTAMIC ACID'  ? 'C5 H9 N O4'     147.129 
GLY 'peptide linking'   y GLYCINE          ? 'C2 H5 N O2'     75.067  
HIS 'L-peptide linking' y HISTIDINE        ? 'C6 H10 N3 O2 1' 156.162 
HOH non-polymer         . WATER            ? 'H2 O'           18.015  
ILE 'L-peptide linking' y ISOLEUCINE       ? 'C6 H13 N O2'    131.173 
LEU 'L-peptide linking' y LEUCINE          ? 'C6 H13 N O2'    131.173 
LYS 'L-peptide linking' y LYSINE           ? 'C6 H15 N2 O2 1' 147.195 
MSE 'L-peptide linking' n SELENOMETHIONINE ? 'C5 H11 N O2 Se' 196.106 
PHE 'L-peptide linking' y PHENYLALANINE    ? 'C9 H11 N O2'    165.189 
PRO 'L-peptide linking' y PROLINE          ? 'C5 H9 N O2'     115.130 
SER 'L-peptide linking' y SERINE           ? 'C3 H7 N O3'     105.093 
THR 'L-peptide linking' y THREONINE        ? 'C4 H9 N O3'     119.119 
TRP 'L-peptide linking' y TRYPTOPHAN       ? 'C11 H12 N2 O2'  204.225 
TYR 'L-peptide linking' y TYROSINE         ? 'C9 H11 N O3'    181.189 
VAL 'L-peptide linking' y VALINE           ? 'C5 H11 N O2'    117.146 
# 
loop_
_pdbx_poly_seq_scheme.asym_id 
_pdbx_poly_seq_scheme.entity_id 
_pdbx_poly_seq_scheme.seq_id 
_pdbx_poly_seq_scheme.mon_id 
_pdbx_poly_seq_scheme.ndb_seq_num 
_pdbx_poly_seq_scheme.pdb_seq_num 
_pdbx_poly_seq_scheme.auth_seq_num 
_pdbx_poly_seq_scheme.pdb_mon_id 
_pdbx_poly_seq_scheme.auth_mon_id 
_pdbx_poly_seq_scheme.pdb_strand_id 
_pdbx_poly_seq_scheme.pdb_ins_code 
_pdbx_poly_seq_scheme.hetero 
A 1 1   PRO 1   1   1   PRO PRO A . n 
A 1 2   VAL 2   2   2   VAL VAL A . n 
A 1 3   PHE 3   3   3   PHE PHE A . n 
A 1 4   GLU 4   4   4   GLU GLU A . n 
A 1 5   ASN 5   5   5   ASN ASN A . n 
A 1 6   ASN 6   6   6   ASN ASN A . n 
A 1 7   ASN 7   7   7   ASN ASN A . n 
A 1 8   GLN 8   8   8   GLN GLN A . n 
A 1 9   ARG 9   9   9   ARG ARG A . n 
A 1 10  TYR 10  10  10  TYR TYR A . n 
A 1 11  TYR 11  11  11  TYR TYR A . n 
A 1 12  GLU 12  12  12  GLU GLU A . n 
A 1 13  SER 13  13  13  SER SER A . n 
A 1 14  LEU 14  14  14  LEU LEU A . n 
A 1 15  PRO 15  15  15  PRO PRO A . n 
A 1 16  PHE 16  16  16  PHE PHE A . n 
A 1 17  LYS 17  17  17  LYS LYS A . n 
A 1 18  GLN 18  18  18  GLN GLN A . n 
A 1 19  LEU 19  19  19  LEU LEU A . n 
A 1 20  LYS 20  20  20  LYS LYS A . n 
A 1 21  GLU 21  21  21  GLU GLU A . n 
A 1 22  LEU 22  22  22  LEU LEU A . n 
A 1 23  LYS 23  23  23  LYS LYS A . n 
A 1 24  ILE 24  24  24  ILE ILE A . n 
A 1 25  ALA 25  25  25  ALA ALA A . n 
A 1 26  CYS 26  26  26  CYS CYS A . n 
A 1 27  SER 27  27  27  SER SER A . n 
A 1 28  GLN 28  28  28  GLN GLN A . n 
A 1 29  TYR 29  29  29  TYR TYR A . n 
A 1 30  GLY 30  30  30  GLY GLY A . n 
A 1 31  PRO 31  31  31  PRO PRO A . n 
A 1 32  THR 32  32  32  THR THR A . n 
A 1 33  ALA 33  33  33  ALA ALA A . n 
A 1 34  PRO 34  34  34  PRO PRO A . n 
A 1 35  PHE 35  35  35  PHE PHE A . n 
A 1 36  THR 36  36  36  THR THR A . n 
A 1 37  ILE 37  37  37  ILE ILE A . n 
A 1 38  ALA 38  38  38  ALA ALA A . n 
A 1 39  MSE 39  39  39  MSE MSE A . n 
A 1 40  ILE 40  40  40  ILE ILE A . n 
A 1 41  GLU 41  41  41  GLU GLU A . n 
A 1 42  ASN 42  42  42  ASN ASN A . n 
A 1 43  LEU 43  43  43  LEU LEU A . n 
A 1 44  GLY 44  44  44  GLY GLY A . n 
A 1 45  THR 45  45  45  THR THR A . n 
A 1 46  GLN 46  46  46  GLN GLN A . n 
A 1 47  ALA 47  47  47  ALA ALA A . n 
A 1 48  LEU 48  48  48  LEU LEU A . n 
A 1 49  PRO 49  49  49  PRO PRO A . n 
A 1 50  PRO 50  50  50  PRO PRO A . n 
A 1 51  ASN 51  51  51  ASN ASN A . n 
A 1 52  ASP 52  52  52  ASP ASP A . n 
A 1 53  TRP 53  53  53  TRP TRP A . n 
A 1 54  LYS 54  54  54  LYS LYS A . n 
A 1 55  GLN 55  55  55  GLN GLN A . n 
A 1 56  THR 56  56  56  THR THR A . n 
A 1 57  ALA 57  57  57  ALA ALA A . n 
A 1 58  ARG 58  58  58  ARG ARG A . n 
A 1 59  ALA 59  59  59  ALA ALA A . n 
A 1 60  CYS 60  60  60  CYS CYS A . n 
A 1 61  LEU 61  61  61  LEU LEU A . n 
A 1 62  SER 62  62  62  SER SER A . n 
A 1 63  GLY 63  63  63  GLY GLY A . n 
A 1 64  GLY 64  64  64  GLY GLY A . n 
A 1 65  ASP 65  65  65  ASP ASP A . n 
A 1 66  TYR 66  66  66  TYR TYR A . n 
A 1 67  LEU 67  67  67  LEU LEU A . n 
A 1 68  LEU 68  68  68  LEU LEU A . n 
A 1 69  TRP 69  69  69  TRP TRP A . n 
A 1 70  LYS 70  70  70  LYS LYS A . n 
A 1 71  SER 71  71  71  SER SER A . n 
A 1 72  GLU 72  72  72  GLU GLU A . n 
A 1 73  PHE 73  73  73  PHE PHE A . n 
A 1 74  PHE 74  74  74  PHE PHE A . n 
A 1 75  GLU 75  75  75  GLU GLU A . n 
A 1 76  GLN 76  76  76  GLN GLN A . n 
A 1 77  CYS 77  77  77  CYS CYS A . n 
A 1 78  ALA 78  78  78  ALA ALA A . n 
A 1 79  ARG 79  79  79  ARG ARG A . n 
A 1 80  ILE 80  80  80  ILE ILE A . n 
A 1 81  ALA 81  81  81  ALA ALA A . n 
A 1 82  ASP 82  82  82  ASP ASP A . n 
A 1 83  VAL 83  83  83  VAL VAL A . n 
A 1 84  ASN 84  84  84  ASN ASN A . n 
A 1 85  ARG 85  85  85  ARG ARG A . n 
A 1 86  GLN 86  86  86  GLN GLN A . n 
A 1 87  GLN 87  87  87  GLN GLN A . n 
A 1 88  GLY 88  88  88  GLY GLY A . n 
A 1 89  ILE 89  89  89  ILE ILE A . n 
A 1 90  GLN 90  90  90  GLN GLN A . n 
A 1 91  THR 91  91  91  THR THR A . n 
A 1 92  SER 92  92  92  SER SER A . n 
A 1 93  TYR 93  93  93  TYR TYR A . n 
A 1 94  GLU 94  94  94  GLU GLU A . n 
A 1 95  MSE 95  95  95  MSE MSE A . n 
A 1 96  LEU 96  96  96  LEU LEU A . n 
A 1 97  ILE 97  97  97  ILE ILE A . n 
A 1 98  GLY 98  98  98  GLY GLY A . n 
A 1 99  GLU 99  99  99  GLU GLU A . n 
A 1 100 GLY 100 100 100 GLY GLY A . n 
A 1 101 PRO 101 101 101 PRO PRO A . n 
A 1 102 TYR 102 102 102 TYR TYR A . n 
A 1 103 GLN 103 103 103 GLN GLN A . n 
A 1 104 ALA 104 104 104 ALA ALA A . n 
A 1 105 THR 105 105 105 THR THR A . n 
A 1 106 ASP 106 106 106 ASP ASP A . n 
A 1 107 THR 107 107 107 THR THR A . n 
A 1 108 GLN 108 108 108 GLN GLN A . n 
A 1 109 LEU 109 109 109 LEU LEU A . n 
A 1 110 ASN 110 110 110 ASN ASN A . n 
A 1 111 PHE 111 111 111 PHE PHE A . n 
A 1 112 LEU 112 112 112 LEU LEU A . n 
A 1 113 PRO 113 113 113 PRO PRO A . n 
A 1 114 GLY 114 114 114 GLY GLY A . n 
A 1 115 ALA 115 115 115 ALA ALA A . n 
A 1 116 TYR 116 116 116 TYR TYR A . n 
A 1 117 ALA 117 117 117 ALA ALA A . n 
A 1 118 GLN 118 118 118 GLN GLN A . n 
A 1 119 ILE 119 119 119 ILE ILE A . n 
A 1 120 SER 120 120 120 SER SER A . n 
A 1 121 ASN 121 121 121 ASN ASN A . n 
A 1 122 ALA 122 122 122 ALA ALA A . n 
A 1 123 ALA 123 123 123 ALA ALA A . n 
A 1 124 ARG 124 124 124 ARG ARG A . n 
A 1 125 GLN 125 125 125 GLN GLN A . n 
A 1 126 ALA 126 126 126 ALA ALA A . n 
A 1 127 TRP 127 127 127 TRP TRP A . n 
A 1 128 LYS 128 128 128 LYS LYS A . n 
A 1 129 ARG 129 129 129 ARG ARG A . n 
A 1 130 LEU 130 130 130 LEU LEU A . n 
A 1 131 PRO 131 131 131 PRO PRO A . n 
A 1 132 SER 132 132 ?   ?   ?   A . n 
A 1 133 LEU 133 133 ?   ?   ?   A . n 
A 1 134 GLU 134 134 ?   ?   ?   A . n 
A 1 135 HIS 135 135 ?   ?   ?   A . n 
A 1 136 HIS 136 136 ?   ?   ?   A . n 
A 1 137 HIS 137 137 ?   ?   ?   A . n 
A 1 138 HIS 138 138 ?   ?   ?   A . n 
A 1 139 HIS 139 139 ?   ?   ?   A . n 
A 1 140 HIS 140 140 ?   ?   ?   A . n 
# 
loop_
_pdbx_nonpoly_scheme.asym_id 
_pdbx_nonpoly_scheme.entity_id 
_pdbx_nonpoly_scheme.mon_id 
_pdbx_nonpoly_scheme.ndb_seq_num 
_pdbx_nonpoly_scheme.pdb_seq_num 
_pdbx_nonpoly_scheme.auth_seq_num 
_pdbx_nonpoly_scheme.pdb_mon_id 
_pdbx_nonpoly_scheme.auth_mon_id 
_pdbx_nonpoly_scheme.pdb_strand_id 
_pdbx_nonpoly_scheme.pdb_ins_code 
B 2 HOH 1   2001 2001 HOH HOH A . 
B 2 HOH 2   2002 2002 HOH HOH A . 
B 2 HOH 3   2003 2003 HOH HOH A . 
B 2 HOH 4   2004 2004 HOH HOH A . 
B 2 HOH 5   2005 2005 HOH HOH A . 
B 2 HOH 6   2006 2006 HOH HOH A . 
B 2 HOH 7   2007 2007 HOH HOH A . 
B 2 HOH 8   2008 2008 HOH HOH A . 
B 2 HOH 9   2009 2009 HOH HOH A . 
B 2 HOH 10  2010 2010 HOH HOH A . 
B 2 HOH 11  2011 2011 HOH HOH A . 
B 2 HOH 12  2012 2012 HOH HOH A . 
B 2 HOH 13  2013 2013 HOH HOH A . 
B 2 HOH 14  2014 2014 HOH HOH A . 
B 2 HOH 15  2015 2015 HOH HOH A . 
B 2 HOH 16  2016 2016 HOH HOH A . 
B 2 HOH 17  2017 2017 HOH HOH A . 
B 2 HOH 18  2018 2018 HOH HOH A . 
B 2 HOH 19  2019 2019 HOH HOH A . 
B 2 HOH 20  2020 2020 HOH HOH A . 
B 2 HOH 21  2021 2021 HOH HOH A . 
B 2 HOH 22  2022 2022 HOH HOH A . 
B 2 HOH 23  2023 2023 HOH HOH A . 
B 2 HOH 24  2024 2024 HOH HOH A . 
B 2 HOH 25  2025 2025 HOH HOH A . 
B 2 HOH 26  2026 2026 HOH HOH A . 
B 2 HOH 27  2027 2027 HOH HOH A . 
B 2 HOH 28  2028 2028 HOH HOH A . 
B 2 HOH 29  2029 2029 HOH HOH A . 
B 2 HOH 30  2030 2030 HOH HOH A . 
B 2 HOH 31  2031 2031 HOH HOH A . 
B 2 HOH 32  2032 2032 HOH HOH A . 
B 2 HOH 33  2033 2033 HOH HOH A . 
B 2 HOH 34  2034 2034 HOH HOH A . 
B 2 HOH 35  2035 2035 HOH HOH A . 
B 2 HOH 36  2036 2036 HOH HOH A . 
B 2 HOH 37  2037 2037 HOH HOH A . 
B 2 HOH 38  2038 2038 HOH HOH A . 
B 2 HOH 39  2039 2039 HOH HOH A . 
B 2 HOH 40  2040 2040 HOH HOH A . 
B 2 HOH 41  2041 2041 HOH HOH A . 
B 2 HOH 42  2042 2042 HOH HOH A . 
B 2 HOH 43  2043 2043 HOH HOH A . 
B 2 HOH 44  2044 2044 HOH HOH A . 
B 2 HOH 45  2045 2045 HOH HOH A . 
B 2 HOH 46  2046 2046 HOH HOH A . 
B 2 HOH 47  2047 2047 HOH HOH A . 
B 2 HOH 48  2048 2048 HOH HOH A . 
B 2 HOH 49  2049 2049 HOH HOH A . 
B 2 HOH 50  2050 2050 HOH HOH A . 
B 2 HOH 51  2051 2051 HOH HOH A . 
B 2 HOH 52  2052 2052 HOH HOH A . 
B 2 HOH 53  2053 2053 HOH HOH A . 
B 2 HOH 54  2054 2054 HOH HOH A . 
B 2 HOH 55  2055 2055 HOH HOH A . 
B 2 HOH 56  2056 2056 HOH HOH A . 
B 2 HOH 57  2057 2057 HOH HOH A . 
B 2 HOH 58  2058 2058 HOH HOH A . 
B 2 HOH 59  2059 2059 HOH HOH A . 
B 2 HOH 60  2060 2060 HOH HOH A . 
B 2 HOH 61  2061 2061 HOH HOH A . 
B 2 HOH 62  2062 2062 HOH HOH A . 
B 2 HOH 63  2063 2063 HOH HOH A . 
B 2 HOH 64  2064 2064 HOH HOH A . 
B 2 HOH 65  2065 2065 HOH HOH A . 
B 2 HOH 66  2066 2066 HOH HOH A . 
B 2 HOH 67  2067 2067 HOH HOH A . 
B 2 HOH 68  2068 2068 HOH HOH A . 
B 2 HOH 69  2069 2069 HOH HOH A . 
B 2 HOH 70  2070 2070 HOH HOH A . 
B 2 HOH 71  2071 2071 HOH HOH A . 
B 2 HOH 72  2072 2072 HOH HOH A . 
B 2 HOH 73  2073 2073 HOH HOH A . 
B 2 HOH 74  2074 2074 HOH HOH A . 
B 2 HOH 75  2075 2075 HOH HOH A . 
B 2 HOH 76  2076 2076 HOH HOH A . 
B 2 HOH 77  2077 2077 HOH HOH A . 
B 2 HOH 78  2078 2078 HOH HOH A . 
B 2 HOH 79  2079 2079 HOH HOH A . 
B 2 HOH 80  2080 2080 HOH HOH A . 
B 2 HOH 81  2081 2081 HOH HOH A . 
B 2 HOH 82  2082 2082 HOH HOH A . 
B 2 HOH 83  2083 2083 HOH HOH A . 
B 2 HOH 84  2084 2084 HOH HOH A . 
B 2 HOH 85  2085 2085 HOH HOH A . 
B 2 HOH 86  2086 2086 HOH HOH A . 
B 2 HOH 87  2087 2087 HOH HOH A . 
B 2 HOH 88  2088 2088 HOH HOH A . 
B 2 HOH 89  2089 2089 HOH HOH A . 
B 2 HOH 90  2090 2090 HOH HOH A . 
B 2 HOH 91  2091 2091 HOH HOH A . 
B 2 HOH 92  2092 2092 HOH HOH A . 
B 2 HOH 93  2093 2093 HOH HOH A . 
B 2 HOH 94  2094 2094 HOH HOH A . 
B 2 HOH 95  2095 2095 HOH HOH A . 
B 2 HOH 96  2096 2096 HOH HOH A . 
B 2 HOH 97  2097 2097 HOH HOH A . 
B 2 HOH 98  2098 2098 HOH HOH A . 
B 2 HOH 99  2099 2099 HOH HOH A . 
B 2 HOH 100 2100 2100 HOH HOH A . 
B 2 HOH 101 2101 2101 HOH HOH A . 
B 2 HOH 102 2102 2102 HOH HOH A . 
B 2 HOH 103 2103 2103 HOH HOH A . 
B 2 HOH 104 2104 2104 HOH HOH A . 
B 2 HOH 105 2105 2105 HOH HOH A . 
B 2 HOH 106 2106 2106 HOH HOH A . 
B 2 HOH 107 2107 2107 HOH HOH A . 
B 2 HOH 108 2108 2108 HOH HOH A . 
B 2 HOH 109 2109 2109 HOH HOH A . 
B 2 HOH 110 2110 2110 HOH HOH A . 
B 2 HOH 111 2111 2111 HOH HOH A . 
B 2 HOH 112 2112 2112 HOH HOH A . 
B 2 HOH 113 2113 2113 HOH HOH A . 
B 2 HOH 114 2114 2114 HOH HOH A . 
B 2 HOH 115 2115 2115 HOH HOH A . 
B 2 HOH 116 2116 2116 HOH HOH A . 
B 2 HOH 117 2117 2117 HOH HOH A . 
B 2 HOH 118 2118 2118 HOH HOH A . 
B 2 HOH 119 2119 2119 HOH HOH A . 
B 2 HOH 120 2120 2120 HOH HOH A . 
B 2 HOH 121 2121 2121 HOH HOH A . 
B 2 HOH 122 2122 2122 HOH HOH A . 
B 2 HOH 123 2123 2123 HOH HOH A . 
B 2 HOH 124 2124 2124 HOH HOH A . 
B 2 HOH 125 2125 2125 HOH HOH A . 
B 2 HOH 126 2126 2126 HOH HOH A . 
B 2 HOH 127 2127 2127 HOH HOH A . 
B 2 HOH 128 2128 2128 HOH HOH A . 
B 2 HOH 129 2129 2129 HOH HOH A . 
B 2 HOH 130 2130 2130 HOH HOH A . 
B 2 HOH 131 2131 2131 HOH HOH A . 
B 2 HOH 132 2132 2132 HOH HOH A . 
B 2 HOH 133 2133 2133 HOH HOH A . 
B 2 HOH 134 2134 2134 HOH HOH A . 
B 2 HOH 135 2135 2135 HOH HOH A . 
B 2 HOH 136 2136 2136 HOH HOH A . 
B 2 HOH 137 2137 2137 HOH HOH A . 
B 2 HOH 138 2138 2138 HOH HOH A . 
B 2 HOH 139 2139 2139 HOH HOH A . 
B 2 HOH 140 2140 2140 HOH HOH A . 
B 2 HOH 141 2141 2141 HOH HOH A . 
B 2 HOH 142 2142 2142 HOH HOH A . 
B 2 HOH 143 2143 2143 HOH HOH A . 
B 2 HOH 144 2144 2144 HOH HOH A . 
B 2 HOH 145 2145 2145 HOH HOH A . 
B 2 HOH 146 2146 2146 HOH HOH A . 
B 2 HOH 147 2147 2147 HOH HOH A . 
B 2 HOH 148 2148 2148 HOH HOH A . 
B 2 HOH 149 2149 2149 HOH HOH A . 
B 2 HOH 150 2150 2150 HOH HOH A . 
B 2 HOH 151 2151 2151 HOH HOH A . 
B 2 HOH 152 2152 2152 HOH HOH A . 
B 2 HOH 153 2153 2153 HOH HOH A . 
B 2 HOH 154 2154 2154 HOH HOH A . 
B 2 HOH 155 2155 2155 HOH HOH A . 
B 2 HOH 156 2156 2156 HOH HOH A . 
B 2 HOH 157 2157 2157 HOH HOH A . 
B 2 HOH 158 2158 2158 HOH HOH A . 
B 2 HOH 159 2159 2159 HOH HOH A . 
B 2 HOH 160 2160 2160 HOH HOH A . 
B 2 HOH 161 2161 2161 HOH HOH A . 
B 2 HOH 162 2162 2162 HOH HOH A . 
B 2 HOH 163 2163 2163 HOH HOH A . 
B 2 HOH 164 2164 2164 HOH HOH A . 
B 2 HOH 165 2165 2165 HOH HOH A . 
B 2 HOH 166 2166 2166 HOH HOH A . 
B 2 HOH 167 2167 2167 HOH HOH A . 
B 2 HOH 168 2168 2168 HOH HOH A . 
B 2 HOH 169 2169 2169 HOH HOH A . 
B 2 HOH 170 2170 2170 HOH HOH A . 
B 2 HOH 171 2171 2171 HOH HOH A . 
B 2 HOH 172 2172 2172 HOH HOH A . 
B 2 HOH 173 2173 2173 HOH HOH A . 
B 2 HOH 174 2174 2174 HOH HOH A . 
B 2 HOH 175 2175 2175 HOH HOH A . 
B 2 HOH 176 2176 2176 HOH HOH A . 
B 2 HOH 177 2177 2177 HOH HOH A . 
B 2 HOH 178 2178 2178 HOH HOH A . 
B 2 HOH 179 2179 2179 HOH HOH A . 
B 2 HOH 180 2180 2180 HOH HOH A . 
B 2 HOH 181 2181 2181 HOH HOH A . 
B 2 HOH 182 2182 2182 HOH HOH A . 
B 2 HOH 183 2183 2183 HOH HOH A . 
B 2 HOH 184 2184 2184 HOH HOH A . 
B 2 HOH 185 2185 2185 HOH HOH A . 
B 2 HOH 186 2186 2186 HOH HOH A . 
B 2 HOH 187 2187 2187 HOH HOH A . 
B 2 HOH 188 2188 2188 HOH HOH A . 
B 2 HOH 189 2189 2189 HOH HOH A . 
B 2 HOH 190 2190 2190 HOH HOH A . 
B 2 HOH 191 2191 2191 HOH HOH A . 
B 2 HOH 192 2192 2192 HOH HOH A . 
B 2 HOH 193 2193 2193 HOH HOH A . 
B 2 HOH 194 2194 2194 HOH HOH A . 
B 2 HOH 195 2195 2195 HOH HOH A . 
B 2 HOH 196 2196 2196 HOH HOH A . 
B 2 HOH 197 2197 2197 HOH HOH A . 
B 2 HOH 198 2198 2198 HOH HOH A . 
B 2 HOH 199 2199 2199 HOH HOH A . 
B 2 HOH 200 2200 2200 HOH HOH A . 
B 2 HOH 201 2201 2201 HOH HOH A . 
# 
loop_
_pdbx_unobs_or_zero_occ_atoms.id 
_pdbx_unobs_or_zero_occ_atoms.PDB_model_num 
_pdbx_unobs_or_zero_occ_atoms.polymer_flag 
_pdbx_unobs_or_zero_occ_atoms.occupancy_flag 
_pdbx_unobs_or_zero_occ_atoms.auth_asym_id 
_pdbx_unobs_or_zero_occ_atoms.auth_comp_id 
_pdbx_unobs_or_zero_occ_atoms.auth_seq_id 
_pdbx_unobs_or_zero_occ_atoms.PDB_ins_code 
_pdbx_unobs_or_zero_occ_atoms.auth_atom_id 
_pdbx_unobs_or_zero_occ_atoms.label_alt_id 
_pdbx_unobs_or_zero_occ_atoms.label_asym_id 
_pdbx_unobs_or_zero_occ_atoms.label_comp_id 
_pdbx_unobs_or_zero_occ_atoms.label_seq_id 
_pdbx_unobs_or_zero_occ_atoms.label_atom_id 
1 1 Y 1 A LYS 17 ? CG ? A LYS 17 CG 
2 1 Y 1 A LYS 17 ? CD ? A LYS 17 CD 
3 1 Y 1 A LYS 17 ? CE ? A LYS 17 CE 
4 1 Y 1 A LYS 17 ? NZ ? A LYS 17 NZ 
# 
loop_
_software.name 
_software.classification 
_software.version 
_software.citation_id 
_software.pdbx_ordinal 
REFMAC    refinement       5.2.0019 ? 1 
DENZO     'data reduction' .        ? 2 
SCALEPACK 'data scaling'   .        ? 3 
SOLVE     phasing          .        ? 4 
# 
_cell.entry_id           2V4X 
_cell.length_a           29.595 
_cell.length_b           57.826 
_cell.length_c           40.927 
_cell.angle_alpha        90.00 
_cell.angle_beta         109.17 
_cell.angle_gamma        90.00 
_cell.Z_PDB              2 
_cell.pdbx_unique_axis   ? 
# 
_symmetry.entry_id                         2V4X 
_symmetry.space_group_name_H-M             'P 1 21 1' 
_symmetry.pdbx_full_space_group_name_H-M   ? 
_symmetry.cell_setting                     ? 
_symmetry.Int_Tables_number                4 
# 
_exptl.entry_id          2V4X 
_exptl.method            'X-RAY DIFFRACTION' 
_exptl.crystals_number   ? 
# 
_exptl_crystal.id                    1 
_exptl_crystal.density_meas          ? 
_exptl_crystal.density_Matthews      2.07 
_exptl_crystal.density_percent_sol   41 
_exptl_crystal.description           NONE 
# 
_diffrn.id                     1 
_diffrn.ambient_temp           100 
_diffrn.ambient_temp_details   ? 
_diffrn.crystal_id             1 
# 
_diffrn_detector.diffrn_id              1 
_diffrn_detector.detector               CCD 
_diffrn_detector.type                   'ADSC CCD' 
_diffrn_detector.pdbx_collection_date   ? 
_diffrn_detector.details                ? 
# 
_diffrn_radiation.diffrn_id                        1 
_diffrn_radiation.wavelength_id                    1 
_diffrn_radiation.pdbx_monochromatic_or_laue_m_l   M 
_diffrn_radiation.monochromator                    ? 
_diffrn_radiation.pdbx_diffrn_protocol             'SINGLE WAVELENGTH' 
_diffrn_radiation.pdbx_scattering_type             x-ray 
# 
_diffrn_radiation_wavelength.id           1 
_diffrn_radiation_wavelength.wavelength   0.97695 
_diffrn_radiation_wavelength.wt           1.0 
# 
_diffrn_source.diffrn_id                   1 
_diffrn_source.source                      SYNCHROTRON 
_diffrn_source.type                        'SRS BEAMLINE PX14.1' 
_diffrn_source.pdbx_synchrotron_site       SRS 
_diffrn_source.pdbx_synchrotron_beamline   PX14.1 
_diffrn_source.pdbx_wavelength             0.97695 
_diffrn_source.pdbx_wavelength_list        ? 
# 
_reflns.pdbx_diffrn_id               1 
_reflns.pdbx_ordinal                 1 
_reflns.entry_id                     2V4X 
_reflns.observed_criterion_sigma_I   . 
_reflns.observed_criterion_sigma_F   ? 
_reflns.d_resolution_low             20.00 
_reflns.d_resolution_high            1.50 
_reflns.number_obs                   20920 
_reflns.number_all                   ? 
_reflns.percent_possible_obs         98.8 
_reflns.pdbx_Rmerge_I_obs            0.08 
_reflns.pdbx_Rsym_value              ? 
_reflns.pdbx_netI_over_sigmaI        16.90 
_reflns.B_iso_Wilson_estimate        ? 
_reflns.pdbx_redundancy              5.0 
# 
_reflns_shell.pdbx_diffrn_id         1 
_reflns_shell.pdbx_ordinal           1 
_reflns_shell.d_res_high             1.50 
_reflns_shell.d_res_low              1.55 
_reflns_shell.percent_possible_all   90.2 
_reflns_shell.Rmerge_I_obs           0.40 
_reflns_shell.pdbx_Rsym_value        ? 
_reflns_shell.meanI_over_sigI_obs    2.90 
_reflns_shell.pdbx_redundancy        4.2 
# 
_refine.pdbx_refine_id                           'X-RAY DIFFRACTION' 
_refine.entry_id                                 2V4X 
_refine.pdbx_diffrn_id                           1 
_refine.pdbx_TLS_residual_ADP_flag               'LIKELY RESIDUAL' 
_refine.ls_number_reflns_obs                     19678 
_refine.ls_number_reflns_all                     ? 
_refine.pdbx_ls_sigma_I                          ? 
_refine.pdbx_ls_sigma_F                          ? 
_refine.pdbx_data_cutoff_high_absF               ? 
_refine.pdbx_data_cutoff_low_absF                ? 
_refine.pdbx_data_cutoff_high_rms_absF           ? 
_refine.ls_d_res_low                             14.79 
_refine.ls_d_res_high                            1.50 
_refine.ls_percent_reflns_obs                    99.2 
_refine.ls_R_factor_obs                          0.152 
_refine.ls_R_factor_all                          ? 
_refine.ls_R_factor_R_work                       0.150 
_refine.ls_R_factor_R_free                       0.185 
_refine.ls_R_factor_R_free_error                 ? 
_refine.ls_R_factor_R_free_error_details         ? 
_refine.ls_percent_reflns_R_free                 5.100 
_refine.ls_number_reflns_R_free                  1067 
_refine.ls_number_parameters                     ? 
_refine.ls_number_restraints                     ? 
_refine.occupancy_min                            ? 
_refine.occupancy_max                            ? 
_refine.correlation_coeff_Fo_to_Fc               0.971 
_refine.correlation_coeff_Fo_to_Fc_free          0.955 
_refine.B_iso_mean                               7.96 
_refine.aniso_B[1][1]                            1.49000 
_refine.aniso_B[2][2]                            -0.64000 
_refine.aniso_B[3][3]                            -0.20000 
_refine.aniso_B[1][2]                            0.00000 
_refine.aniso_B[1][3]                            0.98000 
_refine.aniso_B[2][3]                            0.00000 
_refine.solvent_model_details                    MASK 
_refine.solvent_model_param_ksol                 ? 
_refine.solvent_model_param_bsol                 ? 
_refine.pdbx_solvent_vdw_probe_radii             1.20 
_refine.pdbx_solvent_ion_probe_radii             0.80 
_refine.pdbx_solvent_shrinkage_radii             0.80 
_refine.pdbx_ls_cross_valid_method               THROUGHOUT 
_refine.details                                  'HYDROGENS HAVE BEEN ADDED IN THE RIDING POSITIONS.' 
_refine.pdbx_starting_model                      NONE 
_refine.pdbx_method_to_determine_struct          SAD 
_refine.pdbx_isotropic_thermal_model             ? 
_refine.pdbx_stereochemistry_target_values       'MAXIMUM LIKELIHOOD' 
_refine.pdbx_stereochem_target_val_spec_case     ? 
_refine.pdbx_R_Free_selection_details            RANDOM 
_refine.pdbx_overall_ESU_R                       0.069 
_refine.pdbx_overall_ESU_R_Free                  0.073 
_refine.overall_SU_ML                            0.049 
_refine.pdbx_overall_phase_error                 ? 
_refine.overall_SU_B                             2.639 
_refine.overall_SU_R_Cruickshank_DPI             ? 
_refine.pdbx_overall_SU_R_free_Cruickshank_DPI   ? 
_refine.pdbx_overall_SU_R_Blow_DPI               ? 
_refine.pdbx_overall_SU_R_free_Blow_DPI          ? 
# 
_refine_hist.pdbx_refine_id                   'X-RAY DIFFRACTION' 
_refine_hist.cycle_id                         LAST 
_refine_hist.pdbx_number_atoms_protein        1043 
_refine_hist.pdbx_number_atoms_nucleic_acid   0 
_refine_hist.pdbx_number_atoms_ligand         0 
_refine_hist.number_atoms_solvent             201 
_refine_hist.number_atoms_total               1244 
_refine_hist.d_res_high                       1.50 
_refine_hist.d_res_low                        14.79 
# 
loop_
_refine_ls_restr.type 
_refine_ls_restr.dev_ideal 
_refine_ls_restr.dev_ideal_target 
_refine_ls_restr.weight 
_refine_ls_restr.number 
_refine_ls_restr.pdbx_refine_id 
_refine_ls_restr.pdbx_restraint_function 
r_bond_refined_d             0.009  0.022  ? 1120 'X-RAY DIFFRACTION' ? 
r_bond_other_d               0.005  0.020  ? 785  'X-RAY DIFFRACTION' ? 
r_angle_refined_deg          1.177  1.947  ? 1527 'X-RAY DIFFRACTION' ? 
r_angle_other_deg            0.871  3.000  ? 1906 'X-RAY DIFFRACTION' ? 
r_dihedral_angle_1_deg       4.626  5.000  ? 140  'X-RAY DIFFRACTION' ? 
r_dihedral_angle_2_deg       39.542 24.426 ? 61   'X-RAY DIFFRACTION' ? 
r_dihedral_angle_3_deg       13.156 15.000 ? 188  'X-RAY DIFFRACTION' ? 
r_dihedral_angle_4_deg       17.310 15.000 ? 9    'X-RAY DIFFRACTION' ? 
r_chiral_restr               0.069  0.200  ? 158  'X-RAY DIFFRACTION' ? 
r_gen_planes_refined         0.005  0.020  ? 1270 'X-RAY DIFFRACTION' ? 
r_gen_planes_other           0.001  0.020  ? 236  'X-RAY DIFFRACTION' ? 
r_nbd_refined                0.228  0.200  ? 239  'X-RAY DIFFRACTION' ? 
r_nbd_other                  0.182  0.200  ? 784  'X-RAY DIFFRACTION' ? 
r_nbtor_refined              0.193  0.200  ? 552  'X-RAY DIFFRACTION' ? 
r_nbtor_other                0.085  0.200  ? 543  'X-RAY DIFFRACTION' ? 
r_xyhbond_nbd_refined        0.132  0.200  ? 123  'X-RAY DIFFRACTION' ? 
r_xyhbond_nbd_other          ?      ?      ? ?    'X-RAY DIFFRACTION' ? 
r_metal_ion_refined          ?      ?      ? ?    'X-RAY DIFFRACTION' ? 
r_metal_ion_other            ?      ?      ? ?    'X-RAY DIFFRACTION' ? 
r_symmetry_vdw_refined       0.180  0.200  ? 16   'X-RAY DIFFRACTION' ? 
r_symmetry_vdw_other         0.234  0.200  ? 59   'X-RAY DIFFRACTION' ? 
r_symmetry_hbond_refined     0.119  0.200  ? 21   'X-RAY DIFFRACTION' ? 
r_symmetry_hbond_other       ?      ?      ? ?    'X-RAY DIFFRACTION' ? 
r_symmetry_metal_ion_refined ?      ?      ? ?    'X-RAY DIFFRACTION' ? 
r_symmetry_metal_ion_other   ?      ?      ? ?    'X-RAY DIFFRACTION' ? 
r_mcbond_it                  0.790  1.500  ? 718  'X-RAY DIFFRACTION' ? 
r_mcbond_other               ?      ?      ? ?    'X-RAY DIFFRACTION' ? 
r_mcangle_it                 0.993  2.000  ? 1084 'X-RAY DIFFRACTION' ? 
r_mcangle_other              ?      ?      ? ?    'X-RAY DIFFRACTION' ? 
r_scbond_it                  2.015  3.000  ? 505  'X-RAY DIFFRACTION' ? 
r_scbond_other               ?      ?      ? ?    'X-RAY DIFFRACTION' ? 
r_scangle_it                 2.837  4.500  ? 438  'X-RAY DIFFRACTION' ? 
r_scangle_other              ?      ?      ? ?    'X-RAY DIFFRACTION' ? 
r_long_range_B_refined       ?      ?      ? ?    'X-RAY DIFFRACTION' ? 
r_long_range_B_other         ?      ?      ? ?    'X-RAY DIFFRACTION' ? 
r_rigid_bond_restr           ?      ?      ? ?    'X-RAY DIFFRACTION' ? 
r_sphericity_free            ?      ?      ? ?    'X-RAY DIFFRACTION' ? 
r_sphericity_bonded          ?      ?      ? ?    'X-RAY DIFFRACTION' ? 
# 
_refine_ls_shell.pdbx_refine_id                   'X-RAY DIFFRACTION' 
_refine_ls_shell.pdbx_total_number_of_bins_used   20 
_refine_ls_shell.d_res_high                       1.50 
_refine_ls_shell.d_res_low                        1.54 
_refine_ls_shell.number_reflns_R_work             1340 
_refine_ls_shell.R_factor_R_work                  0.2140 
_refine_ls_shell.percent_reflns_obs               92.05 
_refine_ls_shell.R_factor_R_free                  0.2420 
_refine_ls_shell.R_factor_R_free_error            ? 
_refine_ls_shell.percent_reflns_R_free            ? 
_refine_ls_shell.number_reflns_R_free             72 
_refine_ls_shell.number_reflns_all                ? 
_refine_ls_shell.R_factor_all                     ? 
# 
_struct.entry_id                  2V4X 
_struct.title                     'Crystal Structure of Jaagsiekte Sheep Retrovirus Capsid N-terminal domain' 
_struct.pdbx_model_details        ? 
_struct.pdbx_CASP_flag            ? 
_struct.pdbx_model_type_details   ? 
# 
_struct_keywords.entry_id        2V4X 
_struct_keywords.pdbx_keywords   'VIRAL PROTEIN' 
_struct_keywords.text            
;CAPSID, VIRION, RETROVIRUS, ZINC-FINGER, METAL-BINDING, CAPSID PROTEIN, STRUCTURAL PROTEIN, VIRAL NUCLEOPROTEIN, VIRAL MATRIX PROTEIN, VIRAL PROTEIN
;
# 
loop_
_struct_asym.id 
_struct_asym.pdbx_blank_PDB_chainid_flag 
_struct_asym.pdbx_modified 
_struct_asym.entity_id 
_struct_asym.details 
A N N 1 ? 
B N N 2 ? 
# 
loop_
_struct_ref.id 
_struct_ref.db_name 
_struct_ref.db_code 
_struct_ref.entity_id 
_struct_ref.pdbx_seq_one_letter_code 
_struct_ref.pdbx_align_begin 
_struct_ref.pdbx_db_accession 
_struct_ref.pdbx_db_isoform 
1 UNP GAG_JSRV 1 ? ? P31622 ? 
2 PDB 2V4X     1 ? ? 2V4X   ? 
# 
loop_
_struct_ref_seq.align_id 
_struct_ref_seq.ref_id 
_struct_ref_seq.pdbx_PDB_id_code 
_struct_ref_seq.pdbx_strand_id 
_struct_ref_seq.seq_align_beg 
_struct_ref_seq.pdbx_seq_align_beg_ins_code 
_struct_ref_seq.seq_align_end 
_struct_ref_seq.pdbx_seq_align_end_ins_code 
_struct_ref_seq.pdbx_db_accession 
_struct_ref_seq.db_align_beg 
_struct_ref_seq.pdbx_db_align_beg_ins_code 
_struct_ref_seq.db_align_end 
_struct_ref_seq.pdbx_db_align_end_ins_code 
_struct_ref_seq.pdbx_auth_seq_align_beg 
_struct_ref_seq.pdbx_auth_seq_align_end 
1 1 2V4X A 1   ? 132 ? P31622 257 ? 388 ? 1   132 
2 2 2V4X A 133 ? 140 ? 2V4X   133 ? 140 ? 133 140 
# 
loop_
_struct_ref_seq_dif.align_id 
_struct_ref_seq_dif.pdbx_pdb_id_code 
_struct_ref_seq_dif.mon_id 
_struct_ref_seq_dif.pdbx_pdb_strand_id 
_struct_ref_seq_dif.seq_num 
_struct_ref_seq_dif.pdbx_pdb_ins_code 
_struct_ref_seq_dif.pdbx_seq_db_name 
_struct_ref_seq_dif.pdbx_seq_db_accession_code 
_struct_ref_seq_dif.db_mon_id 
_struct_ref_seq_dif.pdbx_seq_db_seq_num 
_struct_ref_seq_dif.details 
_struct_ref_seq_dif.pdbx_auth_seq_num 
_struct_ref_seq_dif.pdbx_ordinal 
1 2V4X ASN A 42  ? UNP P31622 SER 298 conflict 42  1 
1 2V4X ARG A 129 ? UNP P31622 LYS 385 conflict 129 2 
# 
_pdbx_struct_assembly.id                   1 
_pdbx_struct_assembly.details              author_and_software_defined_assembly 
_pdbx_struct_assembly.method_details       PQS 
_pdbx_struct_assembly.oligomeric_details   monomeric 
_pdbx_struct_assembly.oligomeric_count     1 
# 
_pdbx_struct_assembly_gen.assembly_id       1 
_pdbx_struct_assembly_gen.oper_expression   1 
_pdbx_struct_assembly_gen.asym_id_list      A,B 
# 
_pdbx_struct_oper_list.id                   1 
_pdbx_struct_oper_list.type                 'identity operation' 
_pdbx_struct_oper_list.name                 1_555 
_pdbx_struct_oper_list.symmetry_operation   x,y,z 
_pdbx_struct_oper_list.matrix[1][1]         1.0000000000 
_pdbx_struct_oper_list.matrix[1][2]         0.0000000000 
_pdbx_struct_oper_list.matrix[1][3]         0.0000000000 
_pdbx_struct_oper_list.vector[1]            0.0000000000 
_pdbx_struct_oper_list.matrix[2][1]         0.0000000000 
_pdbx_struct_oper_list.matrix[2][2]         1.0000000000 
_pdbx_struct_oper_list.matrix[2][3]         0.0000000000 
_pdbx_struct_oper_list.vector[2]            0.0000000000 
_pdbx_struct_oper_list.matrix[3][1]         0.0000000000 
_pdbx_struct_oper_list.matrix[3][2]         0.0000000000 
_pdbx_struct_oper_list.matrix[3][3]         1.0000000000 
_pdbx_struct_oper_list.vector[3]            0.0000000000 
# 
_struct_biol.id   1 
# 
loop_
_struct_conf.conf_type_id 
_struct_conf.id 
_struct_conf.pdbx_PDB_helix_id 
_struct_conf.beg_label_comp_id 
_struct_conf.beg_label_asym_id 
_struct_conf.beg_label_seq_id 
_struct_conf.pdbx_beg_PDB_ins_code 
_struct_conf.end_label_comp_id 
_struct_conf.end_label_asym_id 
_struct_conf.end_label_seq_id 
_struct_conf.pdbx_end_PDB_ins_code 
_struct_conf.beg_auth_comp_id 
_struct_conf.beg_auth_asym_id 
_struct_conf.beg_auth_seq_id 
_struct_conf.end_auth_comp_id 
_struct_conf.end_auth_asym_id 
_struct_conf.end_auth_seq_id 
_struct_conf.pdbx_PDB_helix_class 
_struct_conf.details 
_struct_conf.pdbx_PDB_helix_length 
HELX_P HELX_P1 1 PRO A 15  ? TYR A 29  ? PRO A 15  TYR A 29  1 ? 15 
HELX_P HELX_P2 2 ALA A 33  ? THR A 45  ? ALA A 33  THR A 45  1 ? 13 
HELX_P HELX_P3 3 PRO A 49  ? CYS A 60  ? PRO A 49  CYS A 60  1 ? 12 
HELX_P HELX_P4 4 GLY A 63  ? GLY A 88  ? GLY A 63  GLY A 88  1 ? 26 
HELX_P HELX_P5 5 SER A 92  ? ILE A 97  ? SER A 92  ILE A 97  1 ? 6  
HELX_P HELX_P6 7 ALA A 104 ? GLN A 108 ? ALA A 104 GLN A 108 5 ? 5  
HELX_P HELX_P7 8 GLY A 114 ? ARG A 129 ? GLY A 114 ARG A 129 1 ? 16 
# 
_struct_conf_type.id          HELX_P 
_struct_conf_type.criteria    ? 
_struct_conf_type.reference   ? 
# 
loop_
_struct_conn.id 
_struct_conn.conn_type_id 
_struct_conn.pdbx_leaving_atom_flag 
_struct_conn.pdbx_PDB_id 
_struct_conn.ptnr1_label_asym_id 
_struct_conn.ptnr1_label_comp_id 
_struct_conn.ptnr1_label_seq_id 
_struct_conn.ptnr1_label_atom_id 
_struct_conn.pdbx_ptnr1_label_alt_id 
_struct_conn.pdbx_ptnr1_PDB_ins_code 
_struct_conn.pdbx_ptnr1_standard_comp_id 
_struct_conn.ptnr1_symmetry 
_struct_conn.ptnr2_label_asym_id 
_struct_conn.ptnr2_label_comp_id 
_struct_conn.ptnr2_label_seq_id 
_struct_conn.ptnr2_label_atom_id 
_struct_conn.pdbx_ptnr2_label_alt_id 
_struct_conn.pdbx_ptnr2_PDB_ins_code 
_struct_conn.ptnr1_auth_asym_id 
_struct_conn.ptnr1_auth_comp_id 
_struct_conn.ptnr1_auth_seq_id 
_struct_conn.ptnr2_auth_asym_id 
_struct_conn.ptnr2_auth_comp_id 
_struct_conn.ptnr2_auth_seq_id 
_struct_conn.ptnr2_symmetry 
_struct_conn.pdbx_ptnr3_label_atom_id 
_struct_conn.pdbx_ptnr3_label_seq_id 
_struct_conn.pdbx_ptnr3_label_comp_id 
_struct_conn.pdbx_ptnr3_label_asym_id 
_struct_conn.pdbx_ptnr3_label_alt_id 
_struct_conn.pdbx_ptnr3_PDB_ins_code 
_struct_conn.details 
_struct_conn.pdbx_dist_value 
_struct_conn.pdbx_value_order 
_struct_conn.pdbx_role 
covale1 covale both ? A ALA 38 C ? ? ? 1_555 A MSE 39 N ? ? A ALA 38 A MSE 39 1_555 ? ? ? ? ? ? ? 1.335 ? ? 
covale2 covale both ? A MSE 39 C ? ? ? 1_555 A ILE 40 N ? ? A MSE 39 A ILE 40 1_555 ? ? ? ? ? ? ? 1.328 ? ? 
covale3 covale both ? A GLU 94 C ? ? ? 1_555 A MSE 95 N ? ? A GLU 94 A MSE 95 1_555 ? ? ? ? ? ? ? 1.324 ? ? 
covale4 covale both ? A MSE 95 C ? ? ? 1_555 A LEU 96 N ? ? A MSE 95 A LEU 96 1_555 ? ? ? ? ? ? ? 1.328 ? ? 
# 
_struct_conn_type.id          covale 
_struct_conn_type.criteria    ? 
_struct_conn_type.reference   ? 
# 
loop_
_pdbx_modification_feature.ordinal 
_pdbx_modification_feature.label_comp_id 
_pdbx_modification_feature.label_asym_id 
_pdbx_modification_feature.label_seq_id 
_pdbx_modification_feature.label_alt_id 
_pdbx_modification_feature.modified_residue_label_comp_id 
_pdbx_modification_feature.modified_residue_label_asym_id 
_pdbx_modification_feature.modified_residue_label_seq_id 
_pdbx_modification_feature.modified_residue_label_alt_id 
_pdbx_modification_feature.auth_comp_id 
_pdbx_modification_feature.auth_asym_id 
_pdbx_modification_feature.auth_seq_id 
_pdbx_modification_feature.PDB_ins_code 
_pdbx_modification_feature.symmetry 
_pdbx_modification_feature.modified_residue_auth_comp_id 
_pdbx_modification_feature.modified_residue_auth_asym_id 
_pdbx_modification_feature.modified_residue_auth_seq_id 
_pdbx_modification_feature.modified_residue_PDB_ins_code 
_pdbx_modification_feature.modified_residue_symmetry 
_pdbx_modification_feature.comp_id_linking_atom 
_pdbx_modification_feature.modified_residue_id_linking_atom 
_pdbx_modification_feature.modified_residue_id 
_pdbx_modification_feature.ref_pcm_id 
_pdbx_modification_feature.ref_comp_id 
_pdbx_modification_feature.type 
_pdbx_modification_feature.category 
1 MSE A 39 ? . . . . MSE A 39 ? 1_555 . . . . . . . MET 1 MSE Selenomethionine 'Named protein modification' 
2 MSE A 95 ? . . . . MSE A 95 ? 1_555 . . . . . . . MET 1 MSE Selenomethionine 'Named protein modification' 
# 
_struct_sheet.id               AA 
_struct_sheet.type             ? 
_struct_sheet.number_strands   2 
_struct_sheet.details          ? 
# 
_struct_sheet_order.sheet_id     AA 
_struct_sheet_order.range_id_1   1 
_struct_sheet_order.range_id_2   2 
_struct_sheet_order.offset       ? 
_struct_sheet_order.sense        anti-parallel 
# 
loop_
_struct_sheet_range.sheet_id 
_struct_sheet_range.id 
_struct_sheet_range.beg_label_comp_id 
_struct_sheet_range.beg_label_asym_id 
_struct_sheet_range.beg_label_seq_id 
_struct_sheet_range.pdbx_beg_PDB_ins_code 
_struct_sheet_range.end_label_comp_id 
_struct_sheet_range.end_label_asym_id 
_struct_sheet_range.end_label_seq_id 
_struct_sheet_range.pdbx_end_PDB_ins_code 
_struct_sheet_range.beg_auth_comp_id 
_struct_sheet_range.beg_auth_asym_id 
_struct_sheet_range.beg_auth_seq_id 
_struct_sheet_range.end_auth_comp_id 
_struct_sheet_range.end_auth_asym_id 
_struct_sheet_range.end_auth_seq_id 
AA 1 VAL A 2 ? GLU A 4  ? VAL A 2 GLU A 4  
AA 2 ARG A 9 ? TYR A 11 ? ARG A 9 TYR A 11 
# 
_pdbx_struct_sheet_hbond.sheet_id                AA 
_pdbx_struct_sheet_hbond.range_id_1              1 
_pdbx_struct_sheet_hbond.range_id_2              2 
_pdbx_struct_sheet_hbond.range_1_label_atom_id   N 
_pdbx_struct_sheet_hbond.range_1_label_comp_id   PHE 
_pdbx_struct_sheet_hbond.range_1_label_asym_id   A 
_pdbx_struct_sheet_hbond.range_1_label_seq_id    3 
_pdbx_struct_sheet_hbond.range_1_PDB_ins_code    ? 
_pdbx_struct_sheet_hbond.range_1_auth_atom_id    N 
_pdbx_struct_sheet_hbond.range_1_auth_comp_id    PHE 
_pdbx_struct_sheet_hbond.range_1_auth_asym_id    A 
_pdbx_struct_sheet_hbond.range_1_auth_seq_id     3 
_pdbx_struct_sheet_hbond.range_2_label_atom_id   O 
_pdbx_struct_sheet_hbond.range_2_label_comp_id   TYR 
_pdbx_struct_sheet_hbond.range_2_label_asym_id   A 
_pdbx_struct_sheet_hbond.range_2_label_seq_id    10 
_pdbx_struct_sheet_hbond.range_2_PDB_ins_code    ? 
_pdbx_struct_sheet_hbond.range_2_auth_atom_id    O 
_pdbx_struct_sheet_hbond.range_2_auth_comp_id    TYR 
_pdbx_struct_sheet_hbond.range_2_auth_asym_id    A 
_pdbx_struct_sheet_hbond.range_2_auth_seq_id     10 
# 
_pdbx_entry_details.entry_id                   2V4X 
_pdbx_entry_details.compound_details           ? 
_pdbx_entry_details.source_details             ? 
_pdbx_entry_details.nonpolymer_details         ? 
_pdbx_entry_details.sequence_details           ? 
_pdbx_entry_details.has_ligand_of_interest     ? 
_pdbx_entry_details.has_protein_modification   Y 
# 
_pdbx_validate_torsion.id              1 
_pdbx_validate_torsion.PDB_model_num   1 
_pdbx_validate_torsion.auth_comp_id    ASN 
_pdbx_validate_torsion.auth_asym_id    A 
_pdbx_validate_torsion.auth_seq_id     5 
_pdbx_validate_torsion.PDB_ins_code    ? 
_pdbx_validate_torsion.label_alt_id    ? 
_pdbx_validate_torsion.phi             -119.72 
_pdbx_validate_torsion.psi             -169.68 
# 
loop_
_pdbx_struct_mod_residue.id 
_pdbx_struct_mod_residue.label_asym_id 
_pdbx_struct_mod_residue.label_comp_id 
_pdbx_struct_mod_residue.label_seq_id 
_pdbx_struct_mod_residue.auth_asym_id 
_pdbx_struct_mod_residue.auth_comp_id 
_pdbx_struct_mod_residue.auth_seq_id 
_pdbx_struct_mod_residue.PDB_ins_code 
_pdbx_struct_mod_residue.parent_comp_id 
_pdbx_struct_mod_residue.details 
1 A MSE 39 A MSE 39 ? MET SELENOMETHIONINE 
2 A MSE 95 A MSE 95 ? MET SELENOMETHIONINE 
# 
loop_
_pdbx_refine_tls.pdbx_refine_id 
_pdbx_refine_tls.id 
_pdbx_refine_tls.details 
_pdbx_refine_tls.method 
_pdbx_refine_tls.origin_x 
_pdbx_refine_tls.origin_y 
_pdbx_refine_tls.origin_z 
_pdbx_refine_tls.T[1][1] 
_pdbx_refine_tls.T[2][2] 
_pdbx_refine_tls.T[3][3] 
_pdbx_refine_tls.T[1][2] 
_pdbx_refine_tls.T[1][3] 
_pdbx_refine_tls.T[2][3] 
_pdbx_refine_tls.L[1][1] 
_pdbx_refine_tls.L[2][2] 
_pdbx_refine_tls.L[3][3] 
_pdbx_refine_tls.L[1][2] 
_pdbx_refine_tls.L[1][3] 
_pdbx_refine_tls.L[2][3] 
_pdbx_refine_tls.S[1][1] 
_pdbx_refine_tls.S[1][2] 
_pdbx_refine_tls.S[1][3] 
_pdbx_refine_tls.S[2][1] 
_pdbx_refine_tls.S[2][2] 
_pdbx_refine_tls.S[2][3] 
_pdbx_refine_tls.S[3][1] 
_pdbx_refine_tls.S[3][2] 
_pdbx_refine_tls.S[3][3] 
'X-RAY DIFFRACTION' 1 ? refined -7.7186 12.0198 7.6458  0.0491 0.0402  0.0122 0.0478  -0.0096 -0.0127 5.4618 1.6525 6.9773 0.4547  -3.0836 0.3429  0.0566  -0.2265 0.2792  -0.0456 -0.0203 -0.0921 -0.4065 -0.1807 -0.0363 
'X-RAY DIFFRACTION' 2 ? refined 8.3130  6.0929  -3.4495 0.0172 -0.0012 0.0306 -0.0036 -0.0005 -0.0022 3.5093 0.6240 0.9703 -0.4474 -0.8365 -0.5216 0.0434  0.0781  0.2752  0.0248  -0.0369 -0.1384 -0.0864 0.0054  -0.0065 
'X-RAY DIFFRACTION' 3 ? refined -1.4577 -7.2581 -0.9350 0.0176 0.0422  0.0328 -0.0075 -0.0095 -0.0036 1.3539 1.2727 3.5121 0.5063  -1.5095 -1.5175 -0.0526 -0.0301 -0.1507 -0.0624 0.0316  0.0483  0.1500  0.0389  0.0209  
'X-RAY DIFFRACTION' 4 ? refined -4.0887 -2.8220 2.0488  0.0213 0.0205  0.0194 0.0025  0.0016  0.0118  2.0898 1.0883 1.2379 -0.1992 -0.3478 -0.2191 -0.0166 -0.0367 -0.1132 -0.0009 0.0794  0.0951  -0.0201 -0.0567 -0.0628  
# 
loop_
_pdbx_refine_tls_group.pdbx_refine_id 
_pdbx_refine_tls_group.id 
_pdbx_refine_tls_group.refine_tls_id 
_pdbx_refine_tls_group.beg_auth_asym_id 
_pdbx_refine_tls_group.beg_auth_seq_id 
_pdbx_refine_tls_group.beg_label_asym_id 
_pdbx_refine_tls_group.beg_label_seq_id 
_pdbx_refine_tls_group.end_auth_asym_id 
_pdbx_refine_tls_group.end_auth_seq_id 
_pdbx_refine_tls_group.end_label_asym_id 
_pdbx_refine_tls_group.end_label_seq_id 
_pdbx_refine_tls_group.selection 
_pdbx_refine_tls_group.selection_details 
'X-RAY DIFFRACTION' 1 1 A 1  ? ? A 14  ? ? ? ? 
'X-RAY DIFFRACTION' 2 2 A 15 ? ? A 53  ? ? ? ? 
'X-RAY DIFFRACTION' 3 3 A 54 ? ? A 91  ? ? ? ? 
'X-RAY DIFFRACTION' 4 4 A 92 ? ? A 131 ? ? ? ? 
# 
_pdbx_database_remark.id     650 
_pdbx_database_remark.text   
;
HELIX
DETERMINATION METHOD: AUTHOR PROVIDED.
;
# 
loop_
_pdbx_distant_solvent_atoms.id 
_pdbx_distant_solvent_atoms.PDB_model_num 
_pdbx_distant_solvent_atoms.auth_atom_id 
_pdbx_distant_solvent_atoms.label_alt_id 
_pdbx_distant_solvent_atoms.auth_asym_id 
_pdbx_distant_solvent_atoms.auth_comp_id 
_pdbx_distant_solvent_atoms.auth_seq_id 
_pdbx_distant_solvent_atoms.PDB_ins_code 
_pdbx_distant_solvent_atoms.neighbor_macromolecule_distance 
_pdbx_distant_solvent_atoms.neighbor_ligand_distance 
1 1 O ? A HOH 2011 ? 6.02 . 
2 1 O ? A HOH 2012 ? 6.95 . 
3 1 O ? A HOH 2017 ? 6.31 . 
4 1 O ? A HOH 2023 ? 6.85 . 
5 1 O ? A HOH 2045 ? 6.14 . 
6 1 O ? A HOH 2081 ? 5.89 . 
7 1 O ? A HOH 2093 ? 6.18 . 
# 
loop_
_pdbx_unobs_or_zero_occ_residues.id 
_pdbx_unobs_or_zero_occ_residues.PDB_model_num 
_pdbx_unobs_or_zero_occ_residues.polymer_flag 
_pdbx_unobs_or_zero_occ_residues.occupancy_flag 
_pdbx_unobs_or_zero_occ_residues.auth_asym_id 
_pdbx_unobs_or_zero_occ_residues.auth_comp_id 
_pdbx_unobs_or_zero_occ_residues.auth_seq_id 
_pdbx_unobs_or_zero_occ_residues.PDB_ins_code 
_pdbx_unobs_or_zero_occ_residues.label_asym_id 
_pdbx_unobs_or_zero_occ_residues.label_comp_id 
_pdbx_unobs_or_zero_occ_residues.label_seq_id 
1 1 Y 1 A SER 132 ? A SER 132 
2 1 Y 1 A LEU 133 ? A LEU 133 
3 1 Y 1 A GLU 134 ? A GLU 134 
4 1 Y 1 A HIS 135 ? A HIS 135 
5 1 Y 1 A HIS 136 ? A HIS 136 
6 1 Y 1 A HIS 137 ? A HIS 137 
7 1 Y 1 A HIS 138 ? A HIS 138 
8 1 Y 1 A HIS 139 ? A HIS 139 
9 1 Y 1 A HIS 140 ? A HIS 140 
# 
loop_
_chem_comp_atom.comp_id 
_chem_comp_atom.atom_id 
_chem_comp_atom.type_symbol 
_chem_comp_atom.pdbx_aromatic_flag 
_chem_comp_atom.pdbx_stereo_config 
_chem_comp_atom.pdbx_ordinal 
ALA N    N  N N 1   
ALA CA   C  N S 2   
ALA C    C  N N 3   
ALA O    O  N N 4   
ALA CB   C  N N 5   
ALA OXT  O  N N 6   
ALA H    H  N N 7   
ALA H2   H  N N 8   
ALA HA   H  N N 9   
ALA HB1  H  N N 10  
ALA HB2  H  N N 11  
ALA HB3  H  N N 12  
ALA HXT  H  N N 13  
ARG N    N  N N 14  
ARG CA   C  N S 15  
ARG C    C  N N 16  
ARG O    O  N N 17  
ARG CB   C  N N 18  
ARG CG   C  N N 19  
ARG CD   C  N N 20  
ARG NE   N  N N 21  
ARG CZ   C  N N 22  
ARG NH1  N  N N 23  
ARG NH2  N  N N 24  
ARG OXT  O  N N 25  
ARG H    H  N N 26  
ARG H2   H  N N 27  
ARG HA   H  N N 28  
ARG HB2  H  N N 29  
ARG HB3  H  N N 30  
ARG HG2  H  N N 31  
ARG HG3  H  N N 32  
ARG HD2  H  N N 33  
ARG HD3  H  N N 34  
ARG HE   H  N N 35  
ARG HH11 H  N N 36  
ARG HH12 H  N N 37  
ARG HH21 H  N N 38  
ARG HH22 H  N N 39  
ARG HXT  H  N N 40  
ASN N    N  N N 41  
ASN CA   C  N S 42  
ASN C    C  N N 43  
ASN O    O  N N 44  
ASN CB   C  N N 45  
ASN CG   C  N N 46  
ASN OD1  O  N N 47  
ASN ND2  N  N N 48  
ASN OXT  O  N N 49  
ASN H    H  N N 50  
ASN H2   H  N N 51  
ASN HA   H  N N 52  
ASN HB2  H  N N 53  
ASN HB3  H  N N 54  
ASN HD21 H  N N 55  
ASN HD22 H  N N 56  
ASN HXT  H  N N 57  
ASP N    N  N N 58  
ASP CA   C  N S 59  
ASP C    C  N N 60  
ASP O    O  N N 61  
ASP CB   C  N N 62  
ASP CG   C  N N 63  
ASP OD1  O  N N 64  
ASP OD2  O  N N 65  
ASP OXT  O  N N 66  
ASP H    H  N N 67  
ASP H2   H  N N 68  
ASP HA   H  N N 69  
ASP HB2  H  N N 70  
ASP HB3  H  N N 71  
ASP HD2  H  N N 72  
ASP HXT  H  N N 73  
CYS N    N  N N 74  
CYS CA   C  N R 75  
CYS C    C  N N 76  
CYS O    O  N N 77  
CYS CB   C  N N 78  
CYS SG   S  N N 79  
CYS OXT  O  N N 80  
CYS H    H  N N 81  
CYS H2   H  N N 82  
CYS HA   H  N N 83  
CYS HB2  H  N N 84  
CYS HB3  H  N N 85  
CYS HG   H  N N 86  
CYS HXT  H  N N 87  
GLN N    N  N N 88  
GLN CA   C  N S 89  
GLN C    C  N N 90  
GLN O    O  N N 91  
GLN CB   C  N N 92  
GLN CG   C  N N 93  
GLN CD   C  N N 94  
GLN OE1  O  N N 95  
GLN NE2  N  N N 96  
GLN OXT  O  N N 97  
GLN H    H  N N 98  
GLN H2   H  N N 99  
GLN HA   H  N N 100 
GLN HB2  H  N N 101 
GLN HB3  H  N N 102 
GLN HG2  H  N N 103 
GLN HG3  H  N N 104 
GLN HE21 H  N N 105 
GLN HE22 H  N N 106 
GLN HXT  H  N N 107 
GLU N    N  N N 108 
GLU CA   C  N S 109 
GLU C    C  N N 110 
GLU O    O  N N 111 
GLU CB   C  N N 112 
GLU CG   C  N N 113 
GLU CD   C  N N 114 
GLU OE1  O  N N 115 
GLU OE2  O  N N 116 
GLU OXT  O  N N 117 
GLU H    H  N N 118 
GLU H2   H  N N 119 
GLU HA   H  N N 120 
GLU HB2  H  N N 121 
GLU HB3  H  N N 122 
GLU HG2  H  N N 123 
GLU HG3  H  N N 124 
GLU HE2  H  N N 125 
GLU HXT  H  N N 126 
GLY N    N  N N 127 
GLY CA   C  N N 128 
GLY C    C  N N 129 
GLY O    O  N N 130 
GLY OXT  O  N N 131 
GLY H    H  N N 132 
GLY H2   H  N N 133 
GLY HA2  H  N N 134 
GLY HA3  H  N N 135 
GLY HXT  H  N N 136 
HIS N    N  N N 137 
HIS CA   C  N S 138 
HIS C    C  N N 139 
HIS O    O  N N 140 
HIS CB   C  N N 141 
HIS CG   C  Y N 142 
HIS ND1  N  Y N 143 
HIS CD2  C  Y N 144 
HIS CE1  C  Y N 145 
HIS NE2  N  Y N 146 
HIS OXT  O  N N 147 
HIS H    H  N N 148 
HIS H2   H  N N 149 
HIS HA   H  N N 150 
HIS HB2  H  N N 151 
HIS HB3  H  N N 152 
HIS HD1  H  N N 153 
HIS HD2  H  N N 154 
HIS HE1  H  N N 155 
HIS HE2  H  N N 156 
HIS HXT  H  N N 157 
HOH O    O  N N 158 
HOH H1   H  N N 159 
HOH H2   H  N N 160 
ILE N    N  N N 161 
ILE CA   C  N S 162 
ILE C    C  N N 163 
ILE O    O  N N 164 
ILE CB   C  N S 165 
ILE CG1  C  N N 166 
ILE CG2  C  N N 167 
ILE CD1  C  N N 168 
ILE OXT  O  N N 169 
ILE H    H  N N 170 
ILE H2   H  N N 171 
ILE HA   H  N N 172 
ILE HB   H  N N 173 
ILE HG12 H  N N 174 
ILE HG13 H  N N 175 
ILE HG21 H  N N 176 
ILE HG22 H  N N 177 
ILE HG23 H  N N 178 
ILE HD11 H  N N 179 
ILE HD12 H  N N 180 
ILE HD13 H  N N 181 
ILE HXT  H  N N 182 
LEU N    N  N N 183 
LEU CA   C  N S 184 
LEU C    C  N N 185 
LEU O    O  N N 186 
LEU CB   C  N N 187 
LEU CG   C  N N 188 
LEU CD1  C  N N 189 
LEU CD2  C  N N 190 
LEU OXT  O  N N 191 
LEU H    H  N N 192 
LEU H2   H  N N 193 
LEU HA   H  N N 194 
LEU HB2  H  N N 195 
LEU HB3  H  N N 196 
LEU HG   H  N N 197 
LEU HD11 H  N N 198 
LEU HD12 H  N N 199 
LEU HD13 H  N N 200 
LEU HD21 H  N N 201 
LEU HD22 H  N N 202 
LEU HD23 H  N N 203 
LEU HXT  H  N N 204 
LYS N    N  N N 205 
LYS CA   C  N S 206 
LYS C    C  N N 207 
LYS O    O  N N 208 
LYS CB   C  N N 209 
LYS CG   C  N N 210 
LYS CD   C  N N 211 
LYS CE   C  N N 212 
LYS NZ   N  N N 213 
LYS OXT  O  N N 214 
LYS H    H  N N 215 
LYS H2   H  N N 216 
LYS HA   H  N N 217 
LYS HB2  H  N N 218 
LYS HB3  H  N N 219 
LYS HG2  H  N N 220 
LYS HG3  H  N N 221 
LYS HD2  H  N N 222 
LYS HD3  H  N N 223 
LYS HE2  H  N N 224 
LYS HE3  H  N N 225 
LYS HZ1  H  N N 226 
LYS HZ2  H  N N 227 
LYS HZ3  H  N N 228 
LYS HXT  H  N N 229 
MSE N    N  N N 230 
MSE CA   C  N S 231 
MSE C    C  N N 232 
MSE O    O  N N 233 
MSE OXT  O  N N 234 
MSE CB   C  N N 235 
MSE CG   C  N N 236 
MSE SE   SE N N 237 
MSE CE   C  N N 238 
MSE H    H  N N 239 
MSE H2   H  N N 240 
MSE HA   H  N N 241 
MSE HXT  H  N N 242 
MSE HB2  H  N N 243 
MSE HB3  H  N N 244 
MSE HG2  H  N N 245 
MSE HG3  H  N N 246 
MSE HE1  H  N N 247 
MSE HE2  H  N N 248 
MSE HE3  H  N N 249 
PHE N    N  N N 250 
PHE CA   C  N S 251 
PHE C    C  N N 252 
PHE O    O  N N 253 
PHE CB   C  N N 254 
PHE CG   C  Y N 255 
PHE CD1  C  Y N 256 
PHE CD2  C  Y N 257 
PHE CE1  C  Y N 258 
PHE CE2  C  Y N 259 
PHE CZ   C  Y N 260 
PHE OXT  O  N N 261 
PHE H    H  N N 262 
PHE H2   H  N N 263 
PHE HA   H  N N 264 
PHE HB2  H  N N 265 
PHE HB3  H  N N 266 
PHE HD1  H  N N 267 
PHE HD2  H  N N 268 
PHE HE1  H  N N 269 
PHE HE2  H  N N 270 
PHE HZ   H  N N 271 
PHE HXT  H  N N 272 
PRO N    N  N N 273 
PRO CA   C  N S 274 
PRO C    C  N N 275 
PRO O    O  N N 276 
PRO CB   C  N N 277 
PRO CG   C  N N 278 
PRO CD   C  N N 279 
PRO OXT  O  N N 280 
PRO H    H  N N 281 
PRO HA   H  N N 282 
PRO HB2  H  N N 283 
PRO HB3  H  N N 284 
PRO HG2  H  N N 285 
PRO HG3  H  N N 286 
PRO HD2  H  N N 287 
PRO HD3  H  N N 288 
PRO HXT  H  N N 289 
SER N    N  N N 290 
SER CA   C  N S 291 
SER C    C  N N 292 
SER O    O  N N 293 
SER CB   C  N N 294 
SER OG   O  N N 295 
SER OXT  O  N N 296 
SER H    H  N N 297 
SER H2   H  N N 298 
SER HA   H  N N 299 
SER HB2  H  N N 300 
SER HB3  H  N N 301 
SER HG   H  N N 302 
SER HXT  H  N N 303 
THR N    N  N N 304 
THR CA   C  N S 305 
THR C    C  N N 306 
THR O    O  N N 307 
THR CB   C  N R 308 
THR OG1  O  N N 309 
THR CG2  C  N N 310 
THR OXT  O  N N 311 
THR H    H  N N 312 
THR H2   H  N N 313 
THR HA   H  N N 314 
THR HB   H  N N 315 
THR HG1  H  N N 316 
THR HG21 H  N N 317 
THR HG22 H  N N 318 
THR HG23 H  N N 319 
THR HXT  H  N N 320 
TRP N    N  N N 321 
TRP CA   C  N S 322 
TRP C    C  N N 323 
TRP O    O  N N 324 
TRP CB   C  N N 325 
TRP CG   C  Y N 326 
TRP CD1  C  Y N 327 
TRP CD2  C  Y N 328 
TRP NE1  N  Y N 329 
TRP CE2  C  Y N 330 
TRP CE3  C  Y N 331 
TRP CZ2  C  Y N 332 
TRP CZ3  C  Y N 333 
TRP CH2  C  Y N 334 
TRP OXT  O  N N 335 
TRP H    H  N N 336 
TRP H2   H  N N 337 
TRP HA   H  N N 338 
TRP HB2  H  N N 339 
TRP HB3  H  N N 340 
TRP HD1  H  N N 341 
TRP HE1  H  N N 342 
TRP HE3  H  N N 343 
TRP HZ2  H  N N 344 
TRP HZ3  H  N N 345 
TRP HH2  H  N N 346 
TRP HXT  H  N N 347 
TYR N    N  N N 348 
TYR CA   C  N S 349 
TYR C    C  N N 350 
TYR O    O  N N 351 
TYR CB   C  N N 352 
TYR CG   C  Y N 353 
TYR CD1  C  Y N 354 
TYR CD2  C  Y N 355 
TYR CE1  C  Y N 356 
TYR CE2  C  Y N 357 
TYR CZ   C  Y N 358 
TYR OH   O  N N 359 
TYR OXT  O  N N 360 
TYR H    H  N N 361 
TYR H2   H  N N 362 
TYR HA   H  N N 363 
TYR HB2  H  N N 364 
TYR HB3  H  N N 365 
TYR HD1  H  N N 366 
TYR HD2  H  N N 367 
TYR HE1  H  N N 368 
TYR HE2  H  N N 369 
TYR HH   H  N N 370 
TYR HXT  H  N N 371 
VAL N    N  N N 372 
VAL CA   C  N S 373 
VAL C    C  N N 374 
VAL O    O  N N 375 
VAL CB   C  N N 376 
VAL CG1  C  N N 377 
VAL CG2  C  N N 378 
VAL OXT  O  N N 379 
VAL H    H  N N 380 
VAL H2   H  N N 381 
VAL HA   H  N N 382 
VAL HB   H  N N 383 
VAL HG11 H  N N 384 
VAL HG12 H  N N 385 
VAL HG13 H  N N 386 
VAL HG21 H  N N 387 
VAL HG22 H  N N 388 
VAL HG23 H  N N 389 
VAL HXT  H  N N 390 
# 
loop_
_chem_comp_bond.comp_id 
_chem_comp_bond.atom_id_1 
_chem_comp_bond.atom_id_2 
_chem_comp_bond.value_order 
_chem_comp_bond.pdbx_aromatic_flag 
_chem_comp_bond.pdbx_stereo_config 
_chem_comp_bond.pdbx_ordinal 
ALA N   CA   sing N N 1   
ALA N   H    sing N N 2   
ALA N   H2   sing N N 3   
ALA CA  C    sing N N 4   
ALA CA  CB   sing N N 5   
ALA CA  HA   sing N N 6   
ALA C   O    doub N N 7   
ALA C   OXT  sing N N 8   
ALA CB  HB1  sing N N 9   
ALA CB  HB2  sing N N 10  
ALA CB  HB3  sing N N 11  
ALA OXT HXT  sing N N 12  
ARG N   CA   sing N N 13  
ARG N   H    sing N N 14  
ARG N   H2   sing N N 15  
ARG CA  C    sing N N 16  
ARG CA  CB   sing N N 17  
ARG CA  HA   sing N N 18  
ARG C   O    doub N N 19  
ARG C   OXT  sing N N 20  
ARG CB  CG   sing N N 21  
ARG CB  HB2  sing N N 22  
ARG CB  HB3  sing N N 23  
ARG CG  CD   sing N N 24  
ARG CG  HG2  sing N N 25  
ARG CG  HG3  sing N N 26  
ARG CD  NE   sing N N 27  
ARG CD  HD2  sing N N 28  
ARG CD  HD3  sing N N 29  
ARG NE  CZ   sing N N 30  
ARG NE  HE   sing N N 31  
ARG CZ  NH1  sing N N 32  
ARG CZ  NH2  doub N N 33  
ARG NH1 HH11 sing N N 34  
ARG NH1 HH12 sing N N 35  
ARG NH2 HH21 sing N N 36  
ARG NH2 HH22 sing N N 37  
ARG OXT HXT  sing N N 38  
ASN N   CA   sing N N 39  
ASN N   H    sing N N 40  
ASN N   H2   sing N N 41  
ASN CA  C    sing N N 42  
ASN CA  CB   sing N N 43  
ASN CA  HA   sing N N 44  
ASN C   O    doub N N 45  
ASN C   OXT  sing N N 46  
ASN CB  CG   sing N N 47  
ASN CB  HB2  sing N N 48  
ASN CB  HB3  sing N N 49  
ASN CG  OD1  doub N N 50  
ASN CG  ND2  sing N N 51  
ASN ND2 HD21 sing N N 52  
ASN ND2 HD22 sing N N 53  
ASN OXT HXT  sing N N 54  
ASP N   CA   sing N N 55  
ASP N   H    sing N N 56  
ASP N   H2   sing N N 57  
ASP CA  C    sing N N 58  
ASP CA  CB   sing N N 59  
ASP CA  HA   sing N N 60  
ASP C   O    doub N N 61  
ASP C   OXT  sing N N 62  
ASP CB  CG   sing N N 63  
ASP CB  HB2  sing N N 64  
ASP CB  HB3  sing N N 65  
ASP CG  OD1  doub N N 66  
ASP CG  OD2  sing N N 67  
ASP OD2 HD2  sing N N 68  
ASP OXT HXT  sing N N 69  
CYS N   CA   sing N N 70  
CYS N   H    sing N N 71  
CYS N   H2   sing N N 72  
CYS CA  C    sing N N 73  
CYS CA  CB   sing N N 74  
CYS CA  HA   sing N N 75  
CYS C   O    doub N N 76  
CYS C   OXT  sing N N 77  
CYS CB  SG   sing N N 78  
CYS CB  HB2  sing N N 79  
CYS CB  HB3  sing N N 80  
CYS SG  HG   sing N N 81  
CYS OXT HXT  sing N N 82  
GLN N   CA   sing N N 83  
GLN N   H    sing N N 84  
GLN N   H2   sing N N 85  
GLN CA  C    sing N N 86  
GLN CA  CB   sing N N 87  
GLN CA  HA   sing N N 88  
GLN C   O    doub N N 89  
GLN C   OXT  sing N N 90  
GLN CB  CG   sing N N 91  
GLN CB  HB2  sing N N 92  
GLN CB  HB3  sing N N 93  
GLN CG  CD   sing N N 94  
GLN CG  HG2  sing N N 95  
GLN CG  HG3  sing N N 96  
GLN CD  OE1  doub N N 97  
GLN CD  NE2  sing N N 98  
GLN NE2 HE21 sing N N 99  
GLN NE2 HE22 sing N N 100 
GLN OXT HXT  sing N N 101 
GLU N   CA   sing N N 102 
GLU N   H    sing N N 103 
GLU N   H2   sing N N 104 
GLU CA  C    sing N N 105 
GLU CA  CB   sing N N 106 
GLU CA  HA   sing N N 107 
GLU C   O    doub N N 108 
GLU C   OXT  sing N N 109 
GLU CB  CG   sing N N 110 
GLU CB  HB2  sing N N 111 
GLU CB  HB3  sing N N 112 
GLU CG  CD   sing N N 113 
GLU CG  HG2  sing N N 114 
GLU CG  HG3  sing N N 115 
GLU CD  OE1  doub N N 116 
GLU CD  OE2  sing N N 117 
GLU OE2 HE2  sing N N 118 
GLU OXT HXT  sing N N 119 
GLY N   CA   sing N N 120 
GLY N   H    sing N N 121 
GLY N   H2   sing N N 122 
GLY CA  C    sing N N 123 
GLY CA  HA2  sing N N 124 
GLY CA  HA3  sing N N 125 
GLY C   O    doub N N 126 
GLY C   OXT  sing N N 127 
GLY OXT HXT  sing N N 128 
HIS N   CA   sing N N 129 
HIS N   H    sing N N 130 
HIS N   H2   sing N N 131 
HIS CA  C    sing N N 132 
HIS CA  CB   sing N N 133 
HIS CA  HA   sing N N 134 
HIS C   O    doub N N 135 
HIS C   OXT  sing N N 136 
HIS CB  CG   sing N N 137 
HIS CB  HB2  sing N N 138 
HIS CB  HB3  sing N N 139 
HIS CG  ND1  sing Y N 140 
HIS CG  CD2  doub Y N 141 
HIS ND1 CE1  doub Y N 142 
HIS ND1 HD1  sing N N 143 
HIS CD2 NE2  sing Y N 144 
HIS CD2 HD2  sing N N 145 
HIS CE1 NE2  sing Y N 146 
HIS CE1 HE1  sing N N 147 
HIS NE2 HE2  sing N N 148 
HIS OXT HXT  sing N N 149 
HOH O   H1   sing N N 150 
HOH O   H2   sing N N 151 
ILE N   CA   sing N N 152 
ILE N   H    sing N N 153 
ILE N   H2   sing N N 154 
ILE CA  C    sing N N 155 
ILE CA  CB   sing N N 156 
ILE CA  HA   sing N N 157 
ILE C   O    doub N N 158 
ILE C   OXT  sing N N 159 
ILE CB  CG1  sing N N 160 
ILE CB  CG2  sing N N 161 
ILE CB  HB   sing N N 162 
ILE CG1 CD1  sing N N 163 
ILE CG1 HG12 sing N N 164 
ILE CG1 HG13 sing N N 165 
ILE CG2 HG21 sing N N 166 
ILE CG2 HG22 sing N N 167 
ILE CG2 HG23 sing N N 168 
ILE CD1 HD11 sing N N 169 
ILE CD1 HD12 sing N N 170 
ILE CD1 HD13 sing N N 171 
ILE OXT HXT  sing N N 172 
LEU N   CA   sing N N 173 
LEU N   H    sing N N 174 
LEU N   H2   sing N N 175 
LEU CA  C    sing N N 176 
LEU CA  CB   sing N N 177 
LEU CA  HA   sing N N 178 
LEU C   O    doub N N 179 
LEU C   OXT  sing N N 180 
LEU CB  CG   sing N N 181 
LEU CB  HB2  sing N N 182 
LEU CB  HB3  sing N N 183 
LEU CG  CD1  sing N N 184 
LEU CG  CD2  sing N N 185 
LEU CG  HG   sing N N 186 
LEU CD1 HD11 sing N N 187 
LEU CD1 HD12 sing N N 188 
LEU CD1 HD13 sing N N 189 
LEU CD2 HD21 sing N N 190 
LEU CD2 HD22 sing N N 191 
LEU CD2 HD23 sing N N 192 
LEU OXT HXT  sing N N 193 
LYS N   CA   sing N N 194 
LYS N   H    sing N N 195 
LYS N   H2   sing N N 196 
LYS CA  C    sing N N 197 
LYS CA  CB   sing N N 198 
LYS CA  HA   sing N N 199 
LYS C   O    doub N N 200 
LYS C   OXT  sing N N 201 
LYS CB  CG   sing N N 202 
LYS CB  HB2  sing N N 203 
LYS CB  HB3  sing N N 204 
LYS CG  CD   sing N N 205 
LYS CG  HG2  sing N N 206 
LYS CG  HG3  sing N N 207 
LYS CD  CE   sing N N 208 
LYS CD  HD2  sing N N 209 
LYS CD  HD3  sing N N 210 
LYS CE  NZ   sing N N 211 
LYS CE  HE2  sing N N 212 
LYS CE  HE3  sing N N 213 
LYS NZ  HZ1  sing N N 214 
LYS NZ  HZ2  sing N N 215 
LYS NZ  HZ3  sing N N 216 
LYS OXT HXT  sing N N 217 
MSE N   CA   sing N N 218 
MSE N   H    sing N N 219 
MSE N   H2   sing N N 220 
MSE CA  C    sing N N 221 
MSE CA  CB   sing N N 222 
MSE CA  HA   sing N N 223 
MSE C   O    doub N N 224 
MSE C   OXT  sing N N 225 
MSE OXT HXT  sing N N 226 
MSE CB  CG   sing N N 227 
MSE CB  HB2  sing N N 228 
MSE CB  HB3  sing N N 229 
MSE CG  SE   sing N N 230 
MSE CG  HG2  sing N N 231 
MSE CG  HG3  sing N N 232 
MSE SE  CE   sing N N 233 
MSE CE  HE1  sing N N 234 
MSE CE  HE2  sing N N 235 
MSE CE  HE3  sing N N 236 
PHE N   CA   sing N N 237 
PHE N   H    sing N N 238 
PHE N   H2   sing N N 239 
PHE CA  C    sing N N 240 
PHE CA  CB   sing N N 241 
PHE CA  HA   sing N N 242 
PHE C   O    doub N N 243 
PHE C   OXT  sing N N 244 
PHE CB  CG   sing N N 245 
PHE CB  HB2  sing N N 246 
PHE CB  HB3  sing N N 247 
PHE CG  CD1  doub Y N 248 
PHE CG  CD2  sing Y N 249 
PHE CD1 CE1  sing Y N 250 
PHE CD1 HD1  sing N N 251 
PHE CD2 CE2  doub Y N 252 
PHE CD2 HD2  sing N N 253 
PHE CE1 CZ   doub Y N 254 
PHE CE1 HE1  sing N N 255 
PHE CE2 CZ   sing Y N 256 
PHE CE2 HE2  sing N N 257 
PHE CZ  HZ   sing N N 258 
PHE OXT HXT  sing N N 259 
PRO N   CA   sing N N 260 
PRO N   CD   sing N N 261 
PRO N   H    sing N N 262 
PRO CA  C    sing N N 263 
PRO CA  CB   sing N N 264 
PRO CA  HA   sing N N 265 
PRO C   O    doub N N 266 
PRO C   OXT  sing N N 267 
PRO CB  CG   sing N N 268 
PRO CB  HB2  sing N N 269 
PRO CB  HB3  sing N N 270 
PRO CG  CD   sing N N 271 
PRO CG  HG2  sing N N 272 
PRO CG  HG3  sing N N 273 
PRO CD  HD2  sing N N 274 
PRO CD  HD3  sing N N 275 
PRO OXT HXT  sing N N 276 
SER N   CA   sing N N 277 
SER N   H    sing N N 278 
SER N   H2   sing N N 279 
SER CA  C    sing N N 280 
SER CA  CB   sing N N 281 
SER CA  HA   sing N N 282 
SER C   O    doub N N 283 
SER C   OXT  sing N N 284 
SER CB  OG   sing N N 285 
SER CB  HB2  sing N N 286 
SER CB  HB3  sing N N 287 
SER OG  HG   sing N N 288 
SER OXT HXT  sing N N 289 
THR N   CA   sing N N 290 
THR N   H    sing N N 291 
THR N   H2   sing N N 292 
THR CA  C    sing N N 293 
THR CA  CB   sing N N 294 
THR CA  HA   sing N N 295 
THR C   O    doub N N 296 
THR C   OXT  sing N N 297 
THR CB  OG1  sing N N 298 
THR CB  CG2  sing N N 299 
THR CB  HB   sing N N 300 
THR OG1 HG1  sing N N 301 
THR CG2 HG21 sing N N 302 
THR CG2 HG22 sing N N 303 
THR CG2 HG23 sing N N 304 
THR OXT HXT  sing N N 305 
TRP N   CA   sing N N 306 
TRP N   H    sing N N 307 
TRP N   H2   sing N N 308 
TRP CA  C    sing N N 309 
TRP CA  CB   sing N N 310 
TRP CA  HA   sing N N 311 
TRP C   O    doub N N 312 
TRP C   OXT  sing N N 313 
TRP CB  CG   sing N N 314 
TRP CB  HB2  sing N N 315 
TRP CB  HB3  sing N N 316 
TRP CG  CD1  doub Y N 317 
TRP CG  CD2  sing Y N 318 
TRP CD1 NE1  sing Y N 319 
TRP CD1 HD1  sing N N 320 
TRP CD2 CE2  doub Y N 321 
TRP CD2 CE3  sing Y N 322 
TRP NE1 CE2  sing Y N 323 
TRP NE1 HE1  sing N N 324 
TRP CE2 CZ2  sing Y N 325 
TRP CE3 CZ3  doub Y N 326 
TRP CE3 HE3  sing N N 327 
TRP CZ2 CH2  doub Y N 328 
TRP CZ2 HZ2  sing N N 329 
TRP CZ3 CH2  sing Y N 330 
TRP CZ3 HZ3  sing N N 331 
TRP CH2 HH2  sing N N 332 
TRP OXT HXT  sing N N 333 
TYR N   CA   sing N N 334 
TYR N   H    sing N N 335 
TYR N   H2   sing N N 336 
TYR CA  C    sing N N 337 
TYR CA  CB   sing N N 338 
TYR CA  HA   sing N N 339 
TYR C   O    doub N N 340 
TYR C   OXT  sing N N 341 
TYR CB  CG   sing N N 342 
TYR CB  HB2  sing N N 343 
TYR CB  HB3  sing N N 344 
TYR CG  CD1  doub Y N 345 
TYR CG  CD2  sing Y N 346 
TYR CD1 CE1  sing Y N 347 
TYR CD1 HD1  sing N N 348 
TYR CD2 CE2  doub Y N 349 
TYR CD2 HD2  sing N N 350 
TYR CE1 CZ   doub Y N 351 
TYR CE1 HE1  sing N N 352 
TYR CE2 CZ   sing Y N 353 
TYR CE2 HE2  sing N N 354 
TYR CZ  OH   sing N N 355 
TYR OH  HH   sing N N 356 
TYR OXT HXT  sing N N 357 
VAL N   CA   sing N N 358 
VAL N   H    sing N N 359 
VAL N   H2   sing N N 360 
VAL CA  C    sing N N 361 
VAL CA  CB   sing N N 362 
VAL CA  HA   sing N N 363 
VAL C   O    doub N N 364 
VAL C   OXT  sing N N 365 
VAL CB  CG1  sing N N 366 
VAL CB  CG2  sing N N 367 
VAL CB  HB   sing N N 368 
VAL CG1 HG11 sing N N 369 
VAL CG1 HG12 sing N N 370 
VAL CG1 HG13 sing N N 371 
VAL CG2 HG21 sing N N 372 
VAL CG2 HG22 sing N N 373 
VAL CG2 HG23 sing N N 374 
VAL OXT HXT  sing N N 375 
# 
_atom_sites.entry_id                    2V4X 
_atom_sites.fract_transf_matrix[1][1]   0.00600988 
_atom_sites.fract_transf_matrix[1][2]   0.02043161 
_atom_sites.fract_transf_matrix[1][3]   0.02874229 
_atom_sites.fract_transf_matrix[2][1]   0.01048609 
_atom_sites.fract_transf_matrix[2][2]   -0.01214816 
_atom_sites.fract_transf_matrix[2][3]   0.00644299 
_atom_sites.fract_transf_matrix[3][1]   0.02041748 
_atom_sites.fract_transf_matrix[3][2]   0.01522640 
_atom_sites.fract_transf_matrix[3][3]   -0.00452069 
_atom_sites.fract_transf_vector[1]      0.913133 
_atom_sites.fract_transf_vector[2]      0.547990 
_atom_sites.fract_transf_vector[3]      -0.013649 
# 
loop_
_atom_type.symbol 
C  
N  
O  
S  
SE 
# 
loop_
_atom_site.group_PDB 
_atom_site.id 
_atom_site.type_symbol 
_atom_site.label_atom_id 
_atom_site.label_alt_id 
_atom_site.label_comp_id 
_atom_site.label_asym_id 
_atom_site.label_entity_id 
_atom_site.label_seq_id 
_atom_site.pdbx_PDB_ins_code 
_atom_site.Cartn_x 
_atom_site.Cartn_y 
_atom_site.Cartn_z 
_atom_site.occupancy 
_atom_site.B_iso_or_equiv 
_atom_site.pdbx_formal_charge 
_atom_site.auth_seq_id 
_atom_site.auth_comp_id 
_atom_site.auth_asym_id 
_atom_site.auth_atom_id 
_atom_site.pdbx_PDB_model_num 
ATOM   1    N  N   . PRO A 1 1   ? -3.094  9.450   2.156   1.00 7.20  ? 1    PRO A N   1 
ATOM   2    C  CA  . PRO A 1 1   ? -3.043  8.773   3.461   1.00 7.79  ? 1    PRO A CA  1 
ATOM   3    C  C   . PRO A 1 1   ? -4.221  9.106   4.363   1.00 7.34  ? 1    PRO A C   1 
ATOM   4    O  O   . PRO A 1 1   ? -5.037  9.972   4.050   1.00 7.55  ? 1    PRO A O   1 
ATOM   5    C  CB  . PRO A 1 1   ? -1.713  9.266   4.064   1.00 8.06  ? 1    PRO A CB  1 
ATOM   6    C  CG  . PRO A 1 1   ? -0.861  9.526   2.841   1.00 9.62  ? 1    PRO A CG  1 
ATOM   7    C  CD  . PRO A 1 1   ? -1.828  10.153  1.864   1.00 7.61  ? 1    PRO A CD  1 
ATOM   8    N  N   . VAL A 1 2   ? -4.288  8.388   5.473   1.00 8.01  ? 2    VAL A N   1 
ATOM   9    C  CA  . VAL A 1 2   ? -5.377  8.464   6.442   1.00 8.49  ? 2    VAL A CA  1 
ATOM   10   C  C   . VAL A 1 2   ? -4.903  9.246   7.654   1.00 8.27  ? 2    VAL A C   1 
ATOM   11   O  O   . VAL A 1 2   ? -3.818  9.003   8.181   1.00 7.54  ? 2    VAL A O   1 
ATOM   12   C  CB  . VAL A 1 2   ? -5.833  7.038   6.908   1.00 9.42  ? 2    VAL A CB  1 
ATOM   13   C  CG1 . VAL A 1 2   ? -6.918  7.120   7.994   1.00 10.41 ? 2    VAL A CG1 1 
ATOM   14   C  CG2 . VAL A 1 2   ? -6.352  6.222   5.720   1.00 10.36 ? 2    VAL A CG2 1 
ATOM   15   N  N   . PHE A 1 3   ? -5.751  10.174  8.077   1.00 8.26  ? 3    PHE A N   1 
ATOM   16   C  CA  . PHE A 1 3   ? -5.496  11.029  9.219   1.00 8.95  ? 3    PHE A CA  1 
ATOM   17   C  C   . PHE A 1 3   ? -6.714  11.037  10.114  1.00 8.51  ? 3    PHE A C   1 
ATOM   18   O  O   . PHE A 1 3   ? -7.780  10.551  9.743   1.00 8.75  ? 3    PHE A O   1 
ATOM   19   C  CB  . PHE A 1 3   ? -5.193  12.445  8.748   1.00 9.95  ? 3    PHE A CB  1 
ATOM   20   C  CG  . PHE A 1 3   ? -3.958  12.539  7.893   1.00 11.24 ? 3    PHE A CG  1 
ATOM   21   C  CD1 . PHE A 1 3   ? -2.709  12.666  8.481   1.00 12.72 ? 3    PHE A CD1 1 
ATOM   22   C  CD2 . PHE A 1 3   ? -4.043  12.455  6.505   1.00 13.87 ? 3    PHE A CD2 1 
ATOM   23   C  CE1 . PHE A 1 3   ? -1.552  12.728  7.697   1.00 13.50 ? 3    PHE A CE1 1 
ATOM   24   C  CE2 . PHE A 1 3   ? -2.885  12.525  5.720   1.00 13.07 ? 3    PHE A CE2 1 
ATOM   25   C  CZ  . PHE A 1 3   ? -1.649  12.664  6.318   1.00 12.51 ? 3    PHE A CZ  1 
ATOM   26   N  N   . GLU A 1 4   ? -6.531  11.602  11.304  1.00 8.62  ? 4    GLU A N   1 
ATOM   27   C  CA  . GLU A 1 4   ? -7.625  11.780  12.241  1.00 8.89  ? 4    GLU A CA  1 
ATOM   28   C  C   . GLU A 1 4   ? -7.615  13.223  12.722  1.00 9.25  ? 4    GLU A C   1 
ATOM   29   O  O   . GLU A 1 4   ? -6.549  13.836  12.853  1.00 8.55  ? 4    GLU A O   1 
ATOM   30   C  CB  . GLU A 1 4   ? -7.431  10.846  13.438  1.00 9.03  ? 4    GLU A CB  1 
ATOM   31   C  CG  . GLU A 1 4   ? -8.621  10.030  13.820  1.00 12.07 ? 4    GLU A CG  1 
ATOM   32   C  CD  . GLU A 1 4   ? -8.274  8.970   14.865  1.00 8.86  ? 4    GLU A CD  1 
ATOM   33   O  OE1 . GLU A 1 4   ? -7.965  9.341   15.999  1.00 13.49 ? 4    GLU A OE1 1 
ATOM   34   O  OE2 . GLU A 1 4   ? -8.272  7.773   14.522  1.00 12.92 ? 4    GLU A OE2 1 
ATOM   35   N  N   . ASN A 1 5   ? -8.808  13.761  12.944  1.00 9.43  ? 5    ASN A N   1 
ATOM   36   C  CA  . ASN A 1 5   ? -8.976  14.996  13.696  1.00 9.97  ? 5    ASN A CA  1 
ATOM   37   C  C   . ASN A 1 5   ? -9.841  14.643  14.892  1.00 9.78  ? 5    ASN A C   1 
ATOM   38   O  O   . ASN A 1 5   ? -10.043 13.461  15.176  1.00 9.96  ? 5    ASN A O   1 
ATOM   39   C  CB  . ASN A 1 5   ? -9.531  16.137  12.817  1.00 10.36 ? 5    ASN A CB  1 
ATOM   40   C  CG  . ASN A 1 5   ? -10.925 15.858  12.260  1.00 10.79 ? 5    ASN A CG  1 
ATOM   41   O  OD1 . ASN A 1 5   ? -11.722 15.151  12.865  1.00 10.79 ? 5    ASN A OD1 1 
ATOM   42   N  ND2 . ASN A 1 5   ? -11.219 16.430  11.090  1.00 12.67 ? 5    ASN A ND2 1 
ATOM   43   N  N   . ASN A 1 6   ? -10.320 15.637  15.632  1.00 10.55 ? 6    ASN A N   1 
ATOM   44   C  CA  . ASN A 1 6   ? -11.083 15.352  16.841  1.00 11.50 ? 6    ASN A CA  1 
ATOM   45   C  C   . ASN A 1 6   ? -12.412 14.636  16.618  1.00 11.70 ? 6    ASN A C   1 
ATOM   46   O  O   . ASN A 1 6   ? -13.009 14.141  17.557  1.00 12.68 ? 6    ASN A O   1 
ATOM   47   C  CB  . ASN A 1 6   ? -11.296 16.627  17.675  1.00 11.91 ? 6    ASN A CB  1 
ATOM   48   C  CG  . ASN A 1 6   ? -12.122 17.688  16.954  1.00 13.99 ? 6    ASN A CG  1 
ATOM   49   O  OD1 . ASN A 1 6   ? -12.924 17.391  16.072  1.00 18.40 ? 6    ASN A OD1 1 
ATOM   50   N  ND2 . ASN A 1 6   ? -11.921 18.947  17.342  1.00 17.54 ? 6    ASN A ND2 1 
ATOM   51   N  N   . ASN A 1 7   ? -12.859 14.567  15.370  1.00 11.55 ? 7    ASN A N   1 
ATOM   52   C  CA  . ASN A 1 7   ? -14.197 14.121  15.059  1.00 11.82 ? 7    ASN A CA  1 
ATOM   53   C  C   . ASN A 1 7   ? -14.265 12.895  14.131  1.00 11.17 ? 7    ASN A C   1 
ATOM   54   O  O   . ASN A 1 7   ? -15.240 12.142  14.168  1.00 11.13 ? 7    ASN A O   1 
ATOM   55   C  CB  . ASN A 1 7   ? -14.947 15.312  14.458  1.00 12.35 ? 7    ASN A CB  1 
ATOM   56   C  CG  . ASN A 1 7   ? -16.115 14.902  13.621  1.00 15.73 ? 7    ASN A CG  1 
ATOM   57   O  OD1 . ASN A 1 7   ? -17.196 14.591  14.141  1.00 21.67 ? 7    ASN A OD1 1 
ATOM   58   N  ND2 . ASN A 1 7   ? -15.929 14.923  12.316  1.00 17.64 ? 7    ASN A ND2 1 
ATOM   59   N  N   . GLN A 1 8   ? -13.244 12.683  13.310  1.00 10.61 ? 8    GLN A N   1 
ATOM   60   C  CA  . GLN A 1 8   ? -13.329 11.644  12.290  1.00 10.91 ? 8    GLN A CA  1 
ATOM   61   C  C   . GLN A 1 8   ? -11.977 11.257  11.697  1.00 9.87  ? 8    GLN A C   1 
ATOM   62   O  O   . GLN A 1 8   ? -10.994 11.992  11.797  1.00 9.54  ? 8    GLN A O   1 
ATOM   63   C  CB  . GLN A 1 8   ? -14.213 12.151  11.136  1.00 10.92 ? 8    GLN A CB  1 
ATOM   64   C  CG  . GLN A 1 8   ? -13.525 13.267  10.337  1.00 12.20 ? 8    GLN A CG  1 
ATOM   65   C  CD  . GLN A 1 8   ? -14.433 14.039  9.390   1.00 13.88 ? 8    GLN A CD  1 
ATOM   66   O  OE1 . GLN A 1 8   ? -15.354 14.718  9.811   1.00 19.30 ? 8    GLN A OE1 1 
ATOM   67   N  NE2 . GLN A 1 8   ? -14.124 13.976  8.108   1.00 16.37 ? 8    GLN A NE2 1 
ATOM   68   N  N   . ARG A 1 9   ? -11.970 10.103  11.037  1.00 9.56  ? 9    ARG A N   1 
ATOM   69   C  CA  . ARG A 1 9   ? -10.936 9.762   10.091  1.00 9.25  ? 9    ARG A CA  1 
ATOM   70   C  C   . ARG A 1 9   ? -11.209 10.497  8.784   1.00 8.92  ? 9    ARG A C   1 
ATOM   71   O  O   . ARG A 1 9   ? -12.354 10.589  8.326   1.00 9.60  ? 9    ARG A O   1 
ATOM   72   C  CB  . ARG A 1 9   ? -10.960 8.261   9.796   1.00 8.66  ? 9    ARG A CB  1 
ATOM   73   C  CG  . ARG A 1 9   ? -10.542 7.390   10.950  1.00 8.09  ? 9    ARG A CG  1 
ATOM   74   C  CD  . ARG A 1 9   ? -9.030  7.243   11.031  1.00 9.58  ? 9    ARG A CD  1 
ATOM   75   N  NE  . ARG A 1 9   ? -8.669  6.319   12.094  1.00 9.92  ? 9    ARG A NE  1 
ATOM   76   C  CZ  . ARG A 1 9   ? -8.655  4.990   11.974  1.00 8.52  ? 9    ARG A CZ  1 
ATOM   77   N  NH1 . ARG A 1 9   ? -8.925  4.393   10.821  1.00 8.37  ? 9    ARG A NH1 1 
ATOM   78   N  NH2 . ARG A 1 9   ? -8.327  4.255   13.027  1.00 10.13 ? 9    ARG A NH2 1 
ATOM   79   N  N   . TYR A 1 10  ? -10.148 10.992  8.167   1.00 8.54  ? 10   TYR A N   1 
ATOM   80   C  CA  . TYR A 1 10  ? -10.264 11.625  6.865   1.00 8.23  ? 10   TYR A CA  1 
ATOM   81   C  C   . TYR A 1 10  ? -9.069  11.290  5.990   1.00 8.38  ? 10   TYR A C   1 
ATOM   82   O  O   . TYR A 1 10  ? -8.041  10.790  6.479   1.00 8.51  ? 10   TYR A O   1 
ATOM   83   C  CB  . TYR A 1 10  ? -10.451 13.134  7.020   1.00 9.04  ? 10   TYR A CB  1 
ATOM   84   C  CG  . TYR A 1 10  ? -9.247  13.891  7.512   1.00 8.59  ? 10   TYR A CG  1 
ATOM   85   C  CD1 . TYR A 1 10  ? -8.261  14.319  6.629   1.00 10.06 ? 10   TYR A CD1 1 
ATOM   86   C  CD2 . TYR A 1 10  ? -9.098  14.199  8.867   1.00 8.72  ? 10   TYR A CD2 1 
ATOM   87   C  CE1 . TYR A 1 10  ? -7.165  15.028  7.070   1.00 9.54  ? 10   TYR A CE1 1 
ATOM   88   C  CE2 . TYR A 1 10  ? -8.007  14.909  9.316   1.00 10.27 ? 10   TYR A CE2 1 
ATOM   89   C  CZ  . TYR A 1 10  ? -7.042  15.318  8.416   1.00 9.54  ? 10   TYR A CZ  1 
ATOM   90   O  OH  . TYR A 1 10  ? -5.956  16.015  8.872   1.00 11.13 ? 10   TYR A OH  1 
ATOM   91   N  N   . TYR A 1 11  ? -9.237  11.567  4.695   1.00 7.66  ? 11   TYR A N   1 
ATOM   92   C  CA  . TYR A 1 11  ? -8.252  11.261  3.676   1.00 7.37  ? 11   TYR A CA  1 
ATOM   93   C  C   . TYR A 1 11  ? -7.652  12.542  3.148   1.00 7.72  ? 11   TYR A C   1 
ATOM   94   O  O   . TYR A 1 11  ? -8.369  13.521  2.895   1.00 8.28  ? 11   TYR A O   1 
ATOM   95   C  CB  . TYR A 1 11  ? -8.912  10.525  2.500   1.00 7.24  ? 11   TYR A CB  1 
ATOM   96   C  CG  . TYR A 1 11  ? -7.949  10.235  1.377   1.00 6.91  ? 11   TYR A CG  1 
ATOM   97   C  CD1 . TYR A 1 11  ? -7.077  9.166   1.459   1.00 7.35  ? 11   TYR A CD1 1 
ATOM   98   C  CD2 . TYR A 1 11  ? -7.900  11.041  0.236   1.00 6.45  ? 11   TYR A CD2 1 
ATOM   99   C  CE1 . TYR A 1 11  ? -6.174  8.900   0.454   1.00 6.33  ? 11   TYR A CE1 1 
ATOM   100  C  CE2 . TYR A 1 11  ? -6.993  10.783  -0.787  1.00 6.66  ? 11   TYR A CE2 1 
ATOM   101  C  CZ  . TYR A 1 11  ? -6.129  9.706   -0.664  1.00 6.27  ? 11   TYR A CZ  1 
ATOM   102  O  OH  . TYR A 1 11  ? -5.241  9.454   -1.678  1.00 7.62  ? 11   TYR A OH  1 
ATOM   103  N  N   . GLU A 1 12  ? -6.337  12.516  2.962   1.00 7.79  ? 12   GLU A N   1 
ATOM   104  C  CA  . GLU A 1 12  ? -5.636  13.546  2.228   1.00 8.70  ? 12   GLU A CA  1 
ATOM   105  C  C   . GLU A 1 12  ? -4.809  12.881  1.137   1.00 8.11  ? 12   GLU A C   1 
ATOM   106  O  O   . GLU A 1 12  ? -4.267  11.805  1.331   1.00 8.23  ? 12   GLU A O   1 
ATOM   107  C  CB  . GLU A 1 12  ? -4.764  14.347  3.187   1.00 9.39  ? 12   GLU A CB  1 
ATOM   108  C  CG  . GLU A 1 12  ? -3.951  15.441  2.565   1.00 11.32 ? 12   GLU A CG  1 
ATOM   109  C  CD  . GLU A 1 12  ? -4.765  16.646  2.136   1.00 14.02 ? 12   GLU A CD  1 
ATOM   110  O  OE1 . GLU A 1 12  ? -5.956  16.753  2.482   1.00 13.54 ? 12   GLU A OE1 1 
ATOM   111  O  OE2 . GLU A 1 12  ? -4.204  17.519  1.448   1.00 18.76 ? 12   GLU A OE2 1 
ATOM   112  N  N   . SER A 1 13  ? -4.745  13.513  -0.022  1.00 8.99  ? 13   SER A N   1 
ATOM   113  C  CA  . SER A 1 13  ? -3.970  12.996  -1.129  1.00 9.50  ? 13   SER A CA  1 
ATOM   114  C  C   . SER A 1 13  ? -2.503  12.790  -0.772  1.00 9.41  ? 13   SER A C   1 
ATOM   115  O  O   . SER A 1 13  ? -1.955  13.476  0.093   1.00 8.75  ? 13   SER A O   1 
ATOM   116  C  CB  . SER A 1 13  ? -4.073  13.944  -2.318  1.00 10.08 ? 13   SER A CB  1 
ATOM   117  O  OG  . SER A 1 13  ? -5.435  14.076  -2.679  1.00 13.43 ? 13   SER A OG  1 
ATOM   118  N  N   . LEU A 1 14  ? -1.876  11.827  -1.436  1.00 9.99  ? 14   LEU A N   1 
ATOM   119  C  CA  . LEU A 1 14  ? -0.438  11.630  -1.334  1.00 10.55 ? 14   LEU A CA  1 
ATOM   120  C  C   . LEU A 1 14  ? 0.292   12.923  -1.695  1.00 10.39 ? 14   LEU A C   1 
ATOM   121  O  O   . LEU A 1 14  ? -0.066  13.575  -2.669  1.00 10.10 ? 14   LEU A O   1 
ATOM   122  C  CB  . LEU A 1 14  ? 0.005   10.549  -2.319  1.00 10.78 ? 14   LEU A CB  1 
ATOM   123  C  CG  . LEU A 1 14  ? -0.431  9.122   -1.971  1.00 11.47 ? 14   LEU A CG  1 
ATOM   124  C  CD1 . LEU A 1 14  ? -0.293  8.188   -3.184  1.00 11.31 ? 14   LEU A CD1 1 
ATOM   125  C  CD2 . LEU A 1 14  ? 0.377   8.616   -0.790  1.00 12.83 ? 14   LEU A CD2 1 
ATOM   126  N  N   . PRO A 1 15  ? 1.311   13.308  -0.903  1.00 11.01 ? 15   PRO A N   1 
ATOM   127  C  CA  . PRO A 1 15  ? 2.127   14.457  -1.277  1.00 11.23 ? 15   PRO A CA  1 
ATOM   128  C  C   . PRO A 1 15  ? 2.801   14.268  -2.630  1.00 11.05 ? 15   PRO A C   1 
ATOM   129  O  O   . PRO A 1 15  ? 3.507   13.296  -2.851  1.00 11.37 ? 15   PRO A O   1 
ATOM   130  C  CB  . PRO A 1 15  ? 3.169   14.540  -0.158  1.00 11.49 ? 15   PRO A CB  1 
ATOM   131  C  CG  . PRO A 1 15  ? 2.555   13.802  0.998   1.00 11.88 ? 15   PRO A CG  1 
ATOM   132  C  CD  . PRO A 1 15  ? 1.732   12.726  0.386   1.00 11.42 ? 15   PRO A CD  1 
ATOM   133  N  N   . PHE A 1 16  ? 2.580   15.212  -3.527  1.00 11.07 ? 16   PHE A N   1 
ATOM   134  C  CA  . PHE A 1 16  ? 3.032   15.072  -4.898  1.00 11.24 ? 16   PHE A CA  1 
ATOM   135  C  C   . PHE A 1 16  ? 4.557   14.953  -5.047  1.00 11.32 ? 16   PHE A C   1 
ATOM   136  O  O   . PHE A 1 16  ? 5.036   14.132  -5.831  1.00 10.65 ? 16   PHE A O   1 
ATOM   137  C  CB  . PHE A 1 16  ? 2.514   16.238  -5.752  1.00 12.01 ? 16   PHE A CB  1 
ATOM   138  C  CG  . PHE A 1 16  ? 3.125   16.282  -7.113  1.00 12.16 ? 16   PHE A CG  1 
ATOM   139  C  CD1 . PHE A 1 16  ? 2.692   15.414  -8.096  1.00 14.14 ? 16   PHE A CD1 1 
ATOM   140  C  CD2 . PHE A 1 16  ? 4.157   17.161  -7.393  1.00 12.69 ? 16   PHE A CD2 1 
ATOM   141  C  CE1 . PHE A 1 16  ? 3.274   15.436  -9.347  1.00 13.16 ? 16   PHE A CE1 1 
ATOM   142  C  CE2 . PHE A 1 16  ? 4.738   17.191  -8.643  1.00 13.58 ? 16   PHE A CE2 1 
ATOM   143  C  CZ  . PHE A 1 16  ? 4.288   16.322  -9.619  1.00 12.76 ? 16   PHE A CZ  1 
ATOM   144  N  N   . LYS A 1 17  ? 5.312   15.767  -4.314  1.00 11.17 ? 17   LYS A N   1 
ATOM   145  C  CA  . LYS A 1 17  ? 6.782   15.757  -4.424  1.00 12.02 ? 17   LYS A CA  1 
ATOM   146  C  C   . LYS A 1 17  ? 7.378   14.371  -4.156  1.00 12.33 ? 17   LYS A C   1 
ATOM   147  O  O   . LYS A 1 17  ? 8.268   13.908  -4.869  1.00 12.89 ? 17   LYS A O   1 
ATOM   148  C  CB  . LYS A 1 17  ? 7.393   16.755  -3.440  1.00 12.48 ? 17   LYS A CB  1 
ATOM   149  N  N   . GLN A 1 18  ? 6.881   13.724  -3.113  1.00 12.68 ? 18   GLN A N   1 
ATOM   150  C  CA  . GLN A 1 18  ? 7.292   12.373  -2.728  1.00 13.25 ? 18   GLN A CA  1 
ATOM   151  C  C   . GLN A 1 18  ? 6.957   11.361  -3.842  1.00 12.28 ? 18   GLN A C   1 
ATOM   152  O  O   . GLN A 1 18  ? 7.760   10.497  -4.193  1.00 11.31 ? 18   GLN A O   1 
ATOM   153  C  CB  . GLN A 1 18  ? 6.582   12.024  -1.409  1.00 14.15 ? 18   GLN A CB  1 
ATOM   154  C  CG  . GLN A 1 18  ? 6.935   10.688  -0.786  1.00 15.85 ? 18   GLN A CG  1 
ATOM   155  C  CD  . GLN A 1 18  ? 6.237   10.432  0.574   1.00 15.80 ? 18   GLN A CD  1 
ATOM   156  O  OE1 . GLN A 1 18  ? 5.132   10.943  0.844   1.00 17.88 ? 18   GLN A OE1 1 
ATOM   157  N  NE2 . GLN A 1 18  ? 6.880   9.610   1.421   1.00 14.34 ? 18   GLN A NE2 1 
ATOM   158  N  N   . LEU A 1 19  ? 5.757   11.465  -4.401  1.00 11.51 ? 19   LEU A N   1 
ATOM   159  C  CA  . LEU A 1 19  ? 5.323   10.576  -5.477  1.00 11.61 ? 19   LEU A CA  1 
ATOM   160  C  C   . LEU A 1 19  ? 6.167   10.780  -6.739  1.00 11.10 ? 19   LEU A C   1 
ATOM   161  O  O   . LEU A 1 19  ? 6.601   9.822   -7.361  1.00 10.56 ? 19   LEU A O   1 
ATOM   162  C  CB  . LEU A 1 19  ? 3.832   10.803  -5.779  1.00 11.82 ? 19   LEU A CB  1 
ATOM   163  C  CG  . LEU A 1 19  ? 3.171   9.915   -6.832  1.00 13.21 ? 19   LEU A CG  1 
ATOM   164  C  CD1 . LEU A 1 19  ? 3.288   8.439   -6.484  1.00 14.49 ? 19   LEU A CD1 1 
ATOM   165  C  CD2 . LEU A 1 19  ? 1.705   10.322  -6.965  1.00 13.09 ? 19   LEU A CD2 1 
ATOM   166  N  N   . LYS A 1 20  ? 6.386   12.035  -7.111  1.00 10.67 ? 20   LYS A N   1 
ATOM   167  C  CA  . LYS A 1 20  ? 7.220   12.357  -8.261  1.00 11.67 ? 20   LYS A CA  1 
ATOM   168  C  C   . LYS A 1 20  ? 8.636   11.801  -8.092  1.00 11.14 ? 20   LYS A C   1 
ATOM   169  O  O   . LYS A 1 20  ? 9.164   11.173  -9.004  1.00 11.33 ? 20   LYS A O   1 
ATOM   170  C  CB  . LYS A 1 20  ? 7.247   13.875  -8.479  1.00 12.02 ? 20   LYS A CB  1 
ATOM   171  C  CG  . LYS A 1 20  ? 8.257   14.369  -9.516  1.00 13.67 ? 20   LYS A CG  1 
ATOM   172  C  CD  . LYS A 1 20  ? 8.191   15.885  -9.638  1.00 14.31 ? 20   LYS A CD  1 
ATOM   173  C  CE  . LYS A 1 20  ? 9.077   16.405  -10.764 1.00 16.10 ? 20   LYS A CE  1 
ATOM   174  N  NZ  . LYS A 1 20  ? 8.753   17.833  -11.137 1.00 17.73 ? 20   LYS A NZ  1 
ATOM   175  N  N   . GLU A 1 21  ? 9.249   12.062  -6.940  1.00 11.09 ? 21   GLU A N   1 
ATOM   176  C  CA  A GLU A 1 21  ? 10.590  11.561  -6.687  0.50 10.83 ? 21   GLU A CA  1 
ATOM   177  C  CA  B GLU A 1 21  ? 10.586  11.543  -6.586  0.50 10.89 ? 21   GLU A CA  1 
ATOM   178  C  C   . GLU A 1 21  ? 10.650  10.031  -6.785  1.00 10.53 ? 21   GLU A C   1 
ATOM   179  O  O   . GLU A 1 21  ? 11.613  9.489   -7.339  1.00 10.33 ? 21   GLU A O   1 
ATOM   180  C  CB  A GLU A 1 21  ? 11.105  12.075  -5.344  0.50 11.01 ? 21   GLU A CB  1 
ATOM   181  C  CB  B GLU A 1 21  ? 10.925  11.882  -5.114  0.50 10.93 ? 21   GLU A CB  1 
ATOM   182  C  CG  A GLU A 1 21  ? 11.394  13.583  -5.383  0.50 11.30 ? 21   GLU A CG  1 
ATOM   183  C  CG  B GLU A 1 21  ? 12.225  11.246  -4.540  0.50 11.37 ? 21   GLU A CG  1 
ATOM   184  C  CD  A GLU A 1 21  ? 11.625  14.200  -4.013  0.50 11.72 ? 21   GLU A CD  1 
ATOM   185  C  CD  B GLU A 1 21  ? 12.539  11.682  -3.102  0.50 11.54 ? 21   GLU A CD  1 
ATOM   186  O  OE1 A GLU A 1 21  ? 11.361  13.531  -2.988  0.50 15.19 ? 21   GLU A OE1 1 
ATOM   187  O  OE1 B GLU A 1 21  ? 11.702  11.442  -2.199  0.50 13.31 ? 21   GLU A OE1 1 
ATOM   188  O  OE2 A GLU A 1 21  ? 12.068  15.369  -3.964  0.50 15.63 ? 21   GLU A OE2 1 
ATOM   189  O  OE2 B GLU A 1 21  ? 13.633  12.249  -2.867  0.50 11.00 ? 21   GLU A OE2 1 
ATOM   190  N  N   . LEU A 1 22  ? 9.617   9.350   -6.307  1.00 10.01 ? 22   LEU A N   1 
ATOM   191  C  CA  . LEU A 1 22  ? 9.561   7.892   -6.404  1.00 9.26  ? 22   LEU A CA  1 
ATOM   192  C  C   . LEU A 1 22  ? 9.419   7.426   -7.862  1.00 8.87  ? 22   LEU A C   1 
ATOM   193  O  O   . LEU A 1 22  ? 10.090  6.481   -8.277  1.00 8.45  ? 22   LEU A O   1 
ATOM   194  C  CB  . LEU A 1 22  ? 8.439   7.335   -5.532  1.00 9.11  ? 22   LEU A CB  1 
ATOM   195  C  CG  . LEU A 1 22  ? 8.318   5.810   -5.519  1.00 10.90 ? 22   LEU A CG  1 
ATOM   196  C  CD1 . LEU A 1 22  ? 9.606   5.122   -5.033  1.00 12.25 ? 22   LEU A CD1 1 
ATOM   197  C  CD2 . LEU A 1 22  ? 7.147   5.390   -4.639  1.00 11.77 ? 22   LEU A CD2 1 
ATOM   198  N  N   . LYS A 1 23  ? 8.588   8.103   -8.651  1.00 8.86  ? 23   LYS A N   1 
ATOM   199  C  CA  . LYS A 1 23  ? 8.455   7.758   -10.063 1.00 8.97  ? 23   LYS A CA  1 
ATOM   200  C  C   . LYS A 1 23  ? 9.790   7.904   -10.796 1.00 8.75  ? 23   LYS A C   1 
ATOM   201  O  O   . LYS A 1 23  ? 10.185  7.032   -11.590 1.00 8.41  ? 23   LYS A O   1 
ATOM   202  C  CB  . LYS A 1 23  ? 7.383   8.632   -10.731 1.00 9.29  ? 23   LYS A CB  1 
ATOM   203  C  CG  . LYS A 1 23  ? 7.148   8.330   -12.210 1.00 10.70 ? 23   LYS A CG  1 
ATOM   204  C  CD  . LYS A 1 23  ? 5.979   9.147   -12.774 1.00 11.56 ? 23   LYS A CD  1 
ATOM   205  C  CE  . LYS A 1 23  ? 5.762   8.852   -14.250 1.00 15.01 ? 23   LYS A CE  1 
ATOM   206  N  NZ  . LYS A 1 23  ? 4.685   9.665   -14.856 1.00 16.83 ? 23   LYS A NZ  1 
ATOM   207  N  N   . ILE A 1 24  ? 10.481  9.008   -10.532 1.00 8.61  ? 24   ILE A N   1 
ATOM   208  C  CA  . ILE A 1 24  ? 11.788  9.260   -11.147 1.00 8.59  ? 24   ILE A CA  1 
ATOM   209  C  C   . ILE A 1 24  ? 12.805  8.206   -10.702 1.00 8.21  ? 24   ILE A C   1 
ATOM   210  O  O   . ILE A 1 24  ? 13.580  7.705   -11.517 1.00 8.63  ? 24   ILE A O   1 
ATOM   211  C  CB  . ILE A 1 24  ? 12.302  10.670  -10.822 1.00 8.70  ? 24   ILE A CB  1 
ATOM   212  C  CG1 . ILE A 1 24  ? 11.406  11.708  -11.499 1.00 8.55  ? 24   ILE A CG1 1 
ATOM   213  C  CG2 . ILE A 1 24  ? 13.764  10.836  -11.285 1.00 8.50  ? 24   ILE A CG2 1 
ATOM   214  C  CD1 . ILE A 1 24  ? 11.621  13.136  -11.023 1.00 9.46  ? 24   ILE A CD1 1 
ATOM   215  N  N   . ALA A 1 25  ? 12.784  7.860   -9.419  1.00 8.23  ? 25   ALA A N   1 
ATOM   216  C  CA  . ALA A 1 25  ? 13.706  6.841   -8.897  1.00 7.95  ? 25   ALA A CA  1 
ATOM   217  C  C   . ALA A 1 25  ? 13.481  5.502   -9.604  1.00 8.41  ? 25   ALA A C   1 
ATOM   218  O  O   . ALA A 1 25  ? 14.430  4.834   -10.007 1.00 8.46  ? 25   ALA A O   1 
ATOM   219  C  CB  . ALA A 1 25  ? 13.551  6.685   -7.385  1.00 8.82  ? 25   ALA A CB  1 
ATOM   220  N  N   . CYS A 1 26  ? 12.218  5.121   -9.785  1.00 8.15  ? 26   CYS A N   1 
ATOM   221  C  CA  . CYS A 1 26  ? 11.922  3.855   -10.441 1.00 8.95  ? 26   CYS A CA  1 
ATOM   222  C  C   . CYS A 1 26  ? 12.428  3.845   -11.868 1.00 9.28  ? 26   CYS A C   1 
ATOM   223  O  O   . CYS A 1 26  ? 12.974  2.848   -12.323 1.00 9.56  ? 26   CYS A O   1 
ATOM   224  C  CB  . CYS A 1 26  ? 10.419  3.580   -10.431 1.00 8.70  ? 26   CYS A CB  1 
ATOM   225  S  SG  . CYS A 1 26  ? 9.771   3.067   -8.835  1.00 9.59  ? 26   CYS A SG  1 
ATOM   226  N  N   . SER A 1 27  ? 12.246  4.952   -12.577 1.00 9.50  ? 27   SER A N   1 
ATOM   227  C  CA  . SER A 1 27  ? 12.675  5.020   -13.970 1.00 10.71 ? 27   SER A CA  1 
ATOM   228  C  C   . SER A 1 27  ? 14.191  5.155   -14.096 1.00 10.19 ? 27   SER A C   1 
ATOM   229  O  O   . SER A 1 27  ? 14.792  4.529   -14.970 1.00 10.84 ? 27   SER A O   1 
ATOM   230  C  CB  . SER A 1 27  ? 11.955  6.137   -14.730 1.00 11.78 ? 27   SER A CB  1 
ATOM   231  O  OG  . SER A 1 27  ? 11.934  7.334   -13.989 1.00 16.50 ? 27   SER A OG  1 
ATOM   232  N  N   . GLN A 1 28  ? 14.820  5.912   -13.203 1.00 8.61  ? 28   GLN A N   1 
ATOM   233  C  CA  . GLN A 1 28  ? 16.239  6.241   -13.343 1.00 8.57  ? 28   GLN A CA  1 
ATOM   234  C  C   . GLN A 1 28  ? 17.163  5.228   -12.683 1.00 8.85  ? 28   GLN A C   1 
ATOM   235  O  O   . GLN A 1 28  ? 18.274  5.026   -13.172 1.00 9.23  ? 28   GLN A O   1 
ATOM   236  C  CB  . GLN A 1 28  ? 16.512  7.642   -12.787 1.00 8.48  ? 28   GLN A CB  1 
ATOM   237  C  CG  . GLN A 1 28  ? 15.884  8.750   -13.610 1.00 8.36  ? 28   GLN A CG  1 
ATOM   238  C  CD  . GLN A 1 28  ? 16.447  8.817   -14.998 1.00 8.22  ? 28   GLN A CD  1 
ATOM   239  O  OE1 . GLN A 1 28  ? 17.663  8.851   -15.183 1.00 6.64  ? 28   GLN A OE1 1 
ATOM   240  N  NE2 . GLN A 1 28  ? 15.567  8.883   -15.995 1.00 9.80  ? 28   GLN A NE2 1 
ATOM   241  N  N   . TYR A 1 29  ? 16.732  4.624   -11.574 1.00 8.77  ? 29   TYR A N   1 
ATOM   242  C  CA  . TYR A 1 29  ? 17.551  3.614   -10.869 1.00 8.67  ? 29   TYR A CA  1 
ATOM   243  C  C   . TYR A 1 29  ? 16.983  2.197   -10.914 1.00 9.22  ? 29   TYR A C   1 
ATOM   244  O  O   . TYR A 1 29  ? 17.723  1.225   -10.749 1.00 10.59 ? 29   TYR A O   1 
ATOM   245  C  CB  . TYR A 1 29  ? 17.807  4.002   -9.403  1.00 8.86  ? 29   TYR A CB  1 
ATOM   246  C  CG  . TYR A 1 29  ? 18.089  5.463   -9.277  1.00 8.32  ? 29   TYR A CG  1 
ATOM   247  C  CD1 . TYR A 1 29  ? 19.213  6.029   -9.863  1.00 8.15  ? 29   TYR A CD1 1 
ATOM   248  C  CD2 . TYR A 1 29  ? 17.215  6.294   -8.615  1.00 7.96  ? 29   TYR A CD2 1 
ATOM   249  C  CE1 . TYR A 1 29  ? 19.452  7.382   -9.780  1.00 9.16  ? 29   TYR A CE1 1 
ATOM   250  C  CE2 . TYR A 1 29  ? 17.428  7.650   -8.544  1.00 8.27  ? 29   TYR A CE2 1 
ATOM   251  C  CZ  . TYR A 1 29  ? 18.562  8.202   -9.124  1.00 7.87  ? 29   TYR A CZ  1 
ATOM   252  O  OH  . TYR A 1 29  ? 18.777  9.553   -9.067  1.00 8.83  ? 29   TYR A OH  1 
ATOM   253  N  N   . GLY A 1 30  ? 15.674  2.089   -11.111 1.00 9.42  ? 30   GLY A N   1 
ATOM   254  C  CA  . GLY A 1 30  ? 14.968  0.810   -11.059 1.00 9.31  ? 30   GLY A CA  1 
ATOM   255  C  C   . GLY A 1 30  ? 14.132  0.713   -9.795  1.00 9.53  ? 30   GLY A C   1 
ATOM   256  O  O   . GLY A 1 30  ? 14.459  1.316   -8.778  1.00 8.81  ? 30   GLY A O   1 
ATOM   257  N  N   . PRO A 1 31  ? 13.038  -0.051  -9.845  1.00 9.70  ? 31   PRO A N   1 
ATOM   258  C  CA  . PRO A 1 31  ? 12.128  -0.119  -8.709  1.00 9.72  ? 31   PRO A CA  1 
ATOM   259  C  C   . PRO A 1 31  ? 12.731  -0.696  -7.427  1.00 9.97  ? 31   PRO A C   1 
ATOM   260  O  O   . PRO A 1 31  ? 12.221  -0.419  -6.346  1.00 9.51  ? 31   PRO A O   1 
ATOM   261  C  CB  . PRO A 1 31  ? 10.980  -1.001  -9.224  1.00 10.15 ? 31   PRO A CB  1 
ATOM   262  C  CG  . PRO A 1 31  ? 11.483  -1.681  -10.415 1.00 11.21 ? 31   PRO A CG  1 
ATOM   263  C  CD  . PRO A 1 31  ? 12.569  -0.857  -10.990 1.00 10.46 ? 31   PRO A CD  1 
ATOM   264  N  N   . THR A 1 32  ? 13.783  -1.503  -7.540  1.00 9.27  ? 32   THR A N   1 
ATOM   265  C  CA  . THR A 1 32  ? 14.386  -2.105  -6.356  1.00 9.56  ? 32   THR A CA  1 
ATOM   266  C  C   . THR A 1 32  ? 15.821  -1.635  -6.111  1.00 8.77  ? 32   THR A C   1 
ATOM   267  O  O   . THR A 1 32  ? 16.545  -2.266  -5.362  1.00 9.49  ? 32   THR A O   1 
ATOM   268  C  CB  . THR A 1 32  ? 14.343  -3.654  -6.406  1.00 9.91  ? 32   THR A CB  1 
ATOM   269  O  OG1 . THR A 1 32  ? 15.146  -4.149  -7.491  1.00 11.04 ? 32   THR A OG1 1 
ATOM   270  C  CG2 . THR A 1 32  ? 12.896  -4.154  -6.518  1.00 10.55 ? 32   THR A CG2 1 
ATOM   271  N  N   . ALA A 1 33  ? 16.217  -0.516  -6.717  1.00 8.80  ? 33   ALA A N   1 
ATOM   272  C  CA  . ALA A 1 33  ? 17.504  0.121   -6.389  1.00 8.05  ? 33   ALA A CA  1 
ATOM   273  C  C   . ALA A 1 33  ? 17.500  0.549   -4.929  1.00 7.86  ? 33   ALA A C   1 
ATOM   274  O  O   . ALA A 1 33  ? 16.446  0.890   -4.398  1.00 7.52  ? 33   ALA A O   1 
ATOM   275  C  CB  . ALA A 1 33  ? 17.748  1.342   -7.275  1.00 7.81  ? 33   ALA A CB  1 
ATOM   276  N  N   . PRO A 1 34  ? 18.662  0.528   -4.262  1.00 7.66  ? 34   PRO A N   1 
ATOM   277  C  CA  . PRO A 1 34  ? 18.698  0.977   -2.869  1.00 7.80  ? 34   PRO A CA  1 
ATOM   278  C  C   . PRO A 1 34  ? 18.040  2.333   -2.586  1.00 8.20  ? 34   PRO A C   1 
ATOM   279  O  O   . PRO A 1 34  ? 17.327  2.474   -1.580  1.00 7.70  ? 34   PRO A O   1 
ATOM   280  C  CB  . PRO A 1 34  ? 20.190  1.021   -2.578  1.00 7.91  ? 34   PRO A CB  1 
ATOM   281  C  CG  . PRO A 1 34  ? 20.763  -0.035  -3.451  1.00 7.71  ? 34   PRO A CG  1 
ATOM   282  C  CD  . PRO A 1 34  ? 19.986  0.057   -4.716  1.00 7.87  ? 34   PRO A CD  1 
ATOM   283  N  N   . PHE A 1 35  ? 18.234  3.316   -3.465  1.00 7.92  ? 35   PHE A N   1 
ATOM   284  C  CA  . PHE A 1 35  ? 17.610  4.620   -3.241  1.00 7.99  ? 35   PHE A CA  1 
ATOM   285  C  C   . PHE A 1 35  ? 16.100  4.510   -3.301  1.00 7.82  ? 35   PHE A C   1 
ATOM   286  O  O   . PHE A 1 35  ? 15.376  5.075   -2.474  1.00 7.41  ? 35   PHE A O   1 
ATOM   287  C  CB  . PHE A 1 35  ? 18.082  5.655   -4.255  1.00 8.79  ? 35   PHE A CB  1 
ATOM   288  C  CG  . PHE A 1 35  ? 17.484  7.020   -4.019  1.00 8.56  ? 35   PHE A CG  1 
ATOM   289  C  CD1 . PHE A 1 35  ? 17.961  7.819   -3.000  1.00 10.16 ? 35   PHE A CD1 1 
ATOM   290  C  CD2 . PHE A 1 35  ? 16.420  7.481   -4.791  1.00 9.79  ? 35   PHE A CD2 1 
ATOM   291  C  CE1 . PHE A 1 35  ? 17.398  9.065   -2.757  1.00 11.89 ? 35   PHE A CE1 1 
ATOM   292  C  CE2 . PHE A 1 35  ? 15.848  8.727   -4.535  1.00 9.10  ? 35   PHE A CE2 1 
ATOM   293  C  CZ  . PHE A 1 35  ? 16.342  9.508   -3.527  1.00 10.30 ? 35   PHE A CZ  1 
ATOM   294  N  N   . THR A 1 36  ? 15.630  3.777   -4.298  1.00 7.81  ? 36   THR A N   1 
ATOM   295  C  CA  . THR A 1 36  ? 14.199  3.589   -4.497  1.00 8.16  ? 36   THR A CA  1 
ATOM   296  C  C   . THR A 1 36  ? 13.560  2.853   -3.317  1.00 8.01  ? 36   THR A C   1 
ATOM   297  O  O   . THR A 1 36  ? 12.502  3.257   -2.821  1.00 8.34  ? 36   THR A O   1 
ATOM   298  C  CB  . THR A 1 36  ? 13.919  2.842   -5.790  1.00 8.49  ? 36   THR A CB  1 
ATOM   299  O  OG1 . THR A 1 36  ? 14.701  3.431   -6.844  1.00 8.74  ? 36   THR A OG1 1 
ATOM   300  C  CG2 . THR A 1 36  ? 12.456  2.921   -6.107  1.00 8.16  ? 36   THR A CG2 1 
ATOM   301  N  N   . ILE A 1 37  ? 14.225  1.803   -2.838  1.00 7.90  ? 37   ILE A N   1 
ATOM   302  C  CA  . ILE A 1 37  ? 13.712  1.064   -1.687  1.00 8.42  ? 37   ILE A CA  1 
ATOM   303  C  C   . ILE A 1 37  ? 13.721  1.952   -0.438  1.00 8.52  ? 37   ILE A C   1 
ATOM   304  O  O   . ILE A 1 37  ? 12.801  1.873   0.389   1.00 8.53  ? 37   ILE A O   1 
ATOM   305  C  CB  . ILE A 1 37  ? 14.512  -0.205  -1.425  1.00 8.75  ? 37   ILE A CB  1 
ATOM   306  C  CG1 . ILE A 1 37  ? 14.366  -1.156  -2.610  1.00 9.16  ? 37   ILE A CG1 1 
ATOM   307  C  CG2 . ILE A 1 37  ? 14.028  -0.878  -0.144  1.00 9.27  ? 37   ILE A CG2 1 
ATOM   308  C  CD1 . ILE A 1 37  ? 12.923  -1.581  -2.911  1.00 11.36 ? 37   ILE A CD1 1 
ATOM   309  N  N   . ALA A 1 38  ? 14.727  2.805   -0.288  1.00 8.38  ? 38   ALA A N   1 
ATOM   310  C  CA  . ALA A 1 38  ? 14.750  3.721   0.856   1.00 8.70  ? 38   ALA A CA  1 
ATOM   311  C  C   . ALA A 1 38  ? 13.524  4.621   0.833   1.00 9.31  ? 38   ALA A C   1 
ATOM   312  O  O   . ALA A 1 38  ? 12.900  4.867   1.868   1.00 9.42  ? 38   ALA A O   1 
ATOM   313  C  CB  . ALA A 1 38  ? 16.024  4.539   0.857   1.00 8.79  ? 38   ALA A CB  1 
HETATM 314  N  N   . MSE A 1 39  ? 13.152  5.100   -0.357  1.00 10.28 ? 39   MSE A N   1 
HETATM 315  C  CA  . MSE A 1 39  ? 11.942  5.927   -0.484  1.00 11.72 ? 39   MSE A CA  1 
HETATM 316  C  C   . MSE A 1 39  ? 10.653  5.140   -0.200  1.00 9.72  ? 39   MSE A C   1 
HETATM 317  O  O   . MSE A 1 39  ? 9.720   5.666   0.397   1.00 10.00 ? 39   MSE A O   1 
HETATM 318  C  CB  A MSE A 1 39  ? 11.791  6.509   -1.902  0.50 11.65 ? 39   MSE A CB  1 
HETATM 319  C  CB  B MSE A 1 39  ? 11.913  6.632   -1.836  0.50 11.73 ? 39   MSE A CB  1 
HETATM 320  C  CG  A MSE A 1 39  ? 12.845  7.506   -2.395  0.50 12.74 ? 39   MSE A CG  1 
HETATM 321  C  CG  B MSE A 1 39  ? 13.058  7.650   -2.014  0.50 14.48 ? 39   MSE A CG  1 
HETATM 322  SE SE  A MSE A 1 39  ? 12.167  8.649   -3.868  0.50 17.91 ? 39   MSE A SE  1 
HETATM 323  SE SE  B MSE A 1 39  ? 13.313  8.913   -0.516  0.50 21.85 ? 39   MSE A SE  1 
HETATM 324  C  CE  A MSE A 1 39  ? 12.277  10.384  -2.986  0.50 15.92 ? 39   MSE A CE  1 
HETATM 325  C  CE  B MSE A 1 39  ? 14.515  7.884   0.632   0.50 19.54 ? 39   MSE A CE  1 
ATOM   326  N  N   . ILE A 1 40  ? 10.606  3.887   -0.638  1.00 9.05  ? 40   ILE A N   1 
ATOM   327  C  CA  . ILE A 1 40  ? 9.473   3.001   -0.349  1.00 8.62  ? 40   ILE A CA  1 
ATOM   328  C  C   . ILE A 1 40  ? 9.322   2.755   1.155   1.00 8.40  ? 40   ILE A C   1 
ATOM   329  O  O   . ILE A 1 40  ? 8.207   2.745   1.687   1.00 8.93  ? 40   ILE A O   1 
ATOM   330  C  CB  . ILE A 1 40  ? 9.642   1.673   -1.127  1.00 9.87  ? 40   ILE A CB  1 
ATOM   331  C  CG1 . ILE A 1 40  ? 9.265   1.889   -2.604  1.00 9.68  ? 40   ILE A CG1 1 
ATOM   332  C  CG2 . ILE A 1 40  ? 8.923   0.494   -0.468  1.00 10.66 ? 40   ILE A CG2 1 
ATOM   333  C  CD1 . ILE A 1 40  ? 7.840   2.258   -2.886  1.00 10.76 ? 40   ILE A CD1 1 
ATOM   334  N  N   . GLU A 1 41  ? 10.451  2.550   1.828   1.00 8.87  ? 41   GLU A N   1 
ATOM   335  C  CA  . GLU A 1 41  ? 10.460  2.385   3.286   1.00 8.69  ? 41   GLU A CA  1 
ATOM   336  C  C   . GLU A 1 41  ? 9.929   3.624   3.983   1.00 8.39  ? 41   GLU A C   1 
ATOM   337  O  O   . GLU A 1 41  ? 9.147   3.536   4.944   1.00 8.14  ? 41   GLU A O   1 
ATOM   338  C  CB  . GLU A 1 41  ? 11.871  2.038   3.779   1.00 9.02  ? 41   GLU A CB  1 
ATOM   339  C  CG  . GLU A 1 41  ? 12.269  0.617   3.413   1.00 10.90 ? 41   GLU A CG  1 
ATOM   340  C  CD  . GLU A 1 41  ? 11.458  -0.402  4.182   1.00 14.72 ? 41   GLU A CD  1 
ATOM   341  O  OE1 . GLU A 1 41  ? 11.583  -0.461  5.425   1.00 20.11 ? 41   GLU A OE1 1 
ATOM   342  O  OE2 . GLU A 1 41  ? 10.674  -1.117  3.568   1.00 15.85 ? 41   GLU A OE2 1 
ATOM   343  N  N   . ASN A 1 42  ? 10.316  4.791   3.493   1.00 8.43  ? 42   ASN A N   1 
ATOM   344  C  CA  . ASN A 1 42  ? 9.813   6.035   4.090   1.00 8.85  ? 42   ASN A CA  1 
ATOM   345  C  C   . ASN A 1 42  ? 8.302   6.156   3.895   1.00 8.55  ? 42   ASN A C   1 
ATOM   346  O  O   . ASN A 1 42  ? 7.562   6.482   4.822   1.00 8.16  ? 42   ASN A O   1 
ATOM   347  C  CB  . ASN A 1 42  ? 10.506  7.259   3.508   1.00 9.66  ? 42   ASN A CB  1 
ATOM   348  C  CG  . ASN A 1 42  ? 10.017  8.548   4.139   1.00 14.89 ? 42   ASN A CG  1 
ATOM   349  O  OD1 . ASN A 1 42  ? 10.035  8.698   5.365   1.00 19.87 ? 42   ASN A OD1 1 
ATOM   350  N  ND2 . ASN A 1 42  ? 9.564   9.484   3.307   1.00 20.24 ? 42   ASN A ND2 1 
ATOM   351  N  N   . LEU A 1 43  ? 7.817   5.864   2.690   1.00 7.78  ? 43   LEU A N   1 
ATOM   352  C  CA  . LEU A 1 43  ? 6.385   5.890   2.433   1.00 7.95  ? 43   LEU A CA  1 
ATOM   353  C  C   . LEU A 1 43  ? 5.666   4.872   3.328   1.00 7.12  ? 43   LEU A C   1 
ATOM   354  O  O   . LEU A 1 43  ? 4.529   5.082   3.764   1.00 8.35  ? 43   LEU A O   1 
ATOM   355  C  CB  . LEU A 1 43  ? 6.123   5.561   0.963   1.00 8.14  ? 43   LEU A CB  1 
ATOM   356  C  CG  . LEU A 1 43  ? 4.690   5.703   0.469   1.00 10.05 ? 43   LEU A CG  1 
ATOM   357  C  CD1 . LEU A 1 43  ? 4.190   7.136   0.622   1.00 9.94  ? 43   LEU A CD1 1 
ATOM   358  C  CD2 . LEU A 1 43  ? 4.650   5.260   -0.987  1.00 8.75  ? 43   LEU A CD2 1 
ATOM   359  N  N   . GLY A 1 44  ? 6.340   3.753   3.576   1.00 7.16  ? 44   GLY A N   1 
ATOM   360  C  CA  . GLY A 1 44  ? 5.789   2.675   4.376   1.00 7.50  ? 44   GLY A CA  1 
ATOM   361  C  C   . GLY A 1 44  ? 5.520   3.007   5.828   1.00 7.57  ? 44   GLY A C   1 
ATOM   362  O  O   . GLY A 1 44  ? 4.809   2.279   6.510   1.00 8.36  ? 44   GLY A O   1 
ATOM   363  N  N   . THR A 1 45  ? 6.090   4.114   6.302   1.00 7.47  ? 45   THR A N   1 
ATOM   364  C  CA  . THR A 1 45  ? 5.877   4.562   7.686   1.00 7.86  ? 45   THR A CA  1 
ATOM   365  C  C   . THR A 1 45  ? 4.587   5.360   7.839   1.00 8.06  ? 45   THR A C   1 
ATOM   366  O  O   . THR A 1 45  ? 4.175   5.661   8.955   1.00 7.89  ? 45   THR A O   1 
ATOM   367  C  CB  . THR A 1 45  ? 7.048   5.427   8.203   1.00 7.99  ? 45   THR A CB  1 
ATOM   368  O  OG1 . THR A 1 45  ? 7.070   6.681   7.507   1.00 9.49  ? 45   THR A OG1 1 
ATOM   369  C  CG2 . THR A 1 45  ? 8.388   4.709   8.045   1.00 7.09  ? 45   THR A CG2 1 
ATOM   370  N  N   . GLN A 1 46  ? 3.948   5.699   6.731   1.00 7.43  ? 46   GLN A N   1 
ATOM   371  C  CA  . GLN A 1 46  ? 2.688   6.448   6.773   1.00 7.93  ? 46   GLN A CA  1 
ATOM   372  C  C   . GLN A 1 46  ? 1.465   5.545   6.654   1.00 8.24  ? 46   GLN A C   1 
ATOM   373  O  O   . GLN A 1 46  ? 1.583   4.383   6.296   1.00 9.12  ? 46   GLN A O   1 
ATOM   374  C  CB  . GLN A 1 46  ? 2.735   7.519   5.689   1.00 8.76  ? 46   GLN A CB  1 
ATOM   375  C  CG  . GLN A 1 46  ? 3.836   8.547   6.015   1.00 11.09 ? 46   GLN A CG  1 
ATOM   376  C  CD  . GLN A 1 46  ? 3.842   8.954   7.507   1.00 13.12 ? 46   GLN A CD  1 
ATOM   377  O  OE1 . GLN A 1 46  ? 2.853   9.487   8.022   1.00 12.13 ? 46   GLN A OE1 1 
ATOM   378  N  NE2 . GLN A 1 46  ? 4.958   8.693   8.205   1.00 16.36 ? 46   GLN A NE2 1 
ATOM   379  N  N   . ALA A 1 47  ? 0.297   6.083   6.990   1.00 8.13  ? 47   ALA A N   1 
ATOM   380  C  CA  . ALA A 1 47  ? -0.929  5.295   7.028   1.00 7.84  ? 47   ALA A CA  1 
ATOM   381  C  C   . ALA A 1 47  ? -1.612  5.396   5.672   1.00 8.34  ? 47   ALA A C   1 
ATOM   382  O  O   . ALA A 1 47  ? -2.499  6.236   5.452   1.00 9.43  ? 47   ALA A O   1 
ATOM   383  C  CB  . ALA A 1 47  ? -1.873  5.775   8.139   1.00 8.48  ? 47   ALA A CB  1 
ATOM   384  N  N   . LEU A 1 48  ? -1.171  4.551   4.767   1.00 7.91  ? 48   LEU A N   1 
ATOM   385  C  CA  . LEU A 1 48  ? -1.707  4.554   3.405   1.00 7.01  ? 48   LEU A CA  1 
ATOM   386  C  C   . LEU A 1 48  ? -2.855  3.543   3.320   1.00 6.87  ? 48   LEU A C   1 
ATOM   387  O  O   . LEU A 1 48  ? -2.677  2.368   3.613   1.00 7.21  ? 48   LEU A O   1 
ATOM   388  C  CB  . LEU A 1 48  ? -0.631  4.192   2.375   1.00 7.50  ? 48   LEU A CB  1 
ATOM   389  C  CG  . LEU A 1 48  ? 0.129   5.356   1.763   1.00 7.68  ? 48   LEU A CG  1 
ATOM   390  C  CD1 . LEU A 1 48  ? 0.889   6.143   2.818   1.00 9.43  ? 48   LEU A CD1 1 
ATOM   391  C  CD2 . LEU A 1 48  ? 1.045   4.874   0.619   1.00 8.85  ? 48   LEU A CD2 1 
ATOM   392  N  N   . PRO A 1 49  ? -4.033  3.990   2.882   1.00 7.27  ? 49   PRO A N   1 
ATOM   393  C  CA  . PRO A 1 49  ? -5.055  2.990   2.599   1.00 6.72  ? 49   PRO A CA  1 
ATOM   394  C  C   . PRO A 1 49  ? -4.626  2.228   1.342   1.00 6.93  ? 49   PRO A C   1 
ATOM   395  O  O   . PRO A 1 49  ? -3.713  2.679   0.623   1.00 7.20  ? 49   PRO A O   1 
ATOM   396  C  CB  . PRO A 1 49  ? -6.301  3.829   2.312   1.00 7.00  ? 49   PRO A CB  1 
ATOM   397  C  CG  . PRO A 1 49  ? -5.757  5.127   1.797   1.00 7.45  ? 49   PRO A CG  1 
ATOM   398  C  CD  . PRO A 1 49  ? -4.470  5.354   2.545   1.00 7.59  ? 49   PRO A CD  1 
ATOM   399  N  N   . PRO A 1 50  ? -5.240  1.070   1.077   1.00 6.95  ? 50   PRO A N   1 
ATOM   400  C  CA  . PRO A 1 50  ? -4.831  0.254   -0.069  1.00 6.78  ? 50   PRO A CA  1 
ATOM   401  C  C   . PRO A 1 50  ? -4.742  1.052   -1.375  1.00 6.55  ? 50   PRO A C   1 
ATOM   402  O  O   . PRO A 1 50  ? -3.775  0.892   -2.144  1.00 6.78  ? 50   PRO A O   1 
ATOM   403  C  CB  . PRO A 1 50  ? -5.900  -0.849  -0.116  1.00 7.18  ? 50   PRO A CB  1 
ATOM   404  C  CG  . PRO A 1 50  ? -6.371  -0.959  1.315   1.00 8.12  ? 50   PRO A CG  1 
ATOM   405  C  CD  . PRO A 1 50  ? -6.313  0.436   1.873   1.00 6.54  ? 50   PRO A CD  1 
ATOM   406  N  N   . ASN A 1 51  ? -5.720  1.931   -1.608  1.00 6.57  ? 51   ASN A N   1 
ATOM   407  C  CA  . ASN A 1 51  ? -5.742  2.666   -2.870  1.00 6.66  ? 51   ASN A CA  1 
ATOM   408  C  C   . ASN A 1 51  ? -4.536  3.577   -3.074  1.00 6.75  ? 51   ASN A C   1 
ATOM   409  O  O   . ASN A 1 51  ? -4.152  3.852   -4.203  1.00 7.15  ? 51   ASN A O   1 
ATOM   410  C  CB  . ASN A 1 51  ? -7.051  3.440   -3.058  1.00 6.82  ? 51   ASN A CB  1 
ATOM   411  C  CG  . ASN A 1 51  ? -8.224  2.518   -3.360  1.00 8.53  ? 51   ASN A CG  1 
ATOM   412  O  OD1 . ASN A 1 51  ? -8.039  1.302   -3.479  1.00 8.00  ? 51   ASN A OD1 1 
ATOM   413  N  ND2 . ASN A 1 51  ? -9.422  3.089   -3.530  1.00 7.38  ? 51   ASN A ND2 1 
ATOM   414  N  N   . ASP A 1 52  ? -3.930  4.036   -1.981  1.00 6.23  ? 52   ASP A N   1 
ATOM   415  C  CA  . ASP A 1 52  ? -2.737  4.876   -2.109  1.00 6.42  ? 52   ASP A CA  1 
ATOM   416  C  C   . ASP A 1 52  ? -1.546  4.043   -2.547  1.00 5.95  ? 52   ASP A C   1 
ATOM   417  O  O   . ASP A 1 52  ? -0.718  4.516   -3.314  1.00 6.52  ? 52   ASP A O   1 
ATOM   418  C  CB  . ASP A 1 52  ? -2.398  5.564   -0.788  1.00 6.30  ? 52   ASP A CB  1 
ATOM   419  C  CG  . ASP A 1 52  ? -3.165  6.846   -0.566  1.00 7.67  ? 52   ASP A CG  1 
ATOM   420  O  OD1 . ASP A 1 52  ? -3.937  7.272   -1.469  1.00 8.81  ? 52   ASP A OD1 1 
ATOM   421  O  OD2 . ASP A 1 52  ? -2.998  7.443   0.534   1.00 7.79  ? 52   ASP A OD2 1 
ATOM   422  N  N   . TRP A 1 53  ? -1.432  2.819   -2.033  1.00 6.23  ? 53   TRP A N   1 
ATOM   423  C  CA  . TRP A 1 53  ? -0.371  1.910   -2.484  1.00 6.67  ? 53   TRP A CA  1 
ATOM   424  C  C   . TRP A 1 53  ? -0.563  1.512   -3.954  1.00 6.75  ? 53   TRP A C   1 
ATOM   425  O  O   . TRP A 1 53  ? 0.400   1.538   -4.731  1.00 7.23  ? 53   TRP A O   1 
ATOM   426  C  CB  . TRP A 1 53  ? -0.233  0.684   -1.573  1.00 7.93  ? 53   TRP A CB  1 
ATOM   427  C  CG  . TRP A 1 53  ? 0.656   0.964   -0.409  1.00 8.39  ? 53   TRP A CG  1 
ATOM   428  C  CD1 . TRP A 1 53  ? 0.303   1.056   0.898   1.00 9.38  ? 53   TRP A CD1 1 
ATOM   429  C  CD2 . TRP A 1 53  ? 2.063   1.156   -0.475  1.00 8.34  ? 53   TRP A CD2 1 
ATOM   430  N  NE1 . TRP A 1 53  ? 1.422   1.332   1.664   1.00 9.48  ? 53   TRP A NE1 1 
ATOM   431  C  CE2 . TRP A 1 53  ? 2.517   1.399   0.844   1.00 10.40 ? 53   TRP A CE2 1 
ATOM   432  C  CE3 . TRP A 1 53  ? 2.981   1.176   -1.524  1.00 9.39  ? 53   TRP A CE3 1 
ATOM   433  C  CZ2 . TRP A 1 53  ? 3.863   1.647   1.127   1.00 10.21 ? 53   TRP A CZ2 1 
ATOM   434  C  CZ3 . TRP A 1 53  ? 4.309   1.410   -1.241  1.00 10.16 ? 53   TRP A CZ3 1 
ATOM   435  C  CH2 . TRP A 1 53  ? 4.733   1.646   0.073   1.00 10.34 ? 53   TRP A CH2 1 
ATOM   436  N  N   . LYS A 1 54  ? -1.809  1.192   -4.339  1.00 6.31  ? 54   LYS A N   1 
ATOM   437  C  CA  . LYS A 1 54  ? -2.099  0.847   -5.734  1.00 6.80  ? 54   LYS A CA  1 
ATOM   438  C  C   . LYS A 1 54  ? -1.847  2.045   -6.645  1.00 6.28  ? 54   LYS A C   1 
ATOM   439  O  O   . LYS A 1 54  ? -1.206  1.900   -7.688  1.00 6.55  ? 54   LYS A O   1 
ATOM   440  C  CB  . LYS A 1 54  ? -3.528  0.310   -5.884  1.00 6.64  ? 54   LYS A CB  1 
ATOM   441  C  CG  . LYS A 1 54  ? -3.731  -1.003  -5.123  1.00 8.28  ? 54   LYS A CG  1 
ATOM   442  C  CD  . LYS A 1 54  ? -5.127  -1.615  -5.267  1.00 10.12 ? 54   LYS A CD  1 
ATOM   443  C  CE  . LYS A 1 54  ? -6.159  -0.828  -4.500  1.00 11.96 ? 54   LYS A CE  1 
ATOM   444  N  NZ  . LYS A 1 54  ? -7.453  -1.582  -4.342  1.00 9.59  ? 54   LYS A NZ  1 
ATOM   445  N  N   . GLN A 1 55  ? -2.266  3.239   -6.227  1.00 5.86  ? 55   GLN A N   1 
ATOM   446  C  CA  . GLN A 1 55  ? -1.991  4.454   -7.012  1.00 6.06  ? 55   GLN A CA  1 
ATOM   447  C  C   . GLN A 1 55  ? -0.488  4.684   -7.182  1.00 5.55  ? 55   GLN A C   1 
ATOM   448  O  O   . GLN A 1 55  ? -0.005  5.058   -8.260  1.00 6.55  ? 55   GLN A O   1 
ATOM   449  C  CB  . GLN A 1 55  ? -2.622  5.696   -6.350  1.00 6.01  ? 55   GLN A CB  1 
ATOM   450  C  CG  . GLN A 1 55  ? -2.211  7.039   -7.011  1.00 6.84  ? 55   GLN A CG  1 
ATOM   451  C  CD  . GLN A 1 55  ? -2.658  8.304   -6.273  1.00 8.46  ? 55   GLN A CD  1 
ATOM   452  O  OE1 . GLN A 1 55  ? -3.296  8.260   -5.226  1.00 10.35 ? 55   GLN A OE1 1 
ATOM   453  N  NE2 . GLN A 1 55  ? -2.299  9.456   -6.844  1.00 12.00 ? 55   GLN A NE2 1 
ATOM   454  N  N   . THR A 1 56  ? 0.256   4.516   -6.086  1.00 5.08  ? 56   THR A N   1 
ATOM   455  C  CA  . THR A 1 56  ? 1.700   4.722   -6.126  1.00 5.17  ? 56   THR A CA  1 
ATOM   456  C  C   . THR A 1 56  ? 2.343   3.726   -7.088  1.00 5.62  ? 56   THR A C   1 
ATOM   457  O  O   . THR A 1 56  ? 3.152   4.094   -7.942  1.00 6.28  ? 56   THR A O   1 
ATOM   458  C  CB  . THR A 1 56  ? 2.331   4.593   -4.720  1.00 5.34  ? 56   THR A CB  1 
ATOM   459  O  OG1 . THR A 1 56  ? 1.807   5.624   -3.868  1.00 6.32  ? 56   THR A OG1 1 
ATOM   460  C  CG2 . THR A 1 56  ? 3.840   4.697   -4.796  1.00 6.40  ? 56   THR A CG2 1 
ATOM   461  N  N   . ALA A 1 57  ? 1.971   2.460   -6.955  1.00 5.84  ? 57   ALA A N   1 
ATOM   462  C  CA  . ALA A 1 57  ? 2.544   1.446   -7.812  1.00 6.47  ? 57   ALA A CA  1 
ATOM   463  C  C   . ALA A 1 57  ? 2.197   1.702   -9.274  1.00 6.90  ? 57   ALA A C   1 
ATOM   464  O  O   . ALA A 1 57  ? 3.044   1.537   -10.156 1.00 5.99  ? 57   ALA A O   1 
ATOM   465  C  CB  . ALA A 1 57  ? 2.080   0.065   -7.368  1.00 7.35  ? 57   ALA A CB  1 
ATOM   466  N  N   . ARG A 1 58  ? 0.939   2.055   -9.553  1.00 7.10  ? 58   ARG A N   1 
ATOM   467  C  CA  A ARG A 1 58  ? 0.519   2.339   -10.931 0.35 7.13  ? 58   ARG A CA  1 
ATOM   468  C  CA  B ARG A 1 58  ? 0.505   2.345   -10.925 0.35 6.88  ? 58   ARG A CA  1 
ATOM   469  C  CA  C ARG A 1 58  ? 0.492   2.343   -10.920 0.30 7.67  ? 58   ARG A CA  1 
ATOM   470  C  C   . ARG A 1 58  ? 1.293   3.510   -11.518 1.00 7.28  ? 58   ARG A C   1 
ATOM   471  O  O   . ARG A 1 58  ? 1.681   3.470   -12.685 1.00 8.05  ? 58   ARG A O   1 
ATOM   472  C  CB  A ARG A 1 58  ? -0.975  2.650   -11.019 0.35 7.16  ? 58   ARG A CB  1 
ATOM   473  C  CB  B ARG A 1 58  ? -0.993  2.680   -10.986 0.35 6.95  ? 58   ARG A CB  1 
ATOM   474  C  CB  C ARG A 1 58  ? -1.046  2.575   -10.943 0.30 7.85  ? 58   ARG A CB  1 
ATOM   475  C  CG  A ARG A 1 58  ? -1.882  1.467   -10.768 0.35 6.69  ? 58   ARG A CG  1 
ATOM   476  C  CG  B ARG A 1 58  ? -1.947  1.512   -10.743 0.35 6.15  ? 58   ARG A CG  1 
ATOM   477  C  CG  C ARG A 1 58  ? -1.591  3.771   -11.740 0.30 8.93  ? 58   ARG A CG  1 
ATOM   478  C  CD  A ARG A 1 58  ? -3.267  1.932   -10.392 0.35 6.98  ? 58   ARG A CD  1 
ATOM   479  C  CD  B ARG A 1 58  ? -3.371  1.899   -11.127 0.35 5.73  ? 58   ARG A CD  1 
ATOM   480  C  CD  C ARG A 1 58  ? -2.969  4.236   -11.206 0.30 8.67  ? 58   ARG A CD  1 
ATOM   481  N  NE  A ARG A 1 58  ? -4.137  0.817   -10.036 0.35 5.43  ? 58   ARG A NE  1 
ATOM   482  N  NE  B ARG A 1 58  ? -3.846  3.093   -10.430 0.35 5.03  ? 58   ARG A NE  1 
ATOM   483  N  NE  C ARG A 1 58  ? -3.449  5.460   -11.868 0.30 8.88  ? 58   ARG A NE  1 
ATOM   484  C  CZ  A ARG A 1 58  ? -5.170  0.895   -9.204  0.35 6.26  ? 58   ARG A CZ  1 
ATOM   485  C  CZ  B ARG A 1 58  ? -4.532  3.101   -9.291  0.35 4.10  ? 58   ARG A CZ  1 
ATOM   486  C  CZ  C ARG A 1 58  ? -4.189  6.419   -11.305 0.30 8.86  ? 58   ARG A CZ  1 
ATOM   487  N  NH1 A ARG A 1 58  ? -5.483  2.047   -8.615  0.35 6.68  ? 58   ARG A NH1 1 
ATOM   488  N  NH1 B ARG A 1 58  ? -4.900  4.265   -8.767  0.35 4.00  ? 58   ARG A NH1 1 
ATOM   489  N  NH1 C ARG A 1 58  ? -4.546  7.476   -12.033 0.30 10.02 ? 58   ARG A NH1 1 
ATOM   490  N  NH2 A ARG A 1 58  ? -5.893  -0.188  -8.948  0.35 6.46  ? 58   ARG A NH2 1 
ATOM   491  N  NH2 B ARG A 1 58  ? -4.845  1.970   -8.670  0.35 4.08  ? 58   ARG A NH2 1 
ATOM   492  N  NH2 C ARG A 1 58  ? -4.561  6.358   -10.028 0.30 9.62  ? 58   ARG A NH2 1 
ATOM   493  N  N   . ALA A 1 59  ? 1.516   4.554   -10.716 1.00 6.74  ? 59   ALA A N   1 
ATOM   494  C  CA  . ALA A 1 59  ? 2.233   5.751   -11.163 1.00 7.13  ? 59   ALA A CA  1 
ATOM   495  C  C   . ALA A 1 59  ? 3.714   5.527   -11.372 1.00 7.31  ? 59   ALA A C   1 
ATOM   496  O  O   . ALA A 1 59  ? 4.317   6.120   -12.273 1.00 8.38  ? 59   ALA A O   1 
ATOM   497  C  CB  . ALA A 1 59  ? 2.030   6.908   -10.175 1.00 7.79  ? 59   ALA A CB  1 
ATOM   498  N  N   . CYS A 1 60  ? 4.314   4.670   -10.562 1.00 6.66  ? 60   CYS A N   1 
ATOM   499  C  CA  . CYS A 1 60  ? 5.773   4.569   -10.539 1.00 7.14  ? 60   CYS A CA  1 
ATOM   500  C  C   . CYS A 1 60  ? 6.349   3.378   -11.302 1.00 6.59  ? 60   CYS A C   1 
ATOM   501  O  O   . CYS A 1 60  ? 7.494   3.443   -11.772 1.00 8.24  ? 60   CYS A O   1 
ATOM   502  C  CB  . CYS A 1 60  ? 6.249   4.532   -9.094  1.00 7.58  ? 60   CYS A CB  1 
ATOM   503  S  SG  . CYS A 1 60  ? 5.821   6.044   -8.222  1.00 9.90  ? 60   CYS A SG  1 
ATOM   504  N  N   . LEU A 1 61  ? 5.582   2.292   -11.396 1.00 6.81  ? 61   LEU A N   1 
ATOM   505  C  CA  . LEU A 1 61  ? 6.060   1.063   -12.027 1.00 6.19  ? 61   LEU A CA  1 
ATOM   506  C  C   . LEU A 1 61  ? 5.640   0.946   -13.478 1.00 6.88  ? 61   LEU A C   1 
ATOM   507  O  O   . LEU A 1 61  ? 4.619   1.505   -13.899 1.00 7.57  ? 61   LEU A O   1 
ATOM   508  C  CB  . LEU A 1 61  ? 5.552   -0.171  -11.277 1.00 6.25  ? 61   LEU A CB  1 
ATOM   509  C  CG  . LEU A 1 61  ? 5.913   -0.294  -9.810  1.00 6.02  ? 61   LEU A CG  1 
ATOM   510  C  CD1 . LEU A 1 61  ? 5.227   -1.492  -9.156  1.00 7.66  ? 61   LEU A CD1 1 
ATOM   511  C  CD2 . LEU A 1 61  ? 7.424   -0.398  -9.627  1.00 6.88  ? 61   LEU A CD2 1 
ATOM   512  N  N   . SER A 1 62  ? 6.434   0.210   -14.246 1.00 6.98  ? 62   SER A N   1 
ATOM   513  C  CA  . SER A 1 62  ? 6.042   -0.102  -15.609 1.00 7.11  ? 62   SER A CA  1 
ATOM   514  C  C   . SER A 1 62  ? 4.762   -0.901  -15.525 1.00 6.54  ? 62   SER A C   1 
ATOM   515  O  O   . SER A 1 62  ? 4.437   -1.475  -14.487 1.00 6.46  ? 62   SER A O   1 
ATOM   516  C  CB  . SER A 1 62  ? 7.119   -0.909  -16.335 1.00 7.94  ? 62   SER A CB  1 
ATOM   517  O  OG  . SER A 1 62  ? 7.245   -2.211  -15.766 1.00 9.38  ? 62   SER A OG  1 
ATOM   518  N  N   . GLY A 1 63  ? 4.025   -0.958  -16.621 1.00 6.36  ? 63   GLY A N   1 
ATOM   519  C  CA  . GLY A 1 63  ? 2.801   -1.741  -16.643 1.00 5.94  ? 63   GLY A CA  1 
ATOM   520  C  C   . GLY A 1 63  ? 3.039   -3.177  -16.224 1.00 5.23  ? 63   GLY A C   1 
ATOM   521  O  O   . GLY A 1 63  ? 2.223   -3.770  -15.518 1.00 5.74  ? 63   GLY A O   1 
ATOM   522  N  N   . GLY A 1 64  ? 4.141   -3.765  -16.683 1.00 5.66  ? 64   GLY A N   1 
ATOM   523  C  CA  . GLY A 1 64  ? 4.432   -5.159  -16.381 1.00 5.64  ? 64   GLY A CA  1 
ATOM   524  C  C   . GLY A 1 64  ? 4.753   -5.344  -14.911 1.00 5.04  ? 64   GLY A C   1 
ATOM   525  O  O   . GLY A 1 64  ? 4.250   -6.255  -14.259 1.00 5.70  ? 64   GLY A O   1 
ATOM   526  N  N   . ASP A 1 65  ? 5.601   -4.464  -14.391 1.00 5.42  ? 65   ASP A N   1 
ATOM   527  C  CA  . ASP A 1 65  ? 5.966   -4.529  -12.969 1.00 5.95  ? 65   ASP A CA  1 
ATOM   528  C  C   . ASP A 1 65  ? 4.762   -4.264  -12.067 1.00 5.80  ? 65   ASP A C   1 
ATOM   529  O  O   . ASP A 1 65  ? 4.656   -4.847  -10.987 1.00 5.43  ? 65   ASP A O   1 
ATOM   530  C  CB  . ASP A 1 65  ? 7.095   -3.555  -12.640 1.00 6.30  ? 65   ASP A CB  1 
ATOM   531  C  CG  . ASP A 1 65  ? 8.456   -4.072  -13.048 1.00 9.16  ? 65   ASP A CG  1 
ATOM   532  O  OD1 . ASP A 1 65  ? 8.562   -5.224  -13.541 1.00 9.26  ? 65   ASP A OD1 1 
ATOM   533  O  OD2 . ASP A 1 65  ? 9.426   -3.309  -12.865 1.00 13.21 ? 65   ASP A OD2 1 
ATOM   534  N  N   . TYR A 1 66  ? 3.850   -3.402  -12.513 1.00 5.18  ? 66   TYR A N   1 
ATOM   535  C  CA  . TYR A 1 66  ? 2.654   -3.133  -11.736 1.00 5.29  ? 66   TYR A CA  1 
ATOM   536  C  C   . TYR A 1 66  ? 1.860   -4.398  -11.457 1.00 4.97  ? 66   TYR A C   1 
ATOM   537  O  O   . TYR A 1 66  ? 1.465   -4.672  -10.322 1.00 5.59  ? 66   TYR A O   1 
ATOM   538  C  CB  . TYR A 1 66  ? 1.744   -2.075  -12.370 1.00 5.95  ? 66   TYR A CB  1 
ATOM   539  C  CG  . TYR A 1 66  ? 0.464   -1.983  -11.594 1.00 6.96  ? 66   TYR A CG  1 
ATOM   540  C  CD1 . TYR A 1 66  ? 0.463   -1.454  -10.307 1.00 7.36  ? 66   TYR A CD1 1 
ATOM   541  C  CD2 . TYR A 1 66  ? -0.724  -2.505  -12.098 1.00 7.98  ? 66   TYR A CD2 1 
ATOM   542  C  CE1 . TYR A 1 66  ? -0.698  -1.417  -9.559  1.00 9.03  ? 66   TYR A CE1 1 
ATOM   543  C  CE2 . TYR A 1 66  ? -1.879  -2.479  -11.359 1.00 8.15  ? 66   TYR A CE2 1 
ATOM   544  C  CZ  . TYR A 1 66  ? -1.863  -1.914  -10.093 1.00 9.24  ? 66   TYR A CZ  1 
ATOM   545  O  OH  . TYR A 1 66  ? -3.023  -1.885  -9.334  1.00 12.10 ? 66   TYR A OH  1 
ATOM   546  N  N   . LEU A 1 67  ? 1.635   -5.191  -12.508 1.00 4.39  ? 67   LEU A N   1 
ATOM   547  C  CA  . LEU A 1 67  ? 0.879   -6.447  -12.364 1.00 4.40  ? 67   LEU A CA  1 
ATOM   548  C  C   . LEU A 1 67  ? 1.615   -7.494  -11.530 1.00 4.52  ? 67   LEU A C   1 
ATOM   549  O  O   . LEU A 1 67  ? 0.982   -8.257  -10.793 1.00 5.74  ? 67   LEU A O   1 
ATOM   550  C  CB  . LEU A 1 67  ? 0.509   -7.025  -13.740 1.00 4.95  ? 67   LEU A CB  1 
ATOM   551  C  CG  . LEU A 1 67  ? -0.490  -6.155  -14.510 1.00 4.14  ? 67   LEU A CG  1 
ATOM   552  C  CD1 . LEU A 1 67  ? -0.843  -6.800  -15.870 1.00 6.39  ? 67   LEU A CD1 1 
ATOM   553  C  CD2 . LEU A 1 67  ? -1.759  -5.910  -13.696 1.00 6.93  ? 67   LEU A CD2 1 
ATOM   554  N  N   . LEU A 1 68  ? 2.947   -7.541  -11.622 1.00 5.74  ? 68   LEU A N   1 
ATOM   555  C  CA  . LEU A 1 68  ? 3.728   -8.409  -10.715 1.00 5.70  ? 68   LEU A CA  1 
ATOM   556  C  C   . LEU A 1 68  ? 3.579   -7.955  -9.263  1.00 5.52  ? 68   LEU A C   1 
ATOM   557  O  O   . LEU A 1 68  ? 3.390   -8.769  -8.368  1.00 6.32  ? 68   LEU A O   1 
ATOM   558  C  CB  . LEU A 1 68  ? 5.215   -8.417  -11.063 1.00 5.48  ? 68   LEU A CB  1 
ATOM   559  C  CG  . LEU A 1 68  ? 5.666   -9.053  -12.371 1.00 7.47  ? 68   LEU A CG  1 
ATOM   560  C  CD1 . LEU A 1 68  ? 7.187   -8.840  -12.545 1.00 6.24  ? 68   LEU A CD1 1 
ATOM   561  C  CD2 . LEU A 1 68  ? 5.298   -10.526 -12.455 1.00 10.24 ? 68   LEU A CD2 1 
ATOM   562  N  N   . TRP A 1 69  ? 3.641   -6.645  -9.048  1.00 5.45  ? 69   TRP A N   1 
ATOM   563  C  CA  . TRP A 1 69  ? 3.471   -6.080  -7.710  1.00 5.43  ? 69   TRP A CA  1 
ATOM   564  C  C   . TRP A 1 69  ? 2.081   -6.413  -7.165  1.00 6.13  ? 69   TRP A C   1 
ATOM   565  O  O   . TRP A 1 69  ? 1.929   -6.845  -6.012  1.00 6.82  ? 69   TRP A O   1 
ATOM   566  C  CB  . TRP A 1 69  ? 3.706   -4.558  -7.729  1.00 5.73  ? 69   TRP A CB  1 
ATOM   567  C  CG  . TRP A 1 69  ? 3.397   -3.971  -6.399  1.00 5.41  ? 69   TRP A CG  1 
ATOM   568  C  CD1 . TRP A 1 69  ? 4.217   -3.925  -5.309  1.00 5.64  ? 69   TRP A CD1 1 
ATOM   569  C  CD2 . TRP A 1 69  ? 2.142   -3.418  -5.982  1.00 6.67  ? 69   TRP A CD2 1 
ATOM   570  N  NE1 . TRP A 1 69  ? 3.554   -3.370  -4.241  1.00 5.88  ? 69   TRP A NE1 1 
ATOM   571  C  CE2 . TRP A 1 69  ? 2.283   -3.042  -4.629  1.00 4.18  ? 69   TRP A CE2 1 
ATOM   572  C  CE3 . TRP A 1 69  ? 0.920   -3.182  -6.623  1.00 7.34  ? 69   TRP A CE3 1 
ATOM   573  C  CZ2 . TRP A 1 69  ? 1.238   -2.472  -3.900  1.00 5.39  ? 69   TRP A CZ2 1 
ATOM   574  C  CZ3 . TRP A 1 69  ? -0.107  -2.594  -5.907  1.00 6.24  ? 69   TRP A CZ3 1 
ATOM   575  C  CH2 . TRP A 1 69  ? 0.055   -2.252  -4.559  1.00 6.40  ? 69   TRP A CH2 1 
ATOM   576  N  N   . LYS A 1 70  ? 1.065   -6.180  -7.989  1.00 5.95  ? 70   LYS A N   1 
ATOM   577  C  CA  . LYS A 1 70  ? -0.318  -6.285  -7.524  1.00 7.28  ? 70   LYS A CA  1 
ATOM   578  C  C   . LYS A 1 70  ? -0.629  -7.695  -7.110  1.00 6.95  ? 70   LYS A C   1 
ATOM   579  O  O   . LYS A 1 70  ? -1.284  -7.925  -6.081  1.00 7.43  ? 70   LYS A O   1 
ATOM   580  C  CB  . LYS A 1 70  ? -1.297  -5.825  -8.602  1.00 7.14  ? 70   LYS A CB  1 
ATOM   581  C  CG  . LYS A 1 70  ? -2.673  -5.500  -8.049  1.00 8.91  ? 70   LYS A CG  1 
ATOM   582  C  CD  . LYS A 1 70  ? -3.672  -5.261  -9.163  1.00 9.85  ? 70   LYS A CD  1 
ATOM   583  C  CE  . LYS A 1 70  ? -4.970  -4.729  -8.619  1.00 13.32 ? 70   LYS A CE  1 
ATOM   584  N  NZ  . LYS A 1 70  ? -6.048  -4.764  -9.640  1.00 13.12 ? 70   LYS A NZ  1 
ATOM   585  N  N   . SER A 1 71  ? -0.174  -8.646  -7.916  1.00 6.48  ? 71   SER A N   1 
ATOM   586  C  CA  . SER A 1 71  ? -0.417  -10.052 -7.630  1.00 7.08  ? 71   SER A CA  1 
ATOM   587  C  C   . SER A 1 71  ? 0.231   -10.462 -6.314  1.00 5.73  ? 71   SER A C   1 
ATOM   588  O  O   . SER A 1 71  ? -0.396  -11.120 -5.475  1.00 6.62  ? 71   SER A O   1 
ATOM   589  C  CB  . SER A 1 71  ? 0.115   -10.911 -8.753  1.00 7.53  ? 71   SER A CB  1 
ATOM   590  O  OG  . SER A 1 71  ? -0.184  -12.264 -8.512  1.00 12.04 ? 71   SER A OG  1 
ATOM   591  N  N   . GLU A 1 72  ? 1.478   -10.055 -6.107  1.00 6.42  ? 72   GLU A N   1 
ATOM   592  C  CA  . GLU A 1 72  ? 2.161   -10.383 -4.862  1.00 5.67  ? 72   GLU A CA  1 
ATOM   593  C  C   . GLU A 1 72  ? 1.559   -9.629  -3.672  1.00 5.78  ? 72   GLU A C   1 
ATOM   594  O  O   . GLU A 1 72  ? 1.465   -10.172 -2.578  1.00 6.44  ? 72   GLU A O   1 
ATOM   595  C  CB  . GLU A 1 72  ? 3.654   -10.091 -4.964  1.00 6.11  ? 72   GLU A CB  1 
ATOM   596  C  CG  . GLU A 1 72  ? 4.474   -10.607 -3.780  1.00 7.02  ? 72   GLU A CG  1 
ATOM   597  C  CD  . GLU A 1 72  ? 4.304   -12.096 -3.534  1.00 9.78  ? 72   GLU A CD  1 
ATOM   598  O  OE1 . GLU A 1 72  ? 4.334   -12.852 -4.524  1.00 10.60 ? 72   GLU A OE1 1 
ATOM   599  O  OE2 . GLU A 1 72  ? 4.179   -12.510 -2.360  1.00 10.37 ? 72   GLU A OE2 1 
ATOM   600  N  N   . PHE A 1 73  ? 1.118   -8.396  -3.885  1.00 5.37  ? 73   PHE A N   1 
ATOM   601  C  CA  . PHE A 1 73  ? 0.461   -7.631  -2.819  1.00 6.09  ? 73   PHE A CA  1 
ATOM   602  C  C   . PHE A 1 73  ? -0.776  -8.393  -2.331  1.00 6.31  ? 73   PHE A C   1 
ATOM   603  O  O   . PHE A 1 73  ? -0.992  -8.533  -1.125  1.00 6.43  ? 73   PHE A O   1 
ATOM   604  C  CB  . PHE A 1 73  ? 0.084   -6.242  -3.366  1.00 6.34  ? 73   PHE A CB  1 
ATOM   605  C  CG  . PHE A 1 73  ? -0.772  -5.411  -2.448  1.00 6.87  ? 73   PHE A CG  1 
ATOM   606  C  CD1 . PHE A 1 73  ? -0.331  -5.071  -1.177  1.00 7.88  ? 73   PHE A CD1 1 
ATOM   607  C  CD2 . PHE A 1 73  ? -2.001  -4.929  -2.870  1.00 6.26  ? 73   PHE A CD2 1 
ATOM   608  C  CE1 . PHE A 1 73  ? -1.101  -4.290  -0.324  1.00 6.58  ? 73   PHE A CE1 1 
ATOM   609  C  CE2 . PHE A 1 73  ? -2.776  -4.120  -2.000  1.00 6.45  ? 73   PHE A CE2 1 
ATOM   610  C  CZ  . PHE A 1 73  ? -2.311  -3.805  -0.742  1.00 7.96  ? 73   PHE A CZ  1 
ATOM   611  N  N   . PHE A 1 74  ? -1.575  -8.891  -3.269  1.00 6.67  ? 74   PHE A N   1 
ATOM   612  C  CA  . PHE A 1 74  ? -2.778  -9.650  -2.913  1.00 6.46  ? 74   PHE A CA  1 
ATOM   613  C  C   . PHE A 1 74  ? -2.394  -10.908 -2.140  1.00 6.54  ? 74   PHE A C   1 
ATOM   614  O  O   . PHE A 1 74  ? -3.030  -11.213 -1.143  1.00 6.45  ? 74   PHE A O   1 
ATOM   615  C  CB  . PHE A 1 74  ? -3.610  -9.998  -4.157  1.00 7.92  ? 74   PHE A CB  1 
ATOM   616  C  CG  . PHE A 1 74  ? -4.481  -8.866  -4.660  1.00 9.05  ? 74   PHE A CG  1 
ATOM   617  C  CD1 . PHE A 1 74  ? -4.173  -7.544  -4.405  1.00 9.43  ? 74   PHE A CD1 1 
ATOM   618  C  CD2 . PHE A 1 74  ? -5.614  -9.139  -5.412  1.00 11.87 ? 74   PHE A CD2 1 
ATOM   619  C  CE1 . PHE A 1 74  ? -4.988  -6.513  -4.888  1.00 10.11 ? 74   PHE A CE1 1 
ATOM   620  C  CE2 . PHE A 1 74  ? -6.416  -8.108  -5.889  1.00 11.11 ? 74   PHE A CE2 1 
ATOM   621  C  CZ  . PHE A 1 74  ? -6.101  -6.808  -5.622  1.00 10.20 ? 74   PHE A CZ  1 
ATOM   622  N  N   . GLU A 1 75  ? -1.361  -11.631 -2.585  1.00 6.13  ? 75   GLU A N   1 
ATOM   623  C  CA  A GLU A 1 75  ? -0.903  -12.827 -1.863  0.50 6.61  ? 75   GLU A CA  1 
ATOM   624  C  CA  B GLU A 1 75  ? -0.902  -12.827 -1.861  0.50 6.41  ? 75   GLU A CA  1 
ATOM   625  C  C   . GLU A 1 75  ? -0.461  -12.489 -0.441  1.00 5.93  ? 75   GLU A C   1 
ATOM   626  O  O   . GLU A 1 75  ? -0.818  -13.179 0.508   1.00 6.00  ? 75   GLU A O   1 
ATOM   627  C  CB  A GLU A 1 75  ? 0.234   -13.529 -2.607  0.50 6.56  ? 75   GLU A CB  1 
ATOM   628  C  CB  B GLU A 1 75  ? 0.242   -13.525 -2.600  0.50 6.74  ? 75   GLU A CB  1 
ATOM   629  C  CG  A GLU A 1 75  ? -0.222  -14.182 -3.895  0.50 8.45  ? 75   GLU A CG  1 
ATOM   630  C  CG  B GLU A 1 75  ? -0.188  -14.215 -3.876  0.50 9.38  ? 75   GLU A CG  1 
ATOM   631  C  CD  A GLU A 1 75  ? 0.775   -15.191 -4.449  0.50 8.86  ? 75   GLU A CD  1 
ATOM   632  C  CD  B GLU A 1 75  ? -1.142  -15.385 -3.649  0.50 12.10 ? 75   GLU A CD  1 
ATOM   633  O  OE1 A GLU A 1 75  ? 1.603   -15.722 -3.674  0.50 12.85 ? 75   GLU A OE1 1 
ATOM   634  O  OE1 B GLU A 1 75  ? -1.249  -15.889 -2.510  0.50 13.92 ? 75   GLU A OE1 1 
ATOM   635  O  OE2 A GLU A 1 75  ? 0.711   -15.469 -5.667  0.50 13.19 ? 75   GLU A OE2 1 
ATOM   636  O  OE2 B GLU A 1 75  ? -1.796  -15.800 -4.627  0.50 15.75 ? 75   GLU A OE2 1 
ATOM   637  N  N   . GLN A 1 76  ? 0.313   -11.423 -0.289  1.00 5.89  ? 76   GLN A N   1 
ATOM   638  C  CA  . GLN A 1 76  ? 0.759   -11.015 1.040   1.00 5.56  ? 76   GLN A CA  1 
ATOM   639  C  C   . GLN A 1 76  ? -0.437  -10.675 1.926   1.00 5.90  ? 76   GLN A C   1 
ATOM   640  O  O   . GLN A 1 76  ? -0.514  -11.075 3.086   1.00 6.72  ? 76   GLN A O   1 
ATOM   641  C  CB  . GLN A 1 76  ? 1.722   -9.833  0.938   1.00 6.16  ? 76   GLN A CB  1 
ATOM   642  C  CG  . GLN A 1 76  ? 3.042   -10.158 0.263   1.00 6.99  ? 76   GLN A CG  1 
ATOM   643  C  CD  . GLN A 1 76  ? 3.903   -11.080 1.078   1.00 8.84  ? 76   GLN A CD  1 
ATOM   644  O  OE1 . GLN A 1 76  ? 3.931   -11.013 2.315   1.00 10.65 ? 76   GLN A OE1 1 
ATOM   645  N  NE2 . GLN A 1 76  ? 4.616   -11.974 0.396   1.00 9.81  ? 76   GLN A NE2 1 
ATOM   646  N  N   . CYS A 1 77  ? -1.400  -9.954  1.369   1.00 4.92  ? 77   CYS A N   1 
ATOM   647  C  CA  . CYS A 1 77  ? -2.607  -9.622  2.120   1.00 5.14  ? 77   CYS A CA  1 
ATOM   648  C  C   . CYS A 1 77  ? -3.413  -10.859 2.530   1.00 5.64  ? 77   CYS A C   1 
ATOM   649  O  O   . CYS A 1 77  ? -3.991  -10.893 3.616   1.00 5.95  ? 77   CYS A O   1 
ATOM   650  C  CB  . CYS A 1 77  ? -3.481  -8.674  1.310   1.00 5.55  ? 77   CYS A CB  1 
ATOM   651  S  SG  . CYS A 1 77  ? -2.825  -6.985  1.218   1.00 7.07  ? 77   CYS A SG  1 
ATOM   652  N  N   . ALA A 1 78  ? -3.464  -11.860 1.657   1.00 6.21  ? 78   ALA A N   1 
ATOM   653  C  CA  . ALA A 1 78  ? -4.176  -13.102 1.963   1.00 6.21  ? 78   ALA A CA  1 
ATOM   654  C  C   . ALA A 1 78  ? -3.529  -13.782 3.175   1.00 6.05  ? 78   ALA A C   1 
ATOM   655  O  O   . ALA A 1 78  ? -4.216  -14.285 4.059   1.00 6.45  ? 78   ALA A O   1 
ATOM   656  C  CB  . ALA A 1 78  ? -4.172  -14.025 0.762   1.00 6.42  ? 78   ALA A CB  1 
ATOM   657  N  N   . ARG A 1 79  ? -2.204  -13.803 3.206   1.00 6.34  ? 79   ARG A N   1 
ATOM   658  C  CA  . ARG A 1 79  ? -1.473  -14.353 4.346   1.00 6.83  ? 79   ARG A CA  1 
ATOM   659  C  C   . ARG A 1 79  ? -1.820  -13.623 5.637   1.00 6.12  ? 79   ARG A C   1 
ATOM   660  O  O   . ARG A 1 79  ? -2.108  -14.242 6.661   1.00 5.62  ? 79   ARG A O   1 
ATOM   661  C  CB  A ARG A 1 79  ? 0.045   -14.309 4.127   0.50 6.50  ? 79   ARG A CB  1 
ATOM   662  C  CB  B ARG A 1 79  ? 0.031   -14.254 4.071   0.50 6.78  ? 79   ARG A CB  1 
ATOM   663  C  CG  A ARG A 1 79  ? 0.869   -14.707 5.379   0.50 7.16  ? 79   ARG A CG  1 
ATOM   664  C  CG  B ARG A 1 79  ? 0.938   -15.022 5.022   0.50 8.75  ? 79   ARG A CG  1 
ATOM   665  C  CD  A ARG A 1 79  ? 2.359   -14.484 5.191   0.50 7.69  ? 79   ARG A CD  1 
ATOM   666  C  CD  B ARG A 1 79  ? 2.400   -14.703 4.717   0.50 9.84  ? 79   ARG A CD  1 
ATOM   667  N  NE  A ARG A 1 79  ? 2.667   -13.096 4.856   0.50 7.39  ? 79   ARG A NE  1 
ATOM   668  N  NE  B ARG A 1 79  ? 3.232   -15.906 4.658   0.50 12.44 ? 79   ARG A NE  1 
ATOM   669  C  CZ  A ARG A 1 79  ? 2.850   -12.108 5.728   0.50 6.79  ? 79   ARG A CZ  1 
ATOM   670  C  CZ  B ARG A 1 79  ? 4.016   -16.349 5.640   0.50 13.15 ? 79   ARG A CZ  1 
ATOM   671  N  NH1 A ARG A 1 79  ? 2.763   -12.312 7.037   0.50 6.78  ? 79   ARG A NH1 1 
ATOM   672  N  NH1 B ARG A 1 79  ? 4.070   -15.717 6.801   0.50 15.78 ? 79   ARG A NH1 1 
ATOM   673  N  NH2 A ARG A 1 79  ? 3.117   -10.891 5.284   0.50 8.51  ? 79   ARG A NH2 1 
ATOM   674  N  NH2 B ARG A 1 79  ? 4.731   -17.455 5.464   0.50 12.91 ? 79   ARG A NH2 1 
ATOM   675  N  N   . ILE A 1 80  ? -1.781  -12.301 5.594   1.00 6.01  ? 80   ILE A N   1 
ATOM   676  C  CA  . ILE A 1 80  ? -2.029  -11.505 6.786   1.00 6.00  ? 80   ILE A CA  1 
ATOM   677  C  C   . ILE A 1 80  ? -3.487  -11.683 7.223   1.00 5.42  ? 80   ILE A C   1 
ATOM   678  O  O   . ILE A 1 80  ? -3.778  -11.794 8.405   1.00 5.74  ? 80   ILE A O   1 
ATOM   679  C  CB  . ILE A 1 80  ? -1.701  -10.020 6.535   1.00 6.34  ? 80   ILE A CB  1 
ATOM   680  C  CG1 . ILE A 1 80  ? -0.203  -9.841  6.292   1.00 7.22  ? 80   ILE A CG1 1 
ATOM   681  C  CG2 . ILE A 1 80  ? -2.145  -9.176  7.714   1.00 6.77  ? 80   ILE A CG2 1 
ATOM   682  C  CD1 . ILE A 1 80  ? 0.163   -8.451  5.746   1.00 7.69  ? 80   ILE A CD1 1 
ATOM   683  N  N   . ALA A 1 81  ? -4.398  -11.687 6.265   1.00 5.34  ? 81   ALA A N   1 
ATOM   684  C  CA  . ALA A 1 81  ? -5.821  -11.849 6.571   1.00 5.63  ? 81   ALA A CA  1 
ATOM   685  C  C   . ALA A 1 81  ? -6.089  -13.172 7.277   1.00 6.46  ? 81   ALA A C   1 
ATOM   686  O  O   . ALA A 1 81  ? -6.905  -13.243 8.200   1.00 6.11  ? 81   ALA A O   1 
ATOM   687  C  CB  . ALA A 1 81  ? -6.667  -11.753 5.290   1.00 6.22  ? 81   ALA A CB  1 
ATOM   688  N  N   . ASP A 1 82  ? -5.377  -14.220 6.870   1.00 6.79  ? 82   ASP A N   1 
ATOM   689  C  CA  . ASP A 1 82  ? -5.500  -15.530 7.512   1.00 7.61  ? 82   ASP A CA  1 
ATOM   690  C  C   . ASP A 1 82  ? -5.031  -15.480 8.972   1.00 7.21  ? 82   ASP A C   1 
ATOM   691  O  O   . ASP A 1 82  ? -5.666  -16.055 9.852   1.00 6.95  ? 82   ASP A O   1 
ATOM   692  C  CB  . ASP A 1 82  ? -4.724  -16.585 6.720   1.00 8.35  ? 82   ASP A CB  1 
ATOM   693  C  CG  . ASP A 1 82  ? -4.669  -17.925 7.414   1.00 13.20 ? 82   ASP A CG  1 
ATOM   694  O  OD1 . ASP A 1 82  ? -5.739  -18.501 7.697   1.00 18.54 ? 82   ASP A OD1 1 
ATOM   695  O  OD2 . ASP A 1 82  ? -3.548  -18.434 7.660   1.00 18.73 ? 82   ASP A OD2 1 
ATOM   696  N  N   . VAL A 1 83  ? -3.930  -14.780 9.233   1.00 6.43  ? 83   VAL A N   1 
ATOM   697  C  CA  . VAL A 1 83  ? -3.456  -14.598 10.605  1.00 6.49  ? 83   VAL A CA  1 
ATOM   698  C  C   . VAL A 1 83  ? -4.455  -13.789 11.424  1.00 6.30  ? 83   VAL A C   1 
ATOM   699  O  O   . VAL A 1 83  ? -4.804  -14.167 12.542  1.00 6.62  ? 83   VAL A O   1 
ATOM   700  C  CB  . VAL A 1 83  ? -2.078  -13.924 10.642  1.00 7.13  ? 83   VAL A CB  1 
ATOM   701  C  CG1 . VAL A 1 83  ? -1.648  -13.697 12.067  1.00 6.96  ? 83   VAL A CG1 1 
ATOM   702  C  CG2 . VAL A 1 83  ? -1.045  -14.778 9.893   1.00 8.48  ? 83   VAL A CG2 1 
ATOM   703  N  N   . ASN A 1 84  ? -4.952  -12.696 10.845  1.00 5.51  ? 84   ASN A N   1 
ATOM   704  C  CA  . ASN A 1 84  ? -5.954  -11.894 11.526  1.00 5.43  ? 84   ASN A CA  1 
ATOM   705  C  C   . ASN A 1 84  ? -7.164  -12.726 11.900  1.00 5.29  ? 84   ASN A C   1 
ATOM   706  O  O   . ASN A 1 84  ? -7.698  -12.606 13.008  1.00 5.04  ? 84   ASN A O   1 
ATOM   707  C  CB  . ASN A 1 84  ? -6.412  -10.728 10.657  1.00 5.69  ? 84   ASN A CB  1 
ATOM   708  C  CG  . ASN A 1 84  ? -5.364  -9.640  10.521  1.00 6.30  ? 84   ASN A CG  1 
ATOM   709  O  OD1 . ASN A 1 84  ? -4.388  -9.589  11.286  1.00 5.58  ? 84   ASN A OD1 1 
ATOM   710  N  ND2 . ASN A 1 84  ? -5.565  -8.753  9.543   1.00 5.52  ? 84   ASN A ND2 1 
ATOM   711  N  N   . ARG A 1 85  ? -7.619  -13.565 10.973  1.00 6.12  ? 85   ARG A N   1 
ATOM   712  C  CA  . ARG A 1 85  ? -8.772  -14.436 11.256  1.00 6.44  ? 85   ARG A CA  1 
ATOM   713  C  C   . ARG A 1 85  ? -8.503  -15.326 12.466  1.00 5.85  ? 85   ARG A C   1 
ATOM   714  O  O   . ARG A 1 85  ? -9.348  -15.447 13.368  1.00 5.38  ? 85   ARG A O   1 
ATOM   715  C  CB  . ARG A 1 85  ? -9.113  -15.308 10.047  1.00 6.34  ? 85   ARG A CB  1 
ATOM   716  C  CG  . ARG A 1 85  ? -10.439 -16.038 10.154  1.00 8.19  ? 85   ARG A CG  1 
ATOM   717  C  CD  . ARG A 1 85  ? -10.570 -17.016 9.008   1.00 9.60  ? 85   ARG A CD  1 
ATOM   718  N  NE  . ARG A 1 85  ? -11.919 -17.558 8.868   1.00 14.01 ? 85   ARG A NE  1 
ATOM   719  C  CZ  . ARG A 1 85  ? -12.455 -18.526 9.613   1.00 14.11 ? 85   ARG A CZ  1 
ATOM   720  N  NH1 . ARG A 1 85  ? -11.775 -19.119 10.604  1.00 16.70 ? 85   ARG A NH1 1 
ATOM   721  N  NH2 . ARG A 1 85  ? -13.702 -18.910 9.357   1.00 12.46 ? 85   ARG A NH2 1 
ATOM   722  N  N   . GLN A 1 86  ? -7.326  -15.944 12.490  1.00 6.17  ? 86   GLN A N   1 
ATOM   723  C  CA  . GLN A 1 86  ? -6.969  -16.858 13.588  1.00 6.81  ? 86   GLN A CA  1 
ATOM   724  C  C   . GLN A 1 86  ? -6.882  -16.129 14.919  1.00 6.81  ? 86   GLN A C   1 
ATOM   725  O  O   . GLN A 1 86  ? -7.208  -16.698 15.972  1.00 7.10  ? 86   GLN A O   1 
ATOM   726  C  CB  . GLN A 1 86  ? -5.631  -17.526 13.324  1.00 6.90  ? 86   GLN A CB  1 
ATOM   727  C  CG  . GLN A 1 86  ? -5.645  -18.509 12.177  1.00 7.91  ? 86   GLN A CG  1 
ATOM   728  C  CD  . GLN A 1 86  ? -4.274  -19.002 11.864  1.00 9.43  ? 86   GLN A CD  1 
ATOM   729  O  OE1 . GLN A 1 86  ? -3.686  -19.740 12.664  1.00 14.45 ? 86   GLN A OE1 1 
ATOM   730  N  NE2 . GLN A 1 86  ? -3.725  -18.590 10.709  1.00 11.47 ? 86   GLN A NE2 1 
ATOM   731  N  N   . GLN A 1 87  ? -6.441  -14.876 14.859  1.00 6.40  ? 87   GLN A N   1 
ATOM   732  C  CA  A GLN A 1 87  ? -6.250  -14.057 16.050  0.50 7.02  ? 87   GLN A CA  1 
ATOM   733  C  CA  B GLN A 1 87  ? -6.248  -14.056 16.051  0.50 7.01  ? 87   GLN A CA  1 
ATOM   734  C  C   . GLN A 1 87  ? -7.474  -13.243 16.454  1.00 6.78  ? 87   GLN A C   1 
ATOM   735  O  O   . GLN A 1 87  ? -7.442  -12.540 17.480  1.00 7.51  ? 87   GLN A O   1 
ATOM   736  C  CB  A GLN A 1 87  ? -5.067  -13.116 15.851  0.50 6.98  ? 87   GLN A CB  1 
ATOM   737  C  CB  B GLN A 1 87  ? -5.058  -13.113 15.854  0.50 7.18  ? 87   GLN A CB  1 
ATOM   738  C  CG  A GLN A 1 87  ? -3.746  -13.836 15.766  0.50 7.82  ? 87   GLN A CG  1 
ATOM   739  C  CG  B GLN A 1 87  ? -3.716  -13.818 15.755  0.50 8.58  ? 87   GLN A CG  1 
ATOM   740  C  CD  A GLN A 1 87  ? -2.575  -12.887 15.847  0.50 7.93  ? 87   GLN A CD  1 
ATOM   741  C  CD  B GLN A 1 87  ? -3.333  -14.532 17.039  0.50 10.33 ? 87   GLN A CD  1 
ATOM   742  O  OE1 A GLN A 1 87  ? -2.413  -12.008 14.999  0.50 11.00 ? 87   GLN A OE1 1 
ATOM   743  O  OE1 B GLN A 1 87  ? -3.796  -15.640 17.308  0.50 11.43 ? 87   GLN A OE1 1 
ATOM   744  N  NE2 A GLN A 1 87  ? -1.746  -13.060 16.871  0.50 9.47  ? 87   GLN A NE2 1 
ATOM   745  N  NE2 B GLN A 1 87  ? -2.478  -13.902 17.835  0.50 11.91 ? 87   GLN A NE2 1 
ATOM   746  N  N   . GLY A 1 88  ? -8.559  -13.333 15.676  1.00 6.06  ? 88   GLY A N   1 
ATOM   747  C  CA  . GLY A 1 88  ? -9.787  -12.597 15.993  1.00 5.89  ? 88   GLY A CA  1 
ATOM   748  C  C   . GLY A 1 88  ? -9.657  -11.100 15.790  1.00 6.05  ? 88   GLY A C   1 
ATOM   749  O  O   . GLY A 1 88  ? -10.353 -10.314 16.445  1.00 6.39  ? 88   GLY A O   1 
ATOM   750  N  N   . ILE A 1 89  ? -8.787  -10.709 14.863  1.00 6.20  ? 89   ILE A N   1 
ATOM   751  C  CA  . ILE A 1 89  ? -8.561  -9.300  14.559  1.00 6.48  ? 89   ILE A CA  1 
ATOM   752  C  C   . ILE A 1 89  ? -9.450  -8.942  13.367  1.00 6.89  ? 89   ILE A C   1 
ATOM   753  O  O   . ILE A 1 89  ? -9.413  -9.616  12.329  1.00 6.48  ? 89   ILE A O   1 
ATOM   754  C  CB  . ILE A 1 89  ? -7.082  -9.024  14.216  1.00 6.54  ? 89   ILE A CB  1 
ATOM   755  C  CG1 . ILE A 1 89  ? -6.185  -9.242  15.447  1.00 6.90  ? 89   ILE A CG1 1 
ATOM   756  C  CG2 . ILE A 1 89  ? -6.902  -7.614  13.647  1.00 7.33  ? 89   ILE A CG2 1 
ATOM   757  C  CD1 . ILE A 1 89  ? -4.727  -9.362  15.098  1.00 8.00  ? 89   ILE A CD1 1 
ATOM   758  N  N   . GLN A 1 90  ? -10.235 -7.880  13.518  1.00 7.19  ? 90   GLN A N   1 
ATOM   759  C  CA  . GLN A 1 90  ? -11.262 -7.561  12.526  1.00 7.89  ? 90   GLN A CA  1 
ATOM   760  C  C   . GLN A 1 90  ? -10.715 -6.704  11.389  1.00 6.75  ? 90   GLN A C   1 
ATOM   761  O  O   . GLN A 1 90  ? -11.123 -5.568  11.154  1.00 6.90  ? 90   GLN A O   1 
ATOM   762  C  CB  . GLN A 1 90  ? -12.511 -6.979  13.165  1.00 8.76  ? 90   GLN A CB  1 
ATOM   763  C  CG  . GLN A 1 90  ? -12.341 -5.693  13.892  1.00 9.94  ? 90   GLN A CG  1 
ATOM   764  C  CD  . GLN A 1 90  ? -13.681 -5.172  14.389  1.00 10.86 ? 90   GLN A CD  1 
ATOM   765  O  OE1 . GLN A 1 90  ? -13.874 -4.994  15.584  1.00 16.64 ? 90   GLN A OE1 1 
ATOM   766  N  NE2 . GLN A 1 90  ? -14.623 -4.975  13.471  1.00 13.29 ? 90   GLN A NE2 1 
ATOM   767  N  N   . THR A 1 91  ? -9.808  -7.310  10.650  1.00 5.75  ? 91   THR A N   1 
ATOM   768  C  CA  . THR A 1 91  ? -9.270  -6.736  9.433   1.00 5.57  ? 91   THR A CA  1 
ATOM   769  C  C   . THR A 1 91  ? -9.234  -7.872  8.419   1.00 6.42  ? 91   THR A C   1 
ATOM   770  O  O   . THR A 1 91  ? -8.506  -8.846  8.617   1.00 6.80  ? 91   THR A O   1 
ATOM   771  C  CB  . THR A 1 91  ? -7.865  -6.158  9.639   1.00 5.75  ? 91   THR A CB  1 
ATOM   772  O  OG1 . THR A 1 91  ? -7.932  -5.120  10.629  1.00 6.04  ? 91   THR A OG1 1 
ATOM   773  C  CG2 . THR A 1 91  ? -7.294  -5.630  8.314   1.00 6.72  ? 91   THR A CG2 1 
ATOM   774  N  N   . SER A 1 92  ? -10.024 -7.732  7.363   1.00 6.25  ? 92   SER A N   1 
ATOM   775  C  CA  . SER A 1 92  ? -10.226 -8.786  6.391   1.00 5.96  ? 92   SER A CA  1 
ATOM   776  C  C   . SER A 1 92  ? -9.354  -8.628  5.158   1.00 5.77  ? 92   SER A C   1 
ATOM   777  O  O   . SER A 1 92  ? -8.739  -7.585  4.916   1.00 5.63  ? 92   SER A O   1 
ATOM   778  C  CB  . SER A 1 92  ? -11.687 -8.778  5.947   1.00 5.77  ? 92   SER A CB  1 
ATOM   779  O  OG  . SER A 1 92  ? -11.938 -7.667  5.106   1.00 5.44  ? 92   SER A OG  1 
ATOM   780  N  N   . TYR A 1 93  ? -9.331  -9.685  4.361   1.00 6.25  ? 93   TYR A N   1 
ATOM   781  C  CA  . TYR A 1 93  ? -8.645  -9.671  3.084   1.00 6.00  ? 93   TYR A CA  1 
ATOM   782  C  C   . TYR A 1 93  ? -9.113  -8.531  2.164   1.00 5.96  ? 93   TYR A C   1 
ATOM   783  O  O   . TYR A 1 93  ? -8.292  -7.771  1.651   1.00 6.31  ? 93   TYR A O   1 
ATOM   784  C  CB  . TYR A 1 93  ? -8.865  -11.007 2.404   1.00 6.84  ? 93   TYR A CB  1 
ATOM   785  C  CG  . TYR A 1 93  ? -8.278  -11.112 1.027   1.00 6.79  ? 93   TYR A CG  1 
ATOM   786  C  CD1 . TYR A 1 93  ? -6.915  -11.052 0.831   1.00 7.69  ? 93   TYR A CD1 1 
ATOM   787  C  CD2 . TYR A 1 93  ? -9.095  -11.299 -0.083  1.00 8.90  ? 93   TYR A CD2 1 
ATOM   788  C  CE1 . TYR A 1 93  ? -6.372  -11.159 -0.429  1.00 6.91  ? 93   TYR A CE1 1 
ATOM   789  C  CE2 . TYR A 1 93  ? -8.560  -11.399 -1.355  1.00 9.02  ? 93   TYR A CE2 1 
ATOM   790  C  CZ  . TYR A 1 93  ? -7.196  -11.346 -1.521  1.00 9.54  ? 93   TYR A CZ  1 
ATOM   791  O  OH  . TYR A 1 93  ? -6.648  -11.460 -2.780  1.00 9.37  ? 93   TYR A OH  1 
ATOM   792  N  N   . GLU A 1 94  ? -10.420 -8.406  1.954   1.00 6.11  ? 94   GLU A N   1 
ATOM   793  C  CA  . GLU A 1 94  ? -10.926 -7.341  1.085   1.00 6.87  ? 94   GLU A CA  1 
ATOM   794  C  C   . GLU A 1 94  ? -10.628 -5.940  1.630   1.00 6.94  ? 94   GLU A C   1 
ATOM   795  O  O   . GLU A 1 94  ? -10.439 -4.994  0.865   1.00 7.04  ? 94   GLU A O   1 
ATOM   796  C  CB  . GLU A 1 94  ? -12.423 -7.548  0.822   1.00 6.67  ? 94   GLU A CB  1 
ATOM   797  C  CG  . GLU A 1 94  ? -12.690 -8.713  -0.124  1.00 7.95  ? 94   GLU A CG  1 
ATOM   798  C  CD  . GLU A 1 94  ? -14.144 -8.844  -0.521  1.00 9.14  ? 94   GLU A CD  1 
ATOM   799  O  OE1 . GLU A 1 94  ? -15.039 -8.609  0.323   1.00 9.71  ? 94   GLU A OE1 1 
ATOM   800  O  OE2 . GLU A 1 94  ? -14.386 -9.192  -1.693  1.00 15.15 ? 94   GLU A OE2 1 
HETATM 801  N  N   . MSE A 1 95  ? -10.547 -5.794  2.943   1.00 7.46  ? 95   MSE A N   1 
HETATM 802  C  CA  . MSE A 1 95  ? -10.111 -4.509  3.501   1.00 8.22  ? 95   MSE A CA  1 
HETATM 803  C  C   . MSE A 1 95  ? -8.648  -4.233  3.153   1.00 7.08  ? 95   MSE A C   1 
HETATM 804  O  O   . MSE A 1 95  ? -8.288  -3.144  2.704   1.00 6.97  ? 95   MSE A O   1 
HETATM 805  C  CB  . MSE A 1 95  ? -10.278 -4.483  5.005   1.00 8.16  ? 95   MSE A CB  1 
HETATM 806  C  CG  . MSE A 1 95  ? -11.715 -4.437  5.433   1.00 8.95  ? 95   MSE A CG  1 
HETATM 807  SE SE  . MSE A 1 95  ? -11.864 -4.570  7.383   1.00 15.64 ? 95   MSE A SE  1 
HETATM 808  C  CE  . MSE A 1 95  ? -13.599 -5.503  7.449   1.00 11.99 ? 95   MSE A CE  1 
ATOM   809  N  N   . LEU A 1 96  ? -7.796  -5.225  3.385   1.00 6.41  ? 96   LEU A N   1 
ATOM   810  C  CA  . LEU A 1 96  ? -6.365  -5.065  3.115   1.00 6.59  ? 96   LEU A CA  1 
ATOM   811  C  C   . LEU A 1 96  ? -6.047  -4.733  1.654   1.00 6.66  ? 96   LEU A C   1 
ATOM   812  O  O   . LEU A 1 96  ? -5.158  -3.924  1.379   1.00 6.47  ? 96   LEU A O   1 
ATOM   813  C  CB  . LEU A 1 96  ? -5.600  -6.303  3.541   1.00 7.01  ? 96   LEU A CB  1 
ATOM   814  C  CG  . LEU A 1 96  ? -5.520  -6.567  5.053   1.00 7.56  ? 96   LEU A CG  1 
ATOM   815  C  CD1 . LEU A 1 96  ? -5.013  -7.996  5.310   1.00 8.29  ? 96   LEU A CD1 1 
ATOM   816  C  CD2 . LEU A 1 96  ? -4.687  -5.509  5.804   1.00 9.87  ? 96   LEU A CD2 1 
ATOM   817  N  N   . ILE A 1 97  ? -6.737  -5.387  0.722   1.00 5.63  ? 97   ILE A N   1 
ATOM   818  C  CA  . ILE A 1 97  ? -6.481  -5.145  -0.701  1.00 5.81  ? 97   ILE A CA  1 
ATOM   819  C  C   . ILE A 1 97  ? -7.330  -4.024  -1.265  1.00 6.59  ? 97   ILE A C   1 
ATOM   820  O  O   . ILE A 1 97  ? -7.063  -3.551  -2.374  1.00 7.57  ? 97   ILE A O   1 
ATOM   821  C  CB  . ILE A 1 97  ? -6.640  -6.423  -1.577  1.00 5.17  ? 97   ILE A CB  1 
ATOM   822  C  CG1 . ILE A 1 97  ? -8.081  -6.953  -1.588  1.00 5.80  ? 97   ILE A CG1 1 
ATOM   823  C  CG2 . ILE A 1 97  ? -5.659  -7.509  -1.106  1.00 5.60  ? 97   ILE A CG2 1 
ATOM   824  C  CD1 . ILE A 1 97  ? -8.352  -8.066  -2.631  1.00 6.97  ? 97   ILE A CD1 1 
ATOM   825  N  N   . GLY A 1 98  ? -8.330  -3.582  -0.511  1.00 7.29  ? 98   GLY A N   1 
ATOM   826  C  CA  . GLY A 1 98  ? -9.190  -2.482  -0.945  1.00 7.62  ? 98   GLY A CA  1 
ATOM   827  C  C   . GLY A 1 98  ? -10.048 -2.876  -2.129  1.00 8.60  ? 98   GLY A C   1 
ATOM   828  O  O   . GLY A 1 98  ? -10.037 -2.215  -3.173  1.00 9.09  ? 98   GLY A O   1 
ATOM   829  N  N   . GLU A 1 99  ? -10.764 -3.988  -1.995  1.00 8.92  ? 99   GLU A N   1 
ATOM   830  C  CA  . GLU A 1 99  ? -11.648 -4.449  -3.065  1.00 9.62  ? 99   GLU A CA  1 
ATOM   831  C  C   . GLU A 1 99  ? -12.997 -4.877  -2.511  1.00 9.36  ? 99   GLU A C   1 
ATOM   832  O  O   . GLU A 1 99  ? -13.233 -4.811  -1.315  1.00 8.09  ? 99   GLU A O   1 
ATOM   833  C  CB  . GLU A 1 99  ? -10.995 -5.583  -3.860  1.00 10.59 ? 99   GLU A CB  1 
ATOM   834  C  CG  . GLU A 1 99  ? -9.658  -5.193  -4.542  1.00 13.00 ? 99   GLU A CG  1 
ATOM   835  C  CD  . GLU A 1 99  ? -9.775  -4.107  -5.626  1.00 16.68 ? 99   GLU A CD  1 
ATOM   836  O  OE1 . GLU A 1 99  ? -10.892 -3.852  -6.120  1.00 19.25 ? 99   GLU A OE1 1 
ATOM   837  O  OE2 . GLU A 1 99  ? -8.736  -3.503  -5.988  1.00 18.99 ? 99   GLU A OE2 1 
ATOM   838  N  N   . GLY A 1 100 ? -13.904 -5.276  -3.392  1.00 9.46  ? 100  GLY A N   1 
ATOM   839  C  CA  . GLY A 1 100 ? -15.218 -5.710  -2.937  1.00 9.32  ? 100  GLY A CA  1 
ATOM   840  C  C   . GLY A 1 100 ? -15.919 -4.508  -2.326  1.00 8.60  ? 100  GLY A C   1 
ATOM   841  O  O   . GLY A 1 100 ? -15.947 -3.446  -2.945  1.00 9.12  ? 100  GLY A O   1 
ATOM   842  N  N   . PRO A 1 101 ? -16.469 -4.651  -1.107  1.00 8.13  ? 101  PRO A N   1 
ATOM   843  C  CA  . PRO A 1 101 ? -17.120 -3.507  -0.455  1.00 8.31  ? 101  PRO A CA  1 
ATOM   844  C  C   . PRO A 1 101 ? -16.175 -2.372  -0.080  1.00 7.68  ? 101  PRO A C   1 
ATOM   845  O  O   . PRO A 1 101 ? -16.632 -1.286  0.256   1.00 8.64  ? 101  PRO A O   1 
ATOM   846  C  CB  . PRO A 1 101 ? -17.765 -4.116  0.808   1.00 8.76  ? 101  PRO A CB  1 
ATOM   847  C  CG  . PRO A 1 101 ? -17.601 -5.574  0.705   1.00 9.25  ? 101  PRO A CG  1 
ATOM   848  C  CD  . PRO A 1 101 ? -16.552 -5.875  -0.288  1.00 9.04  ? 101  PRO A CD  1 
ATOM   849  N  N   . TYR A 1 102 ? -14.875 -2.641  -0.141  1.00 7.54  ? 102  TYR A N   1 
ATOM   850  C  CA  . TYR A 1 102 ? -13.851 -1.680  0.257   1.00 7.21  ? 102  TYR A CA  1 
ATOM   851  C  C   . TYR A 1 102 ? -13.072 -1.103  -0.930  1.00 7.72  ? 102  TYR A C   1 
ATOM   852  O  O   . TYR A 1 102 ? -11.976 -0.606  -0.758  1.00 7.64  ? 102  TYR A O   1 
ATOM   853  C  CB  . TYR A 1 102 ? -12.906 -2.351  1.285   1.00 7.27  ? 102  TYR A CB  1 
ATOM   854  C  CG  . TYR A 1 102 ? -13.702 -2.935  2.443   1.00 5.61  ? 102  TYR A CG  1 
ATOM   855  C  CD1 . TYR A 1 102 ? -14.217 -2.112  3.440   1.00 6.08  ? 102  TYR A CD1 1 
ATOM   856  C  CD2 . TYR A 1 102 ? -14.038 -4.284  2.478   1.00 8.27  ? 102  TYR A CD2 1 
ATOM   857  C  CE1 . TYR A 1 102 ? -15.004 -2.622  4.462   1.00 6.38  ? 102  TYR A CE1 1 
ATOM   858  C  CE2 . TYR A 1 102 ? -14.830 -4.812  3.507   1.00 6.71  ? 102  TYR A CE2 1 
ATOM   859  C  CZ  . TYR A 1 102 ? -15.304 -3.978  4.499   1.00 6.97  ? 102  TYR A CZ  1 
ATOM   860  O  OH  . TYR A 1 102 ? -16.098 -4.478  5.508   1.00 7.73  ? 102  TYR A OH  1 
ATOM   861  N  N   . GLN A 1 103 ? -13.655 -1.147  -2.125  1.00 7.29  ? 103  GLN A N   1 
ATOM   862  C  CA  . GLN A 1 103 ? -12.961 -0.679  -3.324  1.00 8.10  ? 103  GLN A CA  1 
ATOM   863  C  C   . GLN A 1 103 ? -12.704 0.830   -3.313  1.00 7.01  ? 103  GLN A C   1 
ATOM   864  O  O   . GLN A 1 103 ? -11.637 1.267   -3.741  1.00 6.84  ? 103  GLN A O   1 
ATOM   865  C  CB  . GLN A 1 103 ? -13.759 -1.074  -4.566  1.00 8.59  ? 103  GLN A CB  1 
ATOM   866  C  CG  . GLN A 1 103 ? -13.057 -0.858  -5.891  1.00 11.35 ? 103  GLN A CG  1 
ATOM   867  C  CD  . GLN A 1 103 ? -13.976 -1.060  -7.079  1.00 12.91 ? 103  GLN A CD  1 
ATOM   868  O  OE1 . GLN A 1 103 ? -15.137 -1.470  -6.934  1.00 19.70 ? 103  GLN A OE1 1 
ATOM   869  N  NE2 . GLN A 1 103 ? -13.474 -0.738  -8.269  1.00 20.33 ? 103  GLN A NE2 1 
ATOM   870  N  N   . ALA A 1 104 ? -13.680 1.612   -2.866  1.00 6.99  ? 104  ALA A N   1 
ATOM   871  C  CA  . ALA A 1 104 ? -13.563 3.073   -2.892  1.00 6.95  ? 104  ALA A CA  1 
ATOM   872  C  C   . ALA A 1 104 ? -12.696 3.589   -1.747  1.00 6.83  ? 104  ALA A C   1 
ATOM   873  O  O   . ALA A 1 104 ? -12.756 3.108   -0.627  1.00 6.93  ? 104  ALA A O   1 
ATOM   874  C  CB  . ALA A 1 104 ? -14.946 3.734   -2.839  1.00 6.83  ? 104  ALA A CB  1 
ATOM   875  N  N   . THR A 1 105 ? -11.890 4.596   -2.039  1.00 7.52  ? 105  THR A N   1 
ATOM   876  C  CA  . THR A 1 105 ? -11.025 5.161   -1.014  1.00 7.54  ? 105  THR A CA  1 
ATOM   877  C  C   . THR A 1 105 ? -11.780 5.572   0.253   1.00 7.74  ? 105  THR A C   1 
ATOM   878  O  O   . THR A 1 105 ? -11.297 5.360   1.370   1.00 7.51  ? 105  THR A O   1 
ATOM   879  C  CB  . THR A 1 105 ? -10.268 6.379   -1.564  1.00 8.12  ? 105  THR A CB  1 
ATOM   880  O  OG1 . THR A 1 105 ? -9.500  5.969   -2.692  1.00 7.92  ? 105  THR A OG1 1 
ATOM   881  C  CG2 . THR A 1 105 ? -9.337  6.986   -0.511  1.00 9.55  ? 105  THR A CG2 1 
ATOM   882  N  N   . ASP A 1 106 ? -12.963 6.158   0.076   1.00 7.21  ? 106  ASP A N   1 
ATOM   883  C  CA  . ASP A 1 106 ? -13.775 6.630   1.201   1.00 7.71  ? 106  ASP A CA  1 
ATOM   884  C  C   . ASP A 1 106 ? -14.165 5.506   2.168   1.00 7.88  ? 106  ASP A C   1 
ATOM   885  O  O   . ASP A 1 106 ? -14.521 5.783   3.323   1.00 8.89  ? 106  ASP A O   1 
ATOM   886  C  CB  . ASP A 1 106 ? -15.064 7.312   0.707   1.00 7.85  ? 106  ASP A CB  1 
ATOM   887  C  CG  . ASP A 1 106 ? -14.838 8.701   0.146   1.00 11.26 ? 106  ASP A CG  1 
ATOM   888  O  OD1 . ASP A 1 106 ? -13.767 9.292   0.369   1.00 15.50 ? 106  ASP A OD1 1 
ATOM   889  O  OD2 . ASP A 1 106 ? -15.778 9.208   -0.504  1.00 15.04 ? 106  ASP A OD2 1 
ATOM   890  N  N   . THR A 1 107 ? -14.140 4.261   1.682   1.00 7.47  ? 107  THR A N   1 
ATOM   891  C  CA  . THR A 1 107 ? -14.460 3.091   2.512   1.00 7.43  ? 107  THR A CA  1 
ATOM   892  C  C   . THR A 1 107 ? -13.224 2.469   3.166   1.00 6.90  ? 107  THR A C   1 
ATOM   893  O  O   . THR A 1 107 ? -13.338 1.451   3.845   1.00 6.88  ? 107  THR A O   1 
ATOM   894  C  CB  . THR A 1 107 ? -15.177 1.981   1.699   1.00 8.19  ? 107  THR A CB  1 
ATOM   895  O  OG1 . THR A 1 107 ? -14.261 1.402   0.765   1.00 8.76  ? 107  THR A OG1 1 
ATOM   896  C  CG2 . THR A 1 107 ? -16.425 2.520   0.973   1.00 9.18  ? 107  THR A CG2 1 
ATOM   897  N  N   . GLN A 1 108 ? -12.050 3.075   2.938   1.00 6.02  ? 108  GLN A N   1 
ATOM   898  C  CA  . GLN A 1 108 ? -10.757 2.546   3.426   1.00 6.38  ? 108  GLN A CA  1 
ATOM   899  C  C   . GLN A 1 108 ? -10.150 3.337   4.588   1.00 6.72  ? 108  GLN A C   1 
ATOM   900  O  O   . GLN A 1 108 ? -8.980  3.127   4.940   1.00 7.12  ? 108  GLN A O   1 
ATOM   901  C  CB  . GLN A 1 108 ? -9.760  2.501   2.255   1.00 5.66  ? 108  GLN A CB  1 
ATOM   902  C  CG  . GLN A 1 108 ? -10.195 1.559   1.134   1.00 6.10  ? 108  GLN A CG  1 
ATOM   903  C  CD  . GLN A 1 108 ? -9.295  1.571   -0.079  1.00 6.91  ? 108  GLN A CD  1 
ATOM   904  O  OE1 . GLN A 1 108 ? -8.275  2.264   -0.117  1.00 6.29  ? 108  GLN A OE1 1 
ATOM   905  N  NE2 . GLN A 1 108 ? -9.679  0.798   -1.103  1.00 5.11  ? 108  GLN A NE2 1 
ATOM   906  N  N   . LEU A 1 109 ? -10.955 4.201   5.206   1.00 6.55  ? 109  LEU A N   1 
ATOM   907  C  CA  . LEU A 1 109 ? -10.436 5.199   6.143   1.00 6.72  ? 109  LEU A CA  1 
ATOM   908  C  C   . LEU A 1 109 ? -10.693 4.860   7.599   1.00 6.77  ? 109  LEU A C   1 
ATOM   909  O  O   . LEU A 1 109 ? -10.150 5.529   8.479   1.00 6.67  ? 109  LEU A O   1 
ATOM   910  C  CB  . LEU A 1 109 ? -11.051 6.578   5.863   1.00 7.51  ? 109  LEU A CB  1 
ATOM   911  C  CG  . LEU A 1 109 ? -11.001 7.028   4.406   1.00 6.20  ? 109  LEU A CG  1 
ATOM   912  C  CD1 . LEU A 1 109 ? -11.654 8.400   4.268   1.00 6.53  ? 109  LEU A CD1 1 
ATOM   913  C  CD2 . LEU A 1 109 ? -9.570  7.032   3.815   1.00 8.28  ? 109  LEU A CD2 1 
ATOM   914  N  N   . ASN A 1 110 ? -11.521 3.856   7.854   1.00 6.83  ? 110  ASN A N   1 
ATOM   915  C  CA  . ASN A 1 110 ? -11.935 3.540   9.215   1.00 7.14  ? 110  ASN A CA  1 
ATOM   916  C  C   . ASN A 1 110 ? -11.584 2.123   9.641   1.00 6.93  ? 110  ASN A C   1 
ATOM   917  O  O   . ASN A 1 110 ? -12.267 1.524   10.495  1.00 6.73  ? 110  ASN A O   1 
ATOM   918  C  CB  . ASN A 1 110 ? -13.420 3.797   9.365   1.00 6.89  ? 110  ASN A CB  1 
ATOM   919  C  CG  . ASN A 1 110 ? -13.735 5.261   9.394   1.00 7.58  ? 110  ASN A CG  1 
ATOM   920  O  OD1 . ASN A 1 110 ? -13.677 5.902   10.446  1.00 10.20 ? 110  ASN A OD1 1 
ATOM   921  N  ND2 . ASN A 1 110 ? -14.054 5.811   8.235   1.00 7.42  ? 110  ASN A ND2 1 
ATOM   922  N  N   . PHE A 1 111 ? -10.501 1.592   9.080   1.00 6.85  ? 111  PHE A N   1 
ATOM   923  C  CA  . PHE A 1 111 ? -9.996  0.306   9.553   1.00 6.95  ? 111  PHE A CA  1 
ATOM   924  C  C   . PHE A 1 111 ? -9.380  0.446   10.934  1.00 7.28  ? 111  PHE A C   1 
ATOM   925  O  O   . PHE A 1 111 ? -9.125  1.555   11.405  1.00 7.87  ? 111  PHE A O   1 
ATOM   926  C  CB  . PHE A 1 111 ? -8.917  -0.245  8.623   1.00 7.37  ? 111  PHE A CB  1 
ATOM   927  C  CG  . PHE A 1 111 ? -9.357  -0.451  7.187   1.00 7.61  ? 111  PHE A CG  1 
ATOM   928  C  CD1 . PHE A 1 111 ? -10.694 -0.653  6.816   1.00 6.95  ? 111  PHE A CD1 1 
ATOM   929  C  CD2 . PHE A 1 111 ? -8.397  -0.473  6.188   1.00 7.41  ? 111  PHE A CD2 1 
ATOM   930  C  CE1 . PHE A 1 111 ? -11.035 -0.866  5.466   1.00 7.94  ? 111  PHE A CE1 1 
ATOM   931  C  CE2 . PHE A 1 111 ? -8.743  -0.688  4.855   1.00 7.65  ? 111  PHE A CE2 1 
ATOM   932  C  CZ  . PHE A 1 111 ? -10.057 -0.878  4.508   1.00 7.24  ? 111  PHE A CZ  1 
ATOM   933  N  N   . LEU A 1 112 ? -9.132  -0.676  11.591  1.00 7.27  ? 112  LEU A N   1 
ATOM   934  C  CA  . LEU A 1 112 ? -8.370  -0.644  12.836  1.00 7.14  ? 112  LEU A CA  1 
ATOM   935  C  C   . LEU A 1 112 ? -7.056  0.091   12.594  1.00 6.83  ? 112  LEU A C   1 
ATOM   936  O  O   . LEU A 1 112 ? -6.476  0.004   11.509  1.00 7.25  ? 112  LEU A O   1 
ATOM   937  C  CB  . LEU A 1 112 ? -8.053  -2.054  13.320  1.00 7.07  ? 112  LEU A CB  1 
ATOM   938  C  CG  . LEU A 1 112 ? -9.213  -2.919  13.809  1.00 8.32  ? 112  LEU A CG  1 
ATOM   939  C  CD1 . LEU A 1 112 ? -8.728  -4.330  14.113  1.00 8.85  ? 112  LEU A CD1 1 
ATOM   940  C  CD2 . LEU A 1 112 ? -9.876  -2.325  15.029  1.00 9.73  ? 112  LEU A CD2 1 
ATOM   941  N  N   . PRO A 1 113 ? -6.554  0.802   13.610  1.00 7.93  ? 113  PRO A N   1 
ATOM   942  C  CA  . PRO A 1 113 ? -5.316  1.542   13.374  1.00 8.38  ? 113  PRO A CA  1 
ATOM   943  C  C   . PRO A 1 113 ? -4.175  0.667   12.861  1.00 8.34  ? 113  PRO A C   1 
ATOM   944  O  O   . PRO A 1 113 ? -3.413  1.106   12.003  1.00 9.43  ? 113  PRO A O   1 
ATOM   945  C  CB  . PRO A 1 113 ? -4.963  2.119   14.750  1.00 9.60  ? 113  PRO A CB  1 
ATOM   946  C  CG  . PRO A 1 113 ? -6.115  1.960   15.586  1.00 9.95  ? 113  PRO A CG  1 
ATOM   947  C  CD  . PRO A 1 113 ? -7.072  0.989   14.976  1.00 8.53  ? 113  PRO A CD  1 
ATOM   948  N  N   . GLY A 1 114 ? -4.071  -0.564  13.363  1.00 8.28  ? 114  GLY A N   1 
ATOM   949  C  CA  . GLY A 1 114 ? -3.031  -1.502  12.959  1.00 7.61  ? 114  GLY A CA  1 
ATOM   950  C  C   . GLY A 1 114 ? -3.132  -2.048  11.541  1.00 7.28  ? 114  GLY A C   1 
ATOM   951  O  O   . GLY A 1 114 ? -2.155  -2.588  11.032  1.00 7.71  ? 114  GLY A O   1 
ATOM   952  N  N   . ALA A 1 115 ? -4.297  -1.908  10.899  1.00 6.75  ? 115  ALA A N   1 
ATOM   953  C  CA  . ALA A 1 115 ? -4.488  -2.377  9.533   1.00 6.26  ? 115  ALA A CA  1 
ATOM   954  C  C   . ALA A 1 115 ? -3.535  -1.686  8.548   1.00 6.37  ? 115  ALA A C   1 
ATOM   955  O  O   . ALA A 1 115 ? -3.057  -2.290  7.609   1.00 6.55  ? 115  ALA A O   1 
ATOM   956  C  CB  . ALA A 1 115 ? -5.940  -2.155  9.109   1.00 6.18  ? 115  ALA A CB  1 
ATOM   957  N  N   . TYR A 1 116 ? -3.284  -0.402  8.764   1.00 6.52  ? 116  TYR A N   1 
ATOM   958  C  CA  . TYR A 1 116 ? -2.458  0.363   7.839   1.00 6.70  ? 116  TYR A CA  1 
ATOM   959  C  C   . TYR A 1 116 ? -1.000  -0.109  7.841   1.00 6.81  ? 116  TYR A C   1 
ATOM   960  O  O   . TYR A 1 116 ? -0.377  -0.182  6.779   1.00 6.84  ? 116  TYR A O   1 
ATOM   961  C  CB  . TYR A 1 116 ? -2.630  1.874   8.092   1.00 6.86  ? 116  TYR A CB  1 
ATOM   962  C  CG  . TYR A 1 116 ? -4.092  2.230   7.903   1.00 6.77  ? 116  TYR A CG  1 
ATOM   963  C  CD1 . TYR A 1 116 ? -4.643  2.362   6.639   1.00 5.61  ? 116  TYR A CD1 1 
ATOM   964  C  CD2 . TYR A 1 116 ? -4.945  2.342   8.995   1.00 5.68  ? 116  TYR A CD2 1 
ATOM   965  C  CE1 . TYR A 1 116 ? -5.980  2.608   6.467   1.00 6.12  ? 116  TYR A CE1 1 
ATOM   966  C  CE2 . TYR A 1 116 ? -6.299  2.594   8.823   1.00 5.06  ? 116  TYR A CE2 1 
ATOM   967  C  CZ  . TYR A 1 116 ? -6.816  2.743   7.572   1.00 6.21  ? 116  TYR A CZ  1 
ATOM   968  O  OH  . TYR A 1 116 ? -8.178  2.979   7.416   1.00 7.37  ? 116  TYR A OH  1 
ATOM   969  N  N   . ALA A 1 117 ? -0.479  -0.511  8.994   1.00 6.96  ? 117  ALA A N   1 
ATOM   970  C  CA  . ALA A 1 117 ? 0.863   -1.113  9.046   1.00 6.29  ? 117  ALA A CA  1 
ATOM   971  C  C   . ALA A 1 117 ? 0.893   -2.460  8.310   1.00 6.28  ? 117  ALA A C   1 
ATOM   972  O  O   . ALA A 1 117 ? 1.882   -2.801  7.685   1.00 6.22  ? 117  ALA A O   1 
ATOM   973  C  CB  . ALA A 1 117 ? 1.317   -1.272  10.476  1.00 7.15  ? 117  ALA A CB  1 
ATOM   974  N  N   . GLN A 1 118 ? -0.191  -3.231  8.395   1.00 6.05  ? 118  GLN A N   1 
ATOM   975  C  CA  . GLN A 1 118 ? -0.286  -4.498  7.678   1.00 5.83  ? 118  GLN A CA  1 
ATOM   976  C  C   . GLN A 1 118 ? -0.285  -4.266  6.177   1.00 5.97  ? 118  GLN A C   1 
ATOM   977  O  O   . GLN A 1 118 ? 0.419   -4.938  5.447   1.00 6.78  ? 118  GLN A O   1 
ATOM   978  C  CB  . GLN A 1 118 ? -1.533  -5.265  8.120   1.00 5.51  ? 118  GLN A CB  1 
ATOM   979  C  CG  . GLN A 1 118 ? -1.465  -5.647  9.589   1.00 6.28  ? 118  GLN A CG  1 
ATOM   980  C  CD  . GLN A 1 118 ? -2.598  -6.538  10.009  1.00 5.52  ? 118  GLN A CD  1 
ATOM   981  O  OE1 . GLN A 1 118 ? -3.750  -6.342  9.591   1.00 7.60  ? 118  GLN A OE1 1 
ATOM   982  N  NE2 . GLN A 1 118 ? -2.295  -7.518  10.856  1.00 8.14  ? 118  GLN A NE2 1 
ATOM   983  N  N   . ILE A 1 119 ? -1.078  -3.305  5.728   1.00 6.73  ? 119  ILE A N   1 
ATOM   984  C  CA  . ILE A 1 119 ? -1.128  -2.965  4.319   1.00 6.53  ? 119  ILE A CA  1 
ATOM   985  C  C   . ILE A 1 119 ? 0.255   -2.549  3.833   1.00 6.11  ? 119  ILE A C   1 
ATOM   986  O  O   . ILE A 1 119 ? 0.691   -2.967  2.751   1.00 5.95  ? 119  ILE A O   1 
ATOM   987  C  CB  . ILE A 1 119 ? -2.149  -1.825  4.046   1.00 6.00  ? 119  ILE A CB  1 
ATOM   988  C  CG1 . ILE A 1 119 ? -3.582  -2.313  4.288   1.00 7.06  ? 119  ILE A CG1 1 
ATOM   989  C  CG2 . ILE A 1 119 ? -1.993  -1.266  2.642   1.00 6.62  ? 119  ILE A CG2 1 
ATOM   990  C  CD1 . ILE A 1 119 ? -4.568  -1.200  4.576   1.00 7.51  ? 119  ILE A CD1 1 
ATOM   991  N  N   . SER A 1 120 ? 0.930   -1.729  4.635   1.00 6.15  ? 120  SER A N   1 
ATOM   992  C  CA  . SER A 1 120 ? 2.273   -1.257  4.301   1.00 5.31  ? 120  SER A CA  1 
ATOM   993  C  C   . SER A 1 120 ? 3.231   -2.451  4.175   1.00 5.86  ? 120  SER A C   1 
ATOM   994  O  O   . SER A 1 120 ? 4.044   -2.503  3.253   1.00 6.37  ? 120  SER A O   1 
ATOM   995  C  CB  . SER A 1 120 ? 2.752   -0.278  5.372   1.00 5.61  ? 120  SER A CB  1 
ATOM   996  O  OG  . SER A 1 120 ? 4.108   0.036   5.198   1.00 5.76  ? 120  SER A OG  1 
ATOM   997  N  N   . ASN A 1 121 ? 3.167   -3.386  5.108   1.00 6.39  ? 121  ASN A N   1 
ATOM   998  C  CA  . ASN A 1 121 ? 4.038   -4.565  5.066   1.00 7.27  ? 121  ASN A CA  1 
ATOM   999  C  C   . ASN A 1 121 ? 3.812   -5.359  3.785   1.00 6.33  ? 121  ASN A C   1 
ATOM   1000 O  O   . ASN A 1 121 ? 4.766   -5.746  3.114   1.00 6.32  ? 121  ASN A O   1 
ATOM   1001 C  CB  . ASN A 1 121 ? 3.815   -5.461  6.291   1.00 7.78  ? 121  ASN A CB  1 
ATOM   1002 C  CG  . ASN A 1 121 ? 4.587   -6.762  6.188   1.00 12.07 ? 121  ASN A CG  1 
ATOM   1003 O  OD1 . ASN A 1 121 ? 5.807   -6.761  6.186   1.00 18.41 ? 121  ASN A OD1 1 
ATOM   1004 N  ND2 . ASN A 1 121 ? 3.870   -7.876  6.089   1.00 18.15 ? 121  ASN A ND2 1 
ATOM   1005 N  N   . ALA A 1 122 ? 2.549   -5.620  3.450   1.00 5.64  ? 122  ALA A N   1 
ATOM   1006 C  CA  . ALA A 1 122 ? 2.224   -6.373  2.246   1.00 5.69  ? 122  ALA A CA  1 
ATOM   1007 C  C   . ALA A 1 122 ? 2.709   -5.656  0.989   1.00 6.17  ? 122  ALA A C   1 
ATOM   1008 O  O   . ALA A 1 122 ? 3.252   -6.284  0.072   1.00 6.35  ? 122  ALA A O   1 
ATOM   1009 C  CB  . ALA A 1 122 ? 0.715   -6.611  2.166   1.00 6.41  ? 122  ALA A CB  1 
ATOM   1010 N  N   . ALA A 1 123 ? 2.477   -4.347  0.937   1.00 6.02  ? 123  ALA A N   1 
ATOM   1011 C  CA  . ALA A 1 123 ? 2.853   -3.559  -0.226  1.00 5.87  ? 123  ALA A CA  1 
ATOM   1012 C  C   . ALA A 1 123 ? 4.363   -3.540  -0.433  1.00 5.21  ? 123  ALA A C   1 
ATOM   1013 O  O   . ALA A 1 123 ? 4.853   -3.657  -1.557  1.00 6.38  ? 123  ALA A O   1 
ATOM   1014 C  CB  . ALA A 1 123 ? 2.320   -2.130  -0.087  1.00 5.61  ? 123  ALA A CB  1 
ATOM   1015 N  N   . ARG A 1 124 ? 5.100   -3.388  0.666   1.00 4.88  ? 124  ARG A N   1 
ATOM   1016 C  CA  . ARG A 1 124 ? 6.556   -3.315  0.598   1.00 4.96  ? 124  ARG A CA  1 
ATOM   1017 C  C   . ARG A 1 124 ? 7.184   -4.676  0.337   1.00 5.15  ? 124  ARG A C   1 
ATOM   1018 O  O   . ARG A 1 124 ? 8.151   -4.772  -0.409  1.00 5.80  ? 124  ARG A O   1 
ATOM   1019 C  CB  . ARG A 1 124 ? 7.123   -2.685  1.863   1.00 5.33  ? 124  ARG A CB  1 
ATOM   1020 C  CG  . ARG A 1 124 ? 6.772   -1.203  1.927   1.00 6.05  ? 124  ARG A CG  1 
ATOM   1021 C  CD  . ARG A 1 124 ? 7.393   -0.517  3.104   1.00 6.63  ? 124  ARG A CD  1 
ATOM   1022 N  NE  . ARG A 1 124 ? 6.711   -0.935  4.311   1.00 6.39  ? 124  ARG A NE  1 
ATOM   1023 C  CZ  . ARG A 1 124 ? 7.234   -1.672  5.287   1.00 7.93  ? 124  ARG A CZ  1 
ATOM   1024 N  NH1 . ARG A 1 124 ? 8.492   -2.073  5.268   1.00 9.47  ? 124  ARG A NH1 1 
ATOM   1025 N  NH2 . ARG A 1 124 ? 6.490   -1.992  6.323   1.00 9.01  ? 124  ARG A NH2 1 
ATOM   1026 N  N   . GLN A 1 125 ? 6.629   -5.732  0.922   1.00 5.27  ? 125  GLN A N   1 
ATOM   1027 C  CA  . GLN A 1 125 ? 7.094   -7.076  0.595   1.00 5.80  ? 125  GLN A CA  1 
ATOM   1028 C  C   . GLN A 1 125 ? 6.925   -7.369  -0.887  1.00 5.34  ? 125  GLN A C   1 
ATOM   1029 O  O   . GLN A 1 125 ? 7.810   -7.953  -1.531  1.00 6.32  ? 125  GLN A O   1 
ATOM   1030 C  CB  . GLN A 1 125 ? 6.361   -8.124  1.426   1.00 5.79  ? 125  GLN A CB  1 
ATOM   1031 C  CG  . GLN A 1 125 ? 6.905   -8.200  2.837   1.00 6.29  ? 125  GLN A CG  1 
ATOM   1032 C  CD  . GLN A 1 125 ? 8.358   -8.667  2.825   1.00 8.71  ? 125  GLN A CD  1 
ATOM   1033 O  OE1 . GLN A 1 125 ? 9.300   -7.856  2.800   1.00 10.58 ? 125  GLN A OE1 1 
ATOM   1034 N  NE2 . GLN A 1 125 ? 8.548   -9.976  2.789   1.00 9.10  ? 125  GLN A NE2 1 
ATOM   1035 N  N   . ALA A 1 126 ? 5.781   -6.962  -1.430  1.00 4.57  ? 126  ALA A N   1 
ATOM   1036 C  CA  . ALA A 1 126 ? 5.502   -7.185  -2.850  1.00 4.63  ? 126  ALA A CA  1 
ATOM   1037 C  C   . ALA A 1 126 ? 6.469   -6.379  -3.722  1.00 5.29  ? 126  ALA A C   1 
ATOM   1038 O  O   . ALA A 1 126 ? 6.929   -6.861  -4.756  1.00 6.39  ? 126  ALA A O   1 
ATOM   1039 C  CB  . ALA A 1 126 ? 4.062   -6.821  -3.155  1.00 5.33  ? 126  ALA A CB  1 
ATOM   1040 N  N   . TRP A 1 127 ? 6.756   -5.145  -3.302  1.00 4.90  ? 127  TRP A N   1 
ATOM   1041 C  CA  . TRP A 1 127 ? 7.673   -4.272  -4.046  1.00 5.21  ? 127  TRP A CA  1 
ATOM   1042 C  C   . TRP A 1 127 ? 9.083   -4.875  -4.078  1.00 5.04  ? 127  TRP A C   1 
ATOM   1043 O  O   . TRP A 1 127 ? 9.793   -4.862  -5.100  1.00 5.08  ? 127  TRP A O   1 
ATOM   1044 C  CB  . TRP A 1 127 ? 7.687   -2.871  -3.406  1.00 5.41  ? 127  TRP A CB  1 
ATOM   1045 C  CG  . TRP A 1 127 ? 8.164   -1.776  -4.307  1.00 6.16  ? 127  TRP A CG  1 
ATOM   1046 C  CD1 . TRP A 1 127 ? 9.431   -1.556  -4.731  1.00 7.00  ? 127  TRP A CD1 1 
ATOM   1047 C  CD2 . TRP A 1 127 ? 7.359   -0.742  -4.886  1.00 5.11  ? 127  TRP A CD2 1 
ATOM   1048 N  NE1 . TRP A 1 127 ? 9.468   -0.440  -5.547  1.00 7.09  ? 127  TRP A NE1 1 
ATOM   1049 C  CE2 . TRP A 1 127 ? 8.212   0.073   -5.659  1.00 6.94  ? 127  TRP A CE2 1 
ATOM   1050 C  CE3 . TRP A 1 127 ? 5.999   -0.416  -4.811  1.00 7.29  ? 127  TRP A CE3 1 
ATOM   1051 C  CZ2 . TRP A 1 127 ? 7.733   1.192   -6.370  1.00 6.47  ? 127  TRP A CZ2 1 
ATOM   1052 C  CZ3 . TRP A 1 127 ? 5.542   0.696   -5.497  1.00 7.73  ? 127  TRP A CZ3 1 
ATOM   1053 C  CH2 . TRP A 1 127 ? 6.400   1.470   -6.264  1.00 7.04  ? 127  TRP A CH2 1 
ATOM   1054 N  N   . LYS A 1 128 ? 9.500   -5.414  -2.940  1.00 4.73  ? 128  LYS A N   1 
ATOM   1055 C  CA  . LYS A 1 128 ? 10.850  -5.941  -2.802  1.00 5.24  ? 128  LYS A CA  1 
ATOM   1056 C  C   . LYS A 1 128 ? 11.025  -7.248  -3.576  1.00 6.16  ? 128  LYS A C   1 
ATOM   1057 O  O   . LYS A 1 128 ? 12.149  -7.663  -3.821  1.00 6.95  ? 128  LYS A O   1 
ATOM   1058 C  CB  . LYS A 1 128 ? 11.201  -6.099  -1.321  1.00 5.15  ? 128  LYS A CB  1 
ATOM   1059 C  CG  . LYS A 1 128 ? 11.366  -4.767  -0.619  1.00 5.41  ? 128  LYS A CG  1 
ATOM   1060 C  CD  . LYS A 1 128 ? 11.473  -4.958  0.883   1.00 5.73  ? 128  LYS A CD  1 
ATOM   1061 C  CE  . LYS A 1 128 ? 11.412  -3.625  1.608   1.00 7.49  ? 128  LYS A CE  1 
ATOM   1062 N  NZ  . LYS A 1 128 ? 11.389  -3.814  3.082   1.00 7.57  ? 128  LYS A NZ  1 
ATOM   1063 N  N   . ARG A 1 129 ? 9.928   -7.896  -3.956  1.00 6.25  ? 129  ARG A N   1 
ATOM   1064 C  CA  . ARG A 1 129 ? 10.014  -9.104  -4.767  1.00 7.50  ? 129  ARG A CA  1 
ATOM   1065 C  C   . ARG A 1 129 ? 10.004  -8.840  -6.275  1.00 7.34  ? 129  ARG A C   1 
ATOM   1066 O  O   . ARG A 1 129 ? 10.075  -9.786  -7.071  1.00 7.57  ? 129  ARG A O   1 
ATOM   1067 C  CB  . ARG A 1 129 ? 8.926   -10.091 -4.369  1.00 8.30  ? 129  ARG A CB  1 
ATOM   1068 C  CG  . ARG A 1 129 ? 9.483   -11.524 -4.402  1.00 11.87 ? 129  ARG A CG  1 
ATOM   1069 C  CD  . ARG A 1 129 ? 8.711   -12.466 -3.591  1.00 13.04 ? 129  ARG A CD  1 
ATOM   1070 N  NE  . ARG A 1 129 ? 8.674   -12.089 -2.184  1.00 11.37 ? 129  ARG A NE  1 
ATOM   1071 C  CZ  . ARG A 1 129 ? 7.925   -12.738 -1.300  1.00 13.62 ? 129  ARG A CZ  1 
ATOM   1072 N  NH1 . ARG A 1 129 ? 7.194   -13.771 -1.694  1.00 13.12 ? 129  ARG A NH1 1 
ATOM   1073 N  NH2 . ARG A 1 129 ? 7.910   -12.373 -0.031  1.00 13.93 ? 129  ARG A NH2 1 
ATOM   1074 N  N   . LEU A 1 130 ? 9.960   -7.563  -6.673  1.00 7.07  ? 130  LEU A N   1 
ATOM   1075 C  CA  . LEU A 1 130 ? 10.067  -7.232  -8.100  1.00 6.74  ? 130  LEU A CA  1 
ATOM   1076 C  C   . LEU A 1 130 ? 11.456  -7.619  -8.591  1.00 7.65  ? 130  LEU A C   1 
ATOM   1077 O  O   . LEU A 1 130 ? 12.400  -7.597  -7.824  1.00 7.48  ? 130  LEU A O   1 
ATOM   1078 C  CB  . LEU A 1 130 ? 9.837   -5.739  -8.329  1.00 6.74  ? 130  LEU A CB  1 
ATOM   1079 C  CG  . LEU A 1 130 ? 8.401   -5.262  -8.120  1.00 6.60  ? 130  LEU A CG  1 
ATOM   1080 C  CD1 . LEU A 1 130 ? 8.329   -3.736  -8.133  1.00 7.72  ? 130  LEU A CD1 1 
ATOM   1081 C  CD2 . LEU A 1 130 ? 7.456   -5.898  -9.174  1.00 7.31  ? 130  LEU A CD2 1 
ATOM   1082 N  N   . PRO A 1 131 ? 11.587  -7.966  -9.879  1.00 9.40  ? 131  PRO A N   1 
ATOM   1083 C  CA  . PRO A 1 131 ? 12.889  -8.306  -10.419 1.00 10.58 ? 131  PRO A CA  1 
ATOM   1084 C  C   . PRO A 1 131 ? 13.724  -7.058  -10.687 1.00 11.74 ? 131  PRO A C   1 
ATOM   1085 O  O   . PRO A 1 131 ? 14.943  -7.172  -10.897 1.00 15.21 ? 131  PRO A O   1 
ATOM   1086 C  CB  . PRO A 1 131 ? 12.551  -9.030  -11.729 1.00 10.84 ? 131  PRO A CB  1 
ATOM   1087 C  CG  . PRO A 1 131 ? 11.197  -8.611  -12.095 1.00 10.52 ? 131  PRO A CG  1 
ATOM   1088 C  CD  . PRO A 1 131 ? 10.513  -8.057  -10.887 1.00 9.63  ? 131  PRO A CD  1 
HETATM 1089 O  O   . HOH B 2 .   ? -11.777 8.856   14.631  1.00 34.91 ? 2001 HOH A O   1 
HETATM 1090 O  O   . HOH B 2 .   ? -10.992 6.431   14.769  1.00 32.27 ? 2002 HOH A O   1 
HETATM 1091 O  O   . HOH B 2 .   ? -6.184  16.556  12.099  1.00 72.17 ? 2003 HOH A O   1 
HETATM 1092 O  O   . HOH B 2 .   ? -4.274  14.973  11.337  1.00 47.48 ? 2004 HOH A O   1 
HETATM 1093 O  O   . HOH B 2 .   ? -3.579  11.683  12.031  1.00 13.73 ? 2005 HOH A O   1 
HETATM 1094 O  O   . HOH B 2 .   ? -16.463 9.577   9.116   1.00 35.67 ? 2006 HOH A O   1 
HETATM 1095 O  O   . HOH B 2 .   ? -11.121 -3.154  18.655  1.00 36.78 ? 2007 HOH A O   1 
HETATM 1096 O  O   . HOH B 2 .   ? -9.270  18.434  9.906   1.00 32.73 ? 2008 HOH A O   1 
HETATM 1097 O  O   . HOH B 2 .   ? -11.735 10.962  16.074  1.00 36.85 ? 2009 HOH A O   1 
HETATM 1098 O  O   . HOH B 2 .   ? 1.387   11.792  4.005   1.00 24.62 ? 2010 HOH A O   1 
HETATM 1099 O  O   . HOH B 2 .   ? 3.598   -1.856  13.375  1.00 30.92 ? 2011 HOH A O   1 
HETATM 1100 O  O   . HOH B 2 .   ? 6.792   0.591   12.951  1.00 32.96 ? 2012 HOH A O   1 
HETATM 1101 O  O   . HOH B 2 .   ? -17.098 10.510  12.737  1.00 49.94 ? 2013 HOH A O   1 
HETATM 1102 O  O   . HOH B 2 .   ? -13.721 11.965  6.096   1.00 20.95 ? 2014 HOH A O   1 
HETATM 1103 O  O   . HOH B 2 .   ? -14.262 8.702   7.871   1.00 18.74 ? 2015 HOH A O   1 
HETATM 1104 O  O   . HOH B 2 .   ? 8.658   11.345  -13.964 1.00 47.09 ? 2016 HOH A O   1 
HETATM 1105 O  O   . HOH B 2 .   ? -8.349  -3.707  18.343  1.00 33.76 ? 2017 HOH A O   1 
HETATM 1106 O  O   . HOH B 2 .   ? -3.732  16.512  6.833   1.00 47.84 ? 2018 HOH A O   1 
HETATM 1107 O  O   . HOH B 2 .   ? 20.341  -3.814  -3.852  1.00 42.18 ? 2019 HOH A O   1 
HETATM 1108 O  O   . HOH B 2 .   ? 15.217  -4.675  -2.555  1.00 43.80 ? 2020 HOH A O   1 
HETATM 1109 O  O   . HOH B 2 .   ? 17.998  -1.750  -0.415  1.00 34.36 ? 2021 HOH A O   1 
HETATM 1110 O  O   . HOH B 2 .   ? 15.897  0.751   2.650   1.00 19.70 ? 2022 HOH A O   1 
HETATM 1111 O  O   . HOH B 2 .   ? -21.424 -10.823 1.437   1.00 47.43 ? 2023 HOH A O   1 
HETATM 1112 O  O   . HOH B 2 .   ? -3.506  10.562  -3.564  1.00 20.10 ? 2024 HOH A O   1 
HETATM 1113 O  O   . HOH B 2 .   ? -11.948 12.533  3.973   1.00 11.55 ? 2025 HOH A O   1 
HETATM 1114 O  O   . HOH B 2 .   ? -5.049  19.746  1.143   1.00 41.36 ? 2026 HOH A O   1 
HETATM 1115 O  O   . HOH B 2 .   ? 15.700  2.539   4.573   1.00 27.93 ? 2027 HOH A O   1 
HETATM 1116 O  O   . HOH B 2 .   ? -0.866  13.419  2.731   1.00 22.16 ? 2028 HOH A O   1 
HETATM 1117 O  O   . HOH B 2 .   ? -6.206  12.165  -4.384  1.00 46.85 ? 2029 HOH A O   1 
HETATM 1118 O  O   . HOH B 2 .   ? -7.799  14.530  -2.649  1.00 32.60 ? 2030 HOH A O   1 
HETATM 1119 O  O   . HOH B 2 .   ? 4.643   -0.043  11.861  1.00 32.64 ? 2031 HOH A O   1 
HETATM 1120 O  O   . HOH B 2 .   ? 7.235   2.963   11.092  1.00 30.07 ? 2032 HOH A O   1 
HETATM 1121 O  O   . HOH B 2 .   ? 3.451   10.560  -1.706  1.00 31.30 ? 2033 HOH A O   1 
HETATM 1122 O  O   . HOH B 2 .   ? 0.727   17.604  -2.965  1.00 23.26 ? 2034 HOH A O   1 
HETATM 1123 O  O   . HOH B 2 .   ? 4.295   17.950  -2.283  1.00 24.83 ? 2035 HOH A O   1 
HETATM 1124 O  O   . HOH B 2 .   ? 6.227   9.050   3.957   1.00 33.69 ? 2036 HOH A O   1 
HETATM 1125 O  O   . HOH B 2 .   ? 6.429   15.204  -0.651  1.00 37.60 ? 2037 HOH A O   1 
HETATM 1126 O  O   . HOH B 2 .   ? 3.568   9.893   3.198   1.00 32.26 ? 2038 HOH A O   1 
HETATM 1127 O  O   . HOH B 2 .   ? 0.283   8.262   -13.951 1.00 46.83 ? 2039 HOH A O   1 
HETATM 1128 O  O   . HOH B 2 .   ? 9.785   9.532   -2.215  1.00 22.75 ? 2040 HOH A O   1 
HETATM 1129 O  O   . HOH B 2 .   ? 14.095  10.679  -7.470  1.00 19.79 ? 2041 HOH A O   1 
HETATM 1130 O  O   . HOH B 2 .   ? 6.342   -9.610  -15.831 1.00 29.08 ? 2042 HOH A O   1 
HETATM 1131 O  O   . HOH B 2 .   ? 12.885  -8.315  -15.852 1.00 38.82 ? 2043 HOH A O   1 
HETATM 1132 O  O   . HOH B 2 .   ? -3.923  -11.571 -8.074  1.00 37.06 ? 2044 HOH A O   1 
HETATM 1133 O  O   . HOH B 2 .   ? 3.800   -13.479 -13.025 1.00 26.87 ? 2045 HOH A O   1 
HETATM 1134 O  O   . HOH B 2 .   ? 1.556   -16.173 -10.020 1.00 40.62 ? 2046 HOH A O   1 
HETATM 1135 O  O   . HOH B 2 .   ? 13.655  1.317   -14.389 1.00 31.98 ? 2047 HOH A O   1 
HETATM 1136 O  O   . HOH B 2 .   ? 10.865  1.264   -13.872 1.00 35.16 ? 2048 HOH A O   1 
HETATM 1137 O  O   . HOH B 2 .   ? -8.018  -14.856 0.744   1.00 38.38 ? 2049 HOH A O   1 
HETATM 1138 O  O   . HOH B 2 .   ? -8.739  -16.250 6.104   1.00 38.32 ? 2050 HOH A O   1 
HETATM 1139 O  O   . HOH B 2 .   ? 10.052  9.192   -14.508 1.00 30.85 ? 2051 HOH A O   1 
HETATM 1140 O  O   . HOH B 2 .   ? 13.386  2.131   -16.932 1.00 48.06 ? 2052 HOH A O   1 
HETATM 1141 O  O   . HOH B 2 .   ? 12.709  9.562   -15.607 1.00 24.11 ? 2053 HOH A O   1 
HETATM 1142 O  O   . HOH B 2 .   ? 18.562  2.036   -14.407 1.00 50.81 ? 2054 HOH A O   1 
HETATM 1143 O  O   . HOH B 2 .   ? 19.460  6.953   -16.161 1.00 14.29 ? 2055 HOH A O   1 
HETATM 1144 O  O   . HOH B 2 .   ? 16.625  10.965  -8.373  1.00 19.08 ? 2056 HOH A O   1 
HETATM 1145 O  O   . HOH B 2 .   ? -9.052  -20.065 13.793  1.00 31.81 ? 2057 HOH A O   1 
HETATM 1146 O  O   . HOH B 2 .   ? 0.210   -10.571 12.110  1.00 49.98 ? 2058 HOH A O   1 
HETATM 1147 O  O   . HOH B 2 .   ? -13.690 -9.848  19.633  1.00 31.26 ? 2059 HOH A O   1 
HETATM 1148 O  O   . HOH B 2 .   ? -15.793 -3.783  9.945   1.00 27.66 ? 2060 HOH A O   1 
HETATM 1149 O  O   . HOH B 2 .   ? -13.029 -1.617  12.990  1.00 48.77 ? 2061 HOH A O   1 
HETATM 1150 O  O   . HOH B 2 .   ? -7.982  -6.300  17.292  1.00 33.33 ? 2062 HOH A O   1 
HETATM 1151 O  O   . HOH B 2 .   ? -4.481  -4.773  14.133  1.00 19.42 ? 2063 HOH A O   1 
HETATM 1152 O  O   . HOH B 2 .   ? 18.483  -4.262  -6.888  1.00 48.21 ? 2064 HOH A O   1 
HETATM 1153 O  O   . HOH B 2 .   ? 17.927  -2.592  -3.049  1.00 24.91 ? 2065 HOH A O   1 
HETATM 1154 O  O   . HOH B 2 .   ? 14.967  -6.822  -7.286  1.00 21.27 ? 2066 HOH A O   1 
HETATM 1155 O  O   . HOH B 2 .   ? -10.633 -9.402  -5.345  1.00 43.18 ? 2067 HOH A O   1 
HETATM 1156 O  O   . HOH B 2 .   ? -19.854 -8.188  0.760   1.00 45.36 ? 2068 HOH A O   1 
HETATM 1157 O  O   . HOH B 2 .   ? 17.681  0.861   0.588   1.00 16.49 ? 2069 HOH A O   1 
HETATM 1158 O  O   . HOH B 2 .   ? -18.227 2.798   -1.975  1.00 25.20 ? 2070 HOH A O   1 
HETATM 1159 O  O   . HOH B 2 .   ? -14.275 -0.441  8.066   1.00 24.97 ? 2071 HOH A O   1 
HETATM 1160 O  O   . HOH B 2 .   ? -14.236 4.582   -6.001  1.00 44.15 ? 2072 HOH A O   1 
HETATM 1161 O  O   . HOH B 2 .   ? -17.655 5.213   -0.624  1.00 35.96 ? 2073 HOH A O   1 
HETATM 1162 O  O   . HOH B 2 .   ? -16.042 2.967   6.244   1.00 30.28 ? 2074 HOH A O   1 
HETATM 1163 O  O   . HOH B 2 .   ? -10.051 11.088  -2.736  1.00 41.52 ? 2075 HOH A O   1 
HETATM 1164 O  O   . HOH B 2 .   ? 14.185  4.926   4.347   1.00 22.84 ? 2076 HOH A O   1 
HETATM 1165 O  O   . HOH B 2 .   ? 9.109   8.403   0.142   1.00 20.66 ? 2077 HOH A O   1 
HETATM 1166 O  O   . HOH B 2 .   ? 11.506  -3.407  6.252   1.00 35.85 ? 2078 HOH A O   1 
HETATM 1167 O  O   . HOH B 2 .   ? 8.576   1.292   6.438   1.00 16.11 ? 2079 HOH A O   1 
HETATM 1168 O  O   . HOH B 2 .   ? -7.221  -1.765  17.250  1.00 30.45 ? 2080 HOH A O   1 
HETATM 1169 O  O   . HOH B 2 .   ? -5.659  -5.375  16.362  1.00 35.88 ? 2081 HOH A O   1 
HETATM 1170 O  O   . HOH B 2 .   ? -1.885  -5.216  14.395  1.00 28.71 ? 2082 HOH A O   1 
HETATM 1171 O  O   . HOH B 2 .   ? 1.606   -5.172  11.615  1.00 35.12 ? 2083 HOH A O   1 
HETATM 1172 O  O   . HOH B 2 .   ? 12.125  4.781   6.520   1.00 30.86 ? 2084 HOH A O   1 
HETATM 1173 O  O   . HOH B 2 .   ? 0.384   -11.634 10.009  1.00 35.50 ? 2085 HOH A O   1 
HETATM 1174 O  O   . HOH B 2 .   ? 4.032   0.966   8.872   1.00 23.86 ? 2086 HOH A O   1 
HETATM 1175 O  O   . HOH B 2 .   ? 7.051   1.152   8.816   1.00 21.59 ? 2087 HOH A O   1 
HETATM 1176 O  O   . HOH B 2 .   ? 4.850   4.668   11.340  1.00 21.70 ? 2088 HOH A O   1 
HETATM 1177 O  O   . HOH B 2 .   ? 2.018   2.235   8.102   1.00 28.07 ? 2089 HOH A O   1 
HETATM 1178 O  O   . HOH B 2 .   ? 2.453   2.861   4.079   1.00 14.37 ? 2090 HOH A O   1 
HETATM 1179 O  O   . HOH B 2 .   ? 1.034   10.590  6.357   1.00 21.45 ? 2091 HOH A O   1 
HETATM 1180 O  O   . HOH B 2 .   ? 4.614   12.582  7.329   1.00 38.78 ? 2092 HOH A O   1 
HETATM 1181 O  O   . HOH B 2 .   ? 7.303   -13.628 -11.040 1.00 38.03 ? 2093 HOH A O   1 
HETATM 1182 O  O   . HOH B 2 .   ? -0.968  8.671   7.360   1.00 17.00 ? 2094 HOH A O   1 
HETATM 1183 O  O   . HOH B 2 .   ? -0.246  1.656   4.622   1.00 11.44 ? 2095 HOH A O   1 
HETATM 1184 O  O   . HOH B 2 .   ? -6.399  5.426   -5.999  1.00 24.62 ? 2096 HOH A O   1 
HETATM 1185 O  O   . HOH B 2 .   ? -9.744  5.263   -6.164  1.00 45.76 ? 2097 HOH A O   1 
HETATM 1186 O  O   . HOH B 2 .   ? -3.118  12.051  -5.883  1.00 31.75 ? 2098 HOH A O   1 
HETATM 1187 O  O   . HOH B 2 .   ? -1.375  6.423   -10.211 1.00 20.38 ? 2099 HOH A O   1 
HETATM 1188 O  O   . HOH B 2 .   ? -1.035  9.183   -9.678  1.00 25.27 ? 2100 HOH A O   1 
HETATM 1189 O  O   . HOH B 2 .   ? -5.309  6.902   -3.956  1.00 16.86 ? 2101 HOH A O   1 
HETATM 1190 O  O   . HOH B 2 .   ? 1.712   1.153   -14.173 1.00 17.92 ? 2102 HOH A O   1 
HETATM 1191 O  O   . HOH B 2 .   ? -6.930  6.623   -11.439 1.00 73.20 ? 2103 HOH A O   1 
HETATM 1192 O  O   . HOH B 2 .   ? -0.719  6.303   -13.038 1.00 40.33 ? 2104 HOH A O   1 
HETATM 1193 O  O   . HOH B 2 .   ? -6.642  2.672   -6.308  1.00 26.43 ? 2105 HOH A O   1 
HETATM 1194 O  O   . HOH B 2 .   ? -6.237  7.383   -7.719  1.00 42.81 ? 2106 HOH A O   1 
HETATM 1195 O  O   . HOH B 2 .   ? 2.784   7.880   -13.762 1.00 38.42 ? 2107 HOH A O   1 
HETATM 1196 O  O   . HOH B 2 .   ? 8.701   5.387   -13.197 1.00 20.99 ? 2108 HOH A O   1 
HETATM 1197 O  O   . HOH B 2 .   ? 4.888   4.337   -14.841 1.00 28.72 ? 2109 HOH A O   1 
HETATM 1198 O  O   . HOH B 2 .   ? 9.680   -3.083  -16.297 1.00 41.21 ? 2110 HOH A O   1 
HETATM 1199 O  O   . HOH B 2 .   ? 4.815   0.883   -18.884 1.00 19.73 ? 2111 HOH A O   1 
HETATM 1200 O  O   . HOH B 2 .   ? -0.367  -2.831  -16.019 1.00 10.33 ? 2112 HOH A O   1 
HETATM 1201 O  O   . HOH B 2 .   ? 3.629   -8.525  -15.716 1.00 23.15 ? 2113 HOH A O   1 
HETATM 1202 O  O   . HOH B 2 .   ? 11.121  -5.718  -15.172 1.00 42.37 ? 2114 HOH A O   1 
HETATM 1203 O  O   . HOH B 2 .   ? 8.948   -0.768  -13.251 1.00 17.79 ? 2115 HOH A O   1 
HETATM 1204 O  O   . HOH B 2 .   ? 11.935  -3.908  -12.941 1.00 30.55 ? 2116 HOH A O   1 
HETATM 1205 O  O   . HOH B 2 .   ? 1.299   -10.858 -11.938 1.00 31.68 ? 2117 HOH A O   1 
HETATM 1206 O  O   . HOH B 2 .   ? 3.896   -11.489 -8.817  1.00 19.91 ? 2118 HOH A O   1 
HETATM 1207 O  O   . HOH B 2 .   ? -3.851  -9.005  -8.202  1.00 21.98 ? 2119 HOH A O   1 
HETATM 1208 O  O   . HOH B 2 .   ? -6.201  -8.031  -10.339 1.00 34.42 ? 2120 HOH A O   1 
HETATM 1209 O  O   . HOH B 2 .   ? 2.499   -12.700 -10.921 1.00 28.98 ? 2121 HOH A O   1 
HETATM 1210 O  O   . HOH B 2 .   ? -2.266  -13.078 -6.519  1.00 22.93 ? 2122 HOH A O   1 
HETATM 1211 O  O   . HOH B 2 .   ? 0.192   -14.009 -10.570 1.00 30.04 ? 2123 HOH A O   1 
HETATM 1212 O  O   . HOH B 2 .   ? 2.522   -13.299 -6.985  1.00 27.54 ? 2124 HOH A O   1 
HETATM 1213 O  O   . HOH B 2 .   ? 3.665   -14.876 -1.500  1.00 31.10 ? 2125 HOH A O   1 
HETATM 1214 O  O   . HOH B 2 .   ? 6.733   -11.731 -6.863  1.00 42.88 ? 2126 HOH A O   1 
HETATM 1215 O  O   . HOH B 2 .   ? 6.617   -14.985 -4.521  1.00 41.52 ? 2127 HOH A O   1 
HETATM 1216 O  O   . HOH B 2 .   ? -0.973  -15.989 0.371   1.00 27.00 ? 2128 HOH A O   1 
HETATM 1217 O  O   . HOH B 2 .   ? 6.281   -11.617 3.775   1.00 20.17 ? 2129 HOH A O   1 
HETATM 1218 O  O   . HOH B 2 .   ? -6.798  -14.869 3.522   1.00 29.70 ? 2130 HOH A O   1 
HETATM 1219 O  O   . HOH B 2 .   ? 2.655   -15.013 8.776   1.00 28.31 ? 2131 HOH A O   1 
HETATM 1220 O  O   . HOH B 2 .   ? 2.504   -18.705 6.019   1.00 31.95 ? 2132 HOH A O   1 
HETATM 1221 O  O   . HOH B 2 .   ? 6.330   -19.382 3.747   1.00 41.43 ? 2133 HOH A O   1 
HETATM 1222 O  O   . HOH B 2 .   ? -9.200  -11.674 8.214   1.00 14.49 ? 2134 HOH A O   1 
HETATM 1223 O  O   . HOH B 2 .   ? -1.490  -18.150 4.687   1.00 27.36 ? 2135 HOH A O   1 
HETATM 1224 O  O   . HOH B 2 .   ? -7.937  -19.115 9.089   1.00 47.52 ? 2136 HOH A O   1 
HETATM 1225 O  O   . HOH B 2 .   ? -1.147  -16.932 7.176   1.00 21.52 ? 2137 HOH A O   1 
HETATM 1226 O  O   . HOH B 2 .   ? -11.680 -14.084 13.350  1.00 11.07 ? 2138 HOH A O   1 
HETATM 1227 O  O   . HOH B 2 .   ? -16.394 -19.818 9.111   1.00 16.27 ? 2139 HOH A O   1 
HETATM 1228 O  O   . HOH B 2 .   ? -8.572  -15.931 18.421  1.00 33.52 ? 2140 HOH A O   1 
HETATM 1229 O  O   . HOH B 2 .   ? -4.674  -20.850 14.921  1.00 40.96 ? 2141 HOH A O   1 
HETATM 1230 O  O   . HOH B 2 .   ? -7.790  -19.293 16.244  1.00 27.08 ? 2142 HOH A O   1 
HETATM 1231 O  O   . HOH B 2 .   ? -2.351  -10.481 12.830  1.00 24.08 ? 2143 HOH A O   1 
HETATM 1232 O  O   . HOH B 2 .   ? -12.023 -11.429 18.376  1.00 26.88 ? 2144 HOH A O   1 
HETATM 1233 O  O   . HOH B 2 .   ? -11.172 -11.717 12.075  1.00 15.31 ? 2145 HOH A O   1 
HETATM 1234 O  O   . HOH B 2 .   ? -10.299 -7.062  16.191  1.00 24.36 ? 2146 HOH A O   1 
HETATM 1235 O  O   . HOH B 2 .   ? -13.317 -3.762  11.064  1.00 41.08 ? 2147 HOH A O   1 
HETATM 1236 O  O   . HOH B 2 .   ? -9.740  -3.129  10.275  1.00 13.83 ? 2148 HOH A O   1 
HETATM 1237 O  O   . HOH B 2 .   ? -5.388  -4.961  11.462  1.00 12.56 ? 2149 HOH A O   1 
HETATM 1238 O  O   . HOH B 2 .   ? -8.265  -11.577 -4.784  1.00 26.41 ? 2150 HOH A O   1 
HETATM 1239 O  O   . HOH B 2 .   ? -10.664 -12.008 5.501   1.00 16.63 ? 2151 HOH A O   1 
HETATM 1240 O  O   . HOH B 2 .   ? -4.683  -13.425 -2.851  1.00 36.94 ? 2152 HOH A O   1 
HETATM 1241 O  O   . HOH B 2 .   ? -16.947 -8.887  -2.940  1.00 43.70 ? 2153 HOH A O   1 
HETATM 1242 O  O   . HOH B 2 .   ? -17.516 -9.372  -0.334  1.00 38.69 ? 2154 HOH A O   1 
HETATM 1243 O  O   . HOH B 2 .   ? -12.703 -8.955  -3.858  1.00 40.16 ? 2155 HOH A O   1 
HETATM 1244 O  O   . HOH B 2 .   ? -13.312 -4.536  -6.355  1.00 25.43 ? 2156 HOH A O   1 
HETATM 1245 O  O   . HOH B 2 .   ? -7.996  -3.115  -8.560  1.00 34.61 ? 2157 HOH A O   1 
HETATM 1246 O  O   . HOH B 2 .   ? -17.549 -1.281  -3.411  1.00 33.10 ? 2158 HOH A O   1 
HETATM 1247 O  O   . HOH B 2 .   ? -17.911 -0.664  2.847   1.00 38.24 ? 2159 HOH A O   1 
HETATM 1248 O  O   . HOH B 2 .   ? -16.390 0.720   -1.954  1.00 15.72 ? 2160 HOH A O   1 
HETATM 1249 O  O   . HOH B 2 .   ? -19.306 -0.599  0.527   1.00 34.52 ? 2161 HOH A O   1 
HETATM 1250 O  O   . HOH B 2 .   ? -18.547 -5.227  4.140   1.00 22.86 ? 2162 HOH A O   1 
HETATM 1251 O  O   . HOH B 2 .   ? -16.470 -2.780  7.571   1.00 21.37 ? 2163 HOH A O   1 
HETATM 1252 O  O   . HOH B 2 .   ? -9.848  -0.175  -5.570  1.00 27.08 ? 2164 HOH A O   1 
HETATM 1253 O  O   . HOH B 2 .   ? -14.436 -0.126  -10.741 1.00 40.70 ? 2165 HOH A O   1 
HETATM 1254 O  O   . HOH B 2 .   ? -14.337 2.036   -6.318  1.00 43.31 ? 2166 HOH A O   1 
HETATM 1255 O  O   . HOH B 2 .   ? -12.177 5.700   -4.698  1.00 23.60 ? 2167 HOH A O   1 
HETATM 1256 O  O   . HOH B 2 .   ? -7.950  7.730   -3.905  1.00 23.17 ? 2168 HOH A O   1 
HETATM 1257 O  O   . HOH B 2 .   ? -18.121 8.090   -1.319  1.00 34.54 ? 2169 HOH A O   1 
HETATM 1258 O  O   . HOH B 2 .   ? -15.124 8.049   5.059   1.00 28.54 ? 2170 HOH A O   1 
HETATM 1259 O  O   . HOH B 2 .   ? -17.592 4.650   4.346   1.00 38.91 ? 2171 HOH A O   1 
HETATM 1260 O  O   . HOH B 2 .   ? -17.375 9.895   2.287   1.00 38.06 ? 2172 HOH A O   1 
HETATM 1261 O  O   . HOH B 2 .   ? -12.094 9.661   -1.942  1.00 32.79 ? 2173 HOH A O   1 
HETATM 1262 O  O   . HOH B 2 .   ? -13.911 4.491   5.660   1.00 15.25 ? 2174 HOH A O   1 
HETATM 1263 O  O   . HOH B 2 .   ? -14.795 10.139  3.675   1.00 33.48 ? 2175 HOH A O   1 
HETATM 1264 O  O   . HOH B 2 .   ? -16.752 7.042   -3.166  1.00 38.39 ? 2176 HOH A O   1 
HETATM 1265 O  O   . HOH B 2 .   ? -13.970 7.188   -2.498  1.00 17.03 ? 2177 HOH A O   1 
HETATM 1266 O  O   . HOH B 2 .   ? -15.884 0.712   4.939   1.00 34.29 ? 2178 HOH A O   1 
HETATM 1267 O  O   . HOH B 2 .   ? -13.170 1.660   6.586   1.00 15.86 ? 2179 HOH A O   1 
HETATM 1268 O  O   . HOH B 2 .   ? -14.247 8.362   11.319  1.00 20.20 ? 2180 HOH A O   1 
HETATM 1269 O  O   . HOH B 2 .   ? -12.431 4.625   12.864  1.00 30.82 ? 2181 HOH A O   1 
HETATM 1270 O  O   . HOH B 2 .   ? -15.610 3.752   12.160  1.00 56.23 ? 2182 HOH A O   1 
HETATM 1271 O  O   . HOH B 2 .   ? -0.729  1.113   11.847  1.00 29.93 ? 2183 HOH A O   1 
HETATM 1272 O  O   . HOH B 2 .   ? -0.336  -3.703  12.679  1.00 16.25 ? 2184 HOH A O   1 
HETATM 1273 O  O   . HOH B 2 .   ? -5.222  -2.111  15.588  1.00 20.07 ? 2185 HOH A O   1 
HETATM 1274 O  O   . HOH B 2 .   ? 4.282   -2.002  8.287   1.00 16.54 ? 2186 HOH A O   1 
HETATM 1275 O  O   . HOH B 2 .   ? 0.369   -8.189  11.198  1.00 28.61 ? 2187 HOH A O   1 
HETATM 1276 O  O   . HOH B 2 .   ? -1.550  -8.121  14.255  1.00 42.69 ? 2188 HOH A O   1 
HETATM 1277 O  O   . HOH B 2 .   ? 1.831   -7.333  8.784   1.00 26.19 ? 2189 HOH A O   1 
HETATM 1278 O  O   . HOH B 2 .   ? 7.799   -5.458  5.567   1.00 42.35 ? 2190 HOH A O   1 
HETATM 1279 O  O   . HOH B 2 .   ? 8.388   -4.317  7.949   1.00 40.15 ? 2191 HOH A O   1 
HETATM 1280 O  O   . HOH B 2 .   ? 9.601   -9.885  -0.644  1.00 15.12 ? 2192 HOH A O   1 
HETATM 1281 O  O   . HOH B 2 .   ? 12.036  -8.315  2.448   1.00 17.86 ? 2193 HOH A O   1 
HETATM 1282 O  O   . HOH B 2 .   ? 9.125   -5.262  3.513   1.00 18.03 ? 2194 HOH A O   1 
HETATM 1283 O  O   . HOH B 2 .   ? 6.171   -8.511  -6.836  1.00 19.56 ? 2195 HOH A O   1 
HETATM 1284 O  O   . HOH B 2 .   ? 14.760  -6.593  -4.213  1.00 39.29 ? 2196 HOH A O   1 
HETATM 1285 O  O   . HOH B 2 .   ? 11.938  -11.420 -8.069  1.00 26.71 ? 2197 HOH A O   1 
HETATM 1286 O  O   . HOH B 2 .   ? 7.968   -10.117 -8.787  1.00 27.93 ? 2198 HOH A O   1 
HETATM 1287 O  O   . HOH B 2 .   ? 6.257   -16.402 -0.767  1.00 43.85 ? 2199 HOH A O   1 
HETATM 1288 O  O   . HOH B 2 .   ? 17.411  -6.196  -10.268 1.00 40.93 ? 2200 HOH A O   1 
HETATM 1289 O  O   . HOH B 2 .   ? 17.061  -8.228  -11.868 1.00 48.80 ? 2201 HOH A O   1 
# 
